data_3S4B
#
_entry.id   3S4B
#
_cell.length_a   85.417
_cell.length_b   102.740
_cell.length_c   98.305
_cell.angle_alpha   90.000
_cell.angle_beta   96.440
_cell.angle_gamma   90.000
#
_symmetry.space_group_name_H-M   'P 1 21 1'
#
loop_
_entity.id
_entity.type
_entity.pdbx_description
1 polymer 'Cellobiose phosphorylase'
2 non-polymer alpha-D-glucopyranose
3 water water
#
_entity_poly.entity_id   1
_entity_poly.type   'polypeptide(L)'
_entity_poly.pdbx_seq_one_letter_code
;MRYGHFDDEAREYVITTPHTPYPWINYLGSEQFFSLLSHQAGGYSFYRDAKMRRLTRYRYNNIPADAGGRYLYVNDGGDV
WTPSWLPVKADLDHFEARHGLGYSTITGERNGVRVETLFFVPVGENAEVQKVTVTNTSDSYKSLTLFSFVEFCLWNAQDD
QTNYQRNLSIGEVEVEQESPHGSAIYHRTEYRERRDHYAVFAVNTQAEGFDTDRDTFVGAYNSLGEAAVPLKGESANSVA
SGWYPIGSHSVAVSLAPGESRELVYVLGYVENPDEEKWADDAKQVVNKERAHALLSRFATSEQTDAAFAALKDYWTDLLS
TYSVSSNDEKLDRMVNIWNQYQCMVTFNMSRSASFFETGIGRGMGFRDSNQDLLGFVHLIPERARERIIDIASTQFADGS
AYHQYQPLTKRGNNDIGSGFNDDPLWLIAGTAAYIKETGDFSILDEPVPFDNEPGSEVPLFEHLTRSFEFTVTHRGPHGL
PLIGRADWNDCLNLNCFSTTPGESFQTTENQAGGVAESTFIAAQFVLYGEQYAELAARRGLADVADRARGHVAEMRDALL
TDGWDGSWFLRAYDYYGNPIGTDAHDEGKIWIEPQGFAVMAGVGVGEGPQDTDAPAIKALDSVNEMLATDHGMVLQYPAY
TTYQVHMGEVSTYPPGYKENGGIFCHNNPWVIIAETVVGRGGRAFDYYKRITPAYREDISDVHRLEPYVYAQMIAGKEAV
RHGEAKNSWLTGTAAWNFVTVSQYLLGVRPEYDGLVVDPQIGPDVPSFTVTRVARGATYEITVTNSGTDGSRGRLVVDGT
PVEGNLVPYAPAGSTVRVDVTL
;
_entity_poly.pdbx_strand_id   A,B
#
loop_
_chem_comp.id
_chem_comp.type
_chem_comp.name
_chem_comp.formula
GLC D-saccharide, alpha linking alpha-D-glucopyranose 'C6 H12 O6'
#
# COMPACT_ATOMS: atom_id res chain seq x y z
N MET A 1 29.39 20.49 -0.69
CA MET A 1 29.89 19.88 -1.96
C MET A 1 28.79 19.61 -2.96
N ARG A 2 29.17 19.43 -4.21
CA ARG A 2 28.23 19.26 -5.30
C ARG A 2 28.42 17.87 -5.92
N TYR A 3 27.46 17.44 -6.73
CA TYR A 3 27.50 16.11 -7.32
C TYR A 3 27.22 16.22 -8.81
N GLY A 4 27.43 17.42 -9.33
CA GLY A 4 27.26 17.73 -10.72
C GLY A 4 27.40 19.23 -10.91
N HIS A 5 26.88 19.73 -12.03
CA HIS A 5 26.88 21.16 -12.33
C HIS A 5 25.83 21.49 -13.37
N PHE A 6 25.47 22.77 -13.46
CA PHE A 6 24.49 23.20 -14.42
C PHE A 6 25.11 23.33 -15.80
N ASP A 7 24.39 22.89 -16.82
CA ASP A 7 24.76 23.13 -18.21
C ASP A 7 23.72 24.02 -18.87
N ASP A 8 23.80 25.33 -18.62
CA ASP A 8 22.82 26.28 -19.14
C ASP A 8 22.58 26.18 -20.64
N GLU A 9 23.65 26.09 -21.43
CA GLU A 9 23.55 26.03 -22.89
C GLU A 9 22.69 24.85 -23.33
N ALA A 10 22.91 23.70 -22.70
CA ALA A 10 22.15 22.49 -22.99
C ALA A 10 20.80 22.48 -22.26
N ARG A 11 20.63 23.41 -21.32
CA ARG A 11 19.41 23.47 -20.51
C ARG A 11 19.27 22.17 -19.71
N GLU A 12 20.37 21.77 -19.07
CA GLU A 12 20.41 20.49 -18.36
C GLU A 12 21.10 20.63 -17.02
N TYR A 13 20.78 19.71 -16.10
CA TYR A 13 21.62 19.51 -14.94
C TYR A 13 22.38 18.19 -15.09
N VAL A 14 23.70 18.23 -14.89
CA VAL A 14 24.56 17.09 -15.16
C VAL A 14 25.19 16.57 -13.87
N ILE A 15 24.87 15.31 -13.55
CA ILE A 15 25.27 14.69 -12.31
C ILE A 15 26.43 13.75 -12.58
N THR A 16 27.59 14.05 -12.01
CA THR A 16 28.83 13.44 -12.48
C THR A 16 29.25 12.22 -11.69
N THR A 17 28.45 11.89 -10.68
CA THR A 17 28.71 10.76 -9.81
C THR A 17 27.39 10.05 -9.59
N PRO A 18 27.41 8.71 -9.47
CA PRO A 18 26.19 7.95 -9.15
C PRO A 18 25.84 8.09 -7.69
N HIS A 19 26.75 8.71 -6.94
CA HIS A 19 26.64 8.78 -5.49
C HIS A 19 26.13 10.11 -4.99
N THR A 20 24.86 10.34 -5.27
CA THR A 20 24.19 11.50 -4.73
C THR A 20 23.71 11.22 -3.31
N PRO A 21 23.44 12.30 -2.55
CA PRO A 21 22.88 12.26 -1.21
C PRO A 21 21.49 11.60 -1.20
N TYR A 22 20.84 11.59 -2.35
CA TYR A 22 19.51 10.99 -2.51
C TYR A 22 19.17 10.92 -4.00
N PRO A 23 18.34 9.94 -4.41
CA PRO A 23 18.10 9.86 -5.86
C PRO A 23 17.48 11.13 -6.43
N TRP A 24 18.03 11.57 -7.55
CA TRP A 24 17.56 12.79 -8.18
C TRP A 24 16.82 12.44 -9.45
N ILE A 25 15.55 12.78 -9.49
CA ILE A 25 14.71 12.33 -10.58
C ILE A 25 14.42 13.43 -11.57
N ASN A 26 13.85 13.03 -12.70
CA ASN A 26 13.35 13.93 -13.72
C ASN A 26 11.98 13.44 -14.13
N TYR A 27 11.21 14.29 -14.79
CA TYR A 27 9.91 13.90 -15.32
C TYR A 27 9.94 13.88 -16.83
N LEU A 28 9.42 12.80 -17.41
CA LEU A 28 9.39 12.65 -18.85
C LEU A 28 7.93 12.57 -19.26
N GLY A 29 7.60 13.17 -20.41
CA GLY A 29 6.24 13.15 -20.91
C GLY A 29 5.49 14.39 -20.49
N SER A 30 4.65 14.90 -21.40
CA SER A 30 4.02 16.19 -21.19
C SER A 30 2.53 16.20 -21.53
N GLU A 31 2.02 15.05 -21.95
CA GLU A 31 0.60 14.96 -22.28
C GLU A 31 -0.08 13.93 -21.40
N GLN A 32 -0.35 12.77 -21.96
CA GLN A 32 -1.01 11.71 -21.22
C GLN A 32 -0.02 10.74 -20.61
N PHE A 33 1.17 10.62 -21.19
CA PHE A 33 2.12 9.63 -20.71
C PHE A 33 3.26 10.27 -19.91
N PHE A 34 3.50 9.77 -18.71
CA PHE A 34 4.60 10.27 -17.89
C PHE A 34 5.56 9.19 -17.39
N SER A 35 6.73 9.63 -16.93
CA SER A 35 7.74 8.73 -16.39
C SER A 35 8.44 9.44 -15.23
N LEU A 36 8.76 8.68 -14.19
CA LEU A 36 9.70 9.15 -13.18
C LEU A 36 11.04 8.51 -13.52
N LEU A 37 12.07 9.32 -13.63
CA LEU A 37 13.39 8.83 -14.01
C LEU A 37 14.49 9.41 -13.14
N SER A 38 15.13 8.55 -12.36
CA SER A 38 16.25 8.98 -11.53
C SER A 38 17.55 8.95 -12.31
N HIS A 39 18.59 9.51 -11.70
CA HIS A 39 19.90 9.57 -12.32
C HIS A 39 20.46 8.17 -12.41
N GLN A 40 19.78 7.23 -11.77
CA GLN A 40 20.15 5.81 -11.81
C GLN A 40 19.11 4.97 -12.57
N ALA A 41 18.21 5.64 -13.28
CA ALA A 41 17.28 4.98 -14.20
C ALA A 41 16.11 4.33 -13.49
N GLY A 42 15.98 4.60 -12.20
CA GLY A 42 14.91 4.01 -11.41
C GLY A 42 13.60 4.76 -11.60
N GLY A 43 12.55 4.24 -10.99
CA GLY A 43 11.25 4.88 -11.02
C GLY A 43 10.31 4.16 -11.95
N TYR A 44 9.32 4.86 -12.48
CA TYR A 44 8.33 4.18 -13.31
C TYR A 44 7.58 5.07 -14.28
N SER A 45 6.69 4.42 -15.03
CA SER A 45 5.89 5.10 -16.04
C SER A 45 4.41 4.80 -15.82
N PHE A 46 3.54 5.73 -16.21
CA PHE A 46 2.11 5.52 -16.12
C PHE A 46 1.39 6.41 -17.13
N TYR A 47 0.26 5.93 -17.62
CA TYR A 47 -0.55 6.69 -18.56
C TYR A 47 -1.72 7.37 -17.83
N ARG A 48 -1.70 8.70 -17.78
CA ARG A 48 -2.80 9.49 -17.21
C ARG A 48 -2.92 9.33 -15.70
N ASP A 49 -3.26 8.11 -15.29
CA ASP A 49 -3.63 7.83 -13.91
C ASP A 49 -2.52 6.99 -13.26
N ALA A 50 -1.86 7.57 -12.26
CA ALA A 50 -0.71 6.92 -11.63
C ALA A 50 -1.12 5.89 -10.59
N LYS A 51 -2.42 5.63 -10.49
CA LYS A 51 -2.95 4.62 -9.58
C LYS A 51 -3.51 3.42 -10.32
N MET A 52 -4.24 3.67 -11.40
CA MET A 52 -5.00 2.61 -12.08
C MET A 52 -4.34 2.18 -13.37
N ARG A 53 -3.38 2.98 -13.84
CA ARG A 53 -2.82 2.80 -15.16
C ARG A 53 -1.30 2.91 -15.13
N ARG A 54 -0.68 2.25 -14.15
CA ARG A 54 0.78 2.30 -13.99
C ARG A 54 1.42 1.10 -14.69
N LEU A 55 2.27 1.38 -15.67
CA LEU A 55 2.87 0.32 -16.49
C LEU A 55 3.92 -0.48 -15.73
N THR A 56 4.74 0.22 -14.95
CA THR A 56 5.90 -0.42 -14.35
C THR A 56 5.94 -0.27 -12.84
N ARG A 57 6.55 -1.24 -12.18
CA ARG A 57 6.57 -1.32 -10.73
C ARG A 57 7.74 -0.54 -10.15
N TYR A 58 7.48 0.22 -9.09
CA TYR A 58 8.53 0.92 -8.35
C TYR A 58 8.28 0.77 -6.86
N ARG A 59 9.32 0.43 -6.12
CA ARG A 59 9.16 0.25 -4.70
C ARG A 59 9.72 1.45 -3.94
N TYR A 60 8.83 2.13 -3.21
CA TYR A 60 9.25 3.15 -2.27
C TYR A 60 9.75 2.44 -1.01
N ASN A 61 10.75 3.03 -0.36
CA ASN A 61 11.43 2.39 0.77
C ASN A 61 12.07 1.06 0.38
N ASN A 62 12.79 1.08 -0.73
CA ASN A 62 13.59 -0.05 -1.15
C ASN A 62 14.94 0.00 -0.45
N ILE A 63 15.55 -1.15 -0.20
CA ILE A 63 16.92 -1.13 0.28
C ILE A 63 17.84 -1.82 -0.71
N PRO A 64 18.74 -1.05 -1.36
CA PRO A 64 18.81 0.41 -1.24
C PRO A 64 17.77 1.12 -2.10
N ALA A 65 17.50 2.39 -1.77
CA ALA A 65 16.61 3.24 -2.55
C ALA A 65 16.99 3.30 -4.02
N ASP A 66 16.00 3.12 -4.88
CA ASP A 66 16.17 3.28 -6.33
C ASP A 66 16.75 2.01 -6.94
N ALA A 67 16.42 0.86 -6.37
CA ALA A 67 17.09 -0.38 -6.75
C ALA A 67 16.54 -1.01 -8.03
N GLY A 68 15.36 -0.58 -8.47
CA GLY A 68 14.79 -1.09 -9.71
C GLY A 68 14.46 0.02 -10.69
N GLY A 69 14.71 -0.21 -11.97
CA GLY A 69 14.43 0.76 -13.00
C GLY A 69 14.54 0.12 -14.37
N ARG A 70 14.81 0.92 -15.40
CA ARG A 70 15.02 0.36 -16.72
C ARG A 70 16.49 0.04 -16.84
N TYR A 71 16.83 -1.24 -16.90
CA TYR A 71 18.24 -1.63 -16.83
C TYR A 71 18.70 -2.30 -18.11
N LEU A 72 19.94 -2.02 -18.47
CA LEU A 72 20.56 -2.68 -19.60
C LEU A 72 21.79 -3.40 -19.07
N TYR A 73 21.65 -4.69 -18.81
CA TYR A 73 22.78 -5.48 -18.31
C TYR A 73 23.77 -5.74 -19.42
N VAL A 74 24.99 -5.23 -19.26
CA VAL A 74 26.07 -5.50 -20.21
C VAL A 74 26.83 -6.74 -19.77
N ASN A 75 26.84 -7.78 -20.61
CA ASN A 75 27.74 -8.90 -20.39
C ASN A 75 28.91 -8.81 -21.37
N ASP A 76 30.07 -8.46 -20.84
CA ASP A 76 31.30 -8.35 -21.63
C ASP A 76 32.25 -9.46 -21.19
N GLY A 77 32.32 -10.50 -22.00
CA GLY A 77 33.17 -11.65 -21.69
C GLY A 77 33.00 -12.17 -20.27
N GLY A 78 31.75 -12.25 -19.79
CA GLY A 78 31.47 -12.82 -18.49
C GLY A 78 31.19 -11.78 -17.42
N ASP A 79 31.84 -10.62 -17.54
CA ASP A 79 31.69 -9.56 -16.56
C ASP A 79 30.39 -8.83 -16.82
N VAL A 80 29.50 -8.84 -15.83
CA VAL A 80 28.19 -8.23 -16.00
C VAL A 80 28.15 -6.90 -15.27
N TRP A 81 27.75 -5.84 -15.98
CA TRP A 81 27.56 -4.54 -15.35
C TRP A 81 26.41 -3.74 -15.96
N THR A 82 26.03 -2.66 -15.29
CA THR A 82 25.00 -1.78 -15.81
C THR A 82 25.49 -0.33 -15.81
N PRO A 83 25.16 0.39 -16.88
CA PRO A 83 25.55 1.80 -17.10
C PRO A 83 24.95 2.75 -16.06
N SER A 84 23.81 2.37 -15.49
CA SER A 84 23.16 3.13 -14.43
C SER A 84 23.86 2.92 -13.09
N TRP A 85 24.96 2.17 -13.14
CA TRP A 85 25.74 1.76 -11.97
C TRP A 85 24.95 0.77 -11.13
N LEU A 86 23.85 1.21 -10.53
CA LEU A 86 22.92 0.28 -9.89
C LEU A 86 22.23 -0.43 -11.06
N PRO A 87 21.71 -1.65 -10.86
CA PRO A 87 21.65 -2.37 -9.59
C PRO A 87 22.98 -3.03 -9.22
N VAL A 88 23.78 -3.32 -10.24
CA VAL A 88 24.99 -4.15 -10.12
C VAL A 88 26.12 -3.51 -9.30
N LYS A 89 26.28 -2.21 -9.44
CA LYS A 89 27.32 -1.44 -8.73
C LYS A 89 28.75 -1.80 -9.13
N ALA A 90 28.94 -2.24 -10.37
CA ALA A 90 30.27 -2.51 -10.88
C ALA A 90 31.08 -1.20 -11.01
N ASP A 91 32.38 -1.26 -10.73
CA ASP A 91 33.23 -0.09 -10.87
C ASP A 91 33.12 0.48 -12.28
N LEU A 92 32.69 1.73 -12.40
CA LEU A 92 32.64 2.39 -13.70
C LEU A 92 33.80 3.36 -13.90
N ASP A 93 34.44 3.27 -15.07
CA ASP A 93 35.52 4.19 -15.42
C ASP A 93 34.97 5.59 -15.67
N HIS A 94 33.74 5.65 -16.18
CA HIS A 94 33.08 6.94 -16.36
C HIS A 94 31.57 6.81 -16.16
N PHE A 95 30.99 7.76 -15.42
CA PHE A 95 29.54 7.84 -15.27
C PHE A 95 29.03 9.27 -15.35
N GLU A 96 27.95 9.47 -16.08
CA GLU A 96 27.33 10.78 -16.12
C GLU A 96 25.85 10.68 -16.44
N ALA A 97 25.04 11.45 -15.71
CA ALA A 97 23.61 11.53 -16.00
C ALA A 97 23.21 12.98 -16.20
N ARG A 98 22.48 13.25 -17.28
CA ARG A 98 22.08 14.62 -17.63
C ARG A 98 20.56 14.73 -17.65
N HIS A 99 20.00 15.52 -16.74
CA HIS A 99 18.56 15.70 -16.69
C HIS A 99 18.23 16.99 -17.44
N GLY A 100 17.39 16.89 -18.46
CA GLY A 100 17.01 18.05 -19.23
C GLY A 100 15.51 18.11 -19.32
N LEU A 101 15.01 18.85 -20.29
CA LEU A 101 13.58 19.13 -20.36
C LEU A 101 12.79 18.02 -21.04
N GLY A 102 12.23 17.13 -20.22
CA GLY A 102 11.44 16.04 -20.74
C GLY A 102 12.31 14.90 -21.24
N TYR A 103 13.59 14.94 -20.91
CA TYR A 103 14.50 13.85 -21.26
C TYR A 103 15.71 13.77 -20.34
N SER A 104 16.44 12.68 -20.46
CA SER A 104 17.65 12.47 -19.68
C SER A 104 18.53 11.49 -20.41
N THR A 105 19.84 11.65 -20.25
CA THR A 105 20.77 10.67 -20.75
C THR A 105 21.52 10.08 -19.57
N ILE A 106 21.82 8.79 -19.63
CA ILE A 106 22.70 8.19 -18.66
C ILE A 106 23.81 7.44 -19.38
N THR A 107 25.04 7.60 -18.89
CA THR A 107 26.18 7.05 -19.58
C THR A 107 27.13 6.38 -18.62
N GLY A 108 27.53 5.16 -18.96
CA GLY A 108 28.46 4.40 -18.16
C GLY A 108 29.50 3.75 -19.04
N GLU A 109 30.75 3.83 -18.63
CA GLU A 109 31.82 3.15 -19.35
C GLU A 109 32.54 2.20 -18.41
N ARG A 110 32.72 0.96 -18.82
CA ARG A 110 33.48 0.00 -18.03
C ARG A 110 34.25 -0.97 -18.92
N ASN A 111 35.56 -1.04 -18.71
CA ASN A 111 36.43 -1.94 -19.47
C ASN A 111 36.31 -1.82 -20.99
N GLY A 112 36.41 -0.59 -21.50
CA GLY A 112 36.46 -0.36 -22.94
C GLY A 112 35.11 -0.35 -23.61
N VAL A 113 34.03 -0.42 -22.82
CA VAL A 113 32.68 -0.37 -23.37
C VAL A 113 31.93 0.81 -22.77
N ARG A 114 31.31 1.62 -23.64
CA ARG A 114 30.53 2.75 -23.18
C ARG A 114 29.09 2.61 -23.66
N VAL A 115 28.15 2.75 -22.73
CA VAL A 115 26.74 2.73 -23.09
C VAL A 115 26.08 4.04 -22.72
N GLU A 116 25.53 4.72 -23.73
CA GLU A 116 24.78 5.95 -23.50
C GLU A 116 23.31 5.67 -23.75
N THR A 117 22.47 6.11 -22.82
CA THR A 117 21.04 5.93 -23.01
C THR A 117 20.33 7.28 -22.96
N LEU A 118 19.63 7.60 -24.04
CA LEU A 118 18.73 8.73 -24.05
C LEU A 118 17.34 8.23 -23.68
N PHE A 119 16.81 8.70 -22.56
CA PHE A 119 15.45 8.40 -22.16
C PHE A 119 14.59 9.62 -22.45
N PHE A 120 13.40 9.42 -23.02
CA PHE A 120 12.45 10.51 -23.22
C PHE A 120 11.10 9.98 -23.64
N VAL A 121 10.05 10.74 -23.36
CA VAL A 121 8.72 10.44 -23.88
C VAL A 121 8.42 11.42 -25.00
N PRO A 122 8.14 10.89 -26.21
CA PRO A 122 7.87 11.68 -27.42
C PRO A 122 6.52 12.40 -27.44
N VAL A 123 6.50 13.56 -28.08
CA VAL A 123 5.27 14.32 -28.24
C VAL A 123 4.26 13.53 -29.07
N GLY A 124 3.00 13.57 -28.65
CA GLY A 124 1.95 12.84 -29.34
C GLY A 124 2.10 11.34 -29.20
N GLU A 125 2.90 10.93 -28.23
CA GLU A 125 3.19 9.52 -28.03
C GLU A 125 2.99 9.11 -26.58
N ASN A 126 2.29 8.00 -26.38
CA ASN A 126 2.16 7.39 -25.07
C ASN A 126 3.19 6.30 -24.97
N ALA A 127 4.44 6.69 -24.81
CA ALA A 127 5.55 5.74 -24.80
C ALA A 127 6.78 6.40 -24.24
N GLU A 128 7.50 5.66 -23.41
CA GLU A 128 8.84 6.03 -23.02
C GLU A 128 9.80 5.37 -23.99
N VAL A 129 10.69 6.16 -24.56
CA VAL A 129 11.62 5.65 -25.58
C VAL A 129 13.06 5.75 -25.10
N GLN A 130 13.84 4.71 -25.40
CA GLN A 130 15.25 4.68 -25.04
C GLN A 130 16.13 4.57 -26.26
N LYS A 131 17.01 5.53 -26.42
CA LYS A 131 17.99 5.43 -27.47
C LYS A 131 19.31 5.03 -26.84
N VAL A 132 19.76 3.84 -27.20
CA VAL A 132 21.00 3.32 -26.62
C VAL A 132 22.13 3.37 -27.63
N THR A 133 23.30 3.75 -27.17
CA THR A 133 24.47 3.79 -28.01
C THR A 133 25.59 3.07 -27.29
N VAL A 134 26.11 2.03 -27.92
CA VAL A 134 27.18 1.23 -27.35
C VAL A 134 28.43 1.49 -28.17
N THR A 135 29.49 1.93 -27.51
CA THR A 135 30.71 2.31 -28.20
C THR A 135 31.91 1.58 -27.63
N ASN A 136 32.55 0.77 -28.46
CA ASN A 136 33.79 0.12 -28.07
C ASN A 136 34.89 1.17 -28.09
N THR A 137 35.30 1.61 -26.91
CA THR A 137 36.30 2.66 -26.78
C THR A 137 37.67 2.07 -26.41
N SER A 138 37.81 0.76 -26.63
CA SER A 138 39.08 0.10 -26.36
C SER A 138 39.83 -0.18 -27.64
N ASP A 139 41.03 -0.74 -27.51
CA ASP A 139 41.88 -1.07 -28.63
C ASP A 139 41.68 -2.51 -29.05
N SER A 140 40.70 -3.16 -28.45
CA SER A 140 40.47 -4.56 -28.70
C SER A 140 39.06 -4.76 -29.23
N TYR A 141 38.79 -5.98 -29.70
CA TYR A 141 37.47 -6.32 -30.18
C TYR A 141 36.56 -6.63 -29.01
N LYS A 142 35.27 -6.39 -29.23
CA LYS A 142 34.26 -6.62 -28.23
C LYS A 142 33.15 -7.48 -28.80
N SER A 143 32.67 -8.43 -28.00
CA SER A 143 31.49 -9.20 -28.37
C SER A 143 30.60 -9.28 -27.14
N LEU A 144 29.48 -8.55 -27.19
CA LEU A 144 28.69 -8.30 -26.01
C LEU A 144 27.29 -8.88 -26.15
N THR A 145 26.69 -9.20 -25.00
CA THR A 145 25.27 -9.50 -24.96
C THR A 145 24.60 -8.54 -24.01
N LEU A 146 23.63 -7.79 -24.52
CA LEU A 146 22.94 -6.79 -23.72
C LEU A 146 21.58 -7.33 -23.33
N PHE A 147 21.26 -7.21 -22.05
CA PHE A 147 20.00 -7.68 -21.53
C PHE A 147 19.18 -6.49 -21.03
N SER A 148 18.09 -6.18 -21.71
CA SER A 148 17.25 -5.06 -21.31
C SER A 148 16.32 -5.54 -20.20
N PHE A 149 15.97 -4.66 -19.27
CA PHE A 149 15.14 -5.06 -18.14
C PHE A 149 14.12 -4.03 -17.71
N VAL A 150 12.87 -4.47 -17.66
CA VAL A 150 11.78 -3.68 -17.12
C VAL A 150 10.92 -4.60 -16.26
N GLU A 151 10.47 -4.11 -15.10
CA GLU A 151 9.60 -4.89 -14.23
C GLU A 151 8.21 -4.27 -14.28
N PHE A 152 7.21 -5.08 -14.61
CA PHE A 152 5.86 -4.54 -14.77
C PHE A 152 5.09 -4.42 -13.46
N CYS A 153 4.32 -3.34 -13.38
CA CYS A 153 3.28 -3.22 -12.37
C CYS A 153 2.02 -3.81 -13.00
N LEU A 154 1.17 -4.43 -12.20
CA LEU A 154 -0.10 -4.95 -12.74
C LEU A 154 -1.16 -3.84 -12.83
N TRP A 155 -0.78 -2.70 -13.41
CA TRP A 155 -1.69 -1.57 -13.73
C TRP A 155 -2.23 -0.76 -12.55
N ASN A 156 -2.91 -1.42 -11.63
CA ASN A 156 -3.43 -0.74 -10.46
C ASN A 156 -2.40 -0.97 -9.35
N ALA A 157 -1.77 0.11 -8.91
CA ALA A 157 -0.58 0.01 -8.07
C ALA A 157 -0.97 -0.27 -6.63
N GLN A 158 -2.09 0.31 -6.19
CA GLN A 158 -2.59 0.01 -4.87
C GLN A 158 -2.90 -1.49 -4.77
N ASP A 159 -3.57 -2.04 -5.78
CA ASP A 159 -3.87 -3.47 -5.78
C ASP A 159 -2.60 -4.31 -5.89
N ASP A 160 -1.72 -3.92 -6.80
CA ASP A 160 -0.57 -4.73 -7.14
C ASP A 160 0.25 -5.01 -5.89
N GLN A 161 0.25 -4.05 -4.97
CA GLN A 161 1.08 -4.16 -3.78
C GLN A 161 0.33 -4.65 -2.54
N THR A 162 -1.00 -4.73 -2.61
CA THR A 162 -1.77 -5.12 -1.42
C THR A 162 -2.67 -6.35 -1.60
N ASN A 163 -2.88 -6.79 -2.84
CA ASN A 163 -3.82 -7.88 -3.10
C ASN A 163 -3.21 -9.11 -3.72
N TYR A 164 -2.09 -9.57 -3.16
CA TYR A 164 -1.38 -10.72 -3.67
C TYR A 164 -2.23 -11.98 -3.80
N GLN A 165 -3.15 -12.22 -2.86
CA GLN A 165 -3.96 -13.44 -2.93
C GLN A 165 -4.65 -13.55 -4.27
N ARG A 166 -5.12 -12.42 -4.80
CA ARG A 166 -5.64 -12.40 -6.15
C ARG A 166 -4.54 -12.21 -7.21
N ASN A 167 -3.68 -11.22 -7.08
CA ASN A 167 -2.84 -10.81 -8.22
C ASN A 167 -1.53 -11.59 -8.51
N LEU A 168 -1.13 -12.53 -7.67
CA LEU A 168 0.00 -13.40 -8.00
C LEU A 168 -0.41 -14.43 -9.03
N SER A 169 -1.72 -14.49 -9.29
CA SER A 169 -2.23 -15.48 -10.22
C SER A 169 -2.73 -14.91 -11.55
N ILE A 170 -2.72 -13.59 -11.73
CA ILE A 170 -3.31 -13.01 -12.95
C ILE A 170 -2.31 -12.51 -14.00
N GLY A 171 -1.00 -12.59 -13.72
CA GLY A 171 0.01 -12.11 -14.65
C GLY A 171 0.07 -12.90 -15.96
N GLU A 172 0.00 -12.18 -17.08
CA GLU A 172 0.02 -12.83 -18.40
C GLU A 172 0.83 -12.01 -19.38
N VAL A 173 1.44 -12.68 -20.34
CA VAL A 173 2.16 -11.99 -21.39
C VAL A 173 1.84 -12.60 -22.75
N GLU A 174 2.49 -12.06 -23.76
CA GLU A 174 2.58 -12.70 -25.06
C GLU A 174 3.98 -12.32 -25.49
N VAL A 175 4.65 -13.20 -26.22
CA VAL A 175 6.01 -12.93 -26.68
C VAL A 175 6.09 -12.97 -28.20
N GLU A 176 6.64 -11.92 -28.78
CA GLU A 176 6.73 -11.80 -30.24
C GLU A 176 8.17 -11.53 -30.65
N GLN A 177 8.96 -12.60 -30.74
CA GLN A 177 10.37 -12.51 -31.10
C GLN A 177 10.59 -12.01 -32.51
N GLU A 178 9.67 -12.34 -33.41
CA GLU A 178 9.75 -11.84 -34.77
C GLU A 178 8.68 -10.79 -35.00
N SER A 179 8.97 -9.60 -34.50
CA SER A 179 8.08 -8.45 -34.59
C SER A 179 8.41 -7.72 -35.89
N PRO A 180 7.43 -7.00 -36.48
CA PRO A 180 7.70 -6.35 -37.76
C PRO A 180 9.04 -5.64 -37.81
N HIS A 181 9.45 -5.03 -36.70
CA HIS A 181 10.67 -4.23 -36.71
C HIS A 181 11.73 -4.69 -35.70
N GLY A 182 11.49 -5.82 -35.06
CA GLY A 182 12.47 -6.39 -34.15
C GLY A 182 11.90 -7.47 -33.27
N SER A 183 11.90 -7.22 -31.96
CA SER A 183 11.34 -8.15 -30.99
C SER A 183 10.52 -7.36 -29.97
N ALA A 184 9.42 -7.94 -29.48
CA ALA A 184 8.56 -7.25 -28.53
C ALA A 184 7.86 -8.20 -27.58
N ILE A 185 7.65 -7.73 -26.36
CA ILE A 185 6.94 -8.46 -25.32
C ILE A 185 5.66 -7.68 -24.99
N TYR A 186 4.56 -8.40 -24.77
CA TYR A 186 3.30 -7.76 -24.39
C TYR A 186 2.87 -8.19 -23.00
N HIS A 187 2.77 -7.20 -22.10
CA HIS A 187 2.21 -7.43 -20.78
C HIS A 187 0.71 -7.14 -20.84
N ARG A 188 -0.09 -8.20 -20.75
CA ARG A 188 -1.52 -8.06 -20.97
C ARG A 188 -2.29 -8.62 -19.78
N THR A 189 -2.01 -8.10 -18.60
CA THR A 189 -2.68 -8.52 -17.38
C THR A 189 -4.03 -7.84 -17.31
N GLU A 190 -5.09 -8.65 -17.30
CA GLU A 190 -6.48 -8.19 -17.17
C GLU A 190 -7.09 -7.65 -18.47
N TYR A 191 -6.37 -7.80 -19.57
CA TYR A 191 -6.91 -7.52 -20.91
C TYR A 191 -7.97 -8.58 -21.21
N ARG A 192 -7.77 -9.76 -20.64
CA ARG A 192 -8.74 -10.83 -20.69
C ARG A 192 -10.01 -10.36 -19.98
N GLU A 193 -9.82 -9.44 -19.03
CA GLU A 193 -10.88 -8.92 -18.19
C GLU A 193 -11.44 -7.62 -18.76
N ARG A 194 -11.53 -6.59 -17.92
CA ARG A 194 -12.17 -5.33 -18.29
C ARG A 194 -11.23 -4.29 -18.91
N ARG A 195 -9.96 -4.63 -19.06
CA ARG A 195 -9.00 -3.68 -19.60
C ARG A 195 -8.98 -3.71 -21.11
N ASP A 196 -8.99 -2.53 -21.71
CA ASP A 196 -8.96 -2.42 -23.15
C ASP A 196 -7.58 -1.95 -23.62
N HIS A 197 -6.58 -2.09 -22.76
CA HIS A 197 -5.25 -1.59 -23.04
C HIS A 197 -4.20 -2.58 -22.54
N TYR A 198 -3.05 -2.62 -23.22
CA TYR A 198 -1.91 -3.40 -22.75
C TYR A 198 -0.62 -2.58 -22.77
N ALA A 199 0.51 -3.20 -22.49
CA ALA A 199 1.79 -2.52 -22.62
C ALA A 199 2.70 -3.30 -23.54
N VAL A 200 3.63 -2.59 -24.15
CA VAL A 200 4.55 -3.20 -25.10
C VAL A 200 5.99 -2.86 -24.74
N PHE A 201 6.88 -3.85 -24.81
CA PHE A 201 8.29 -3.61 -24.57
C PHE A 201 9.09 -4.17 -25.73
N ALA A 202 9.80 -3.32 -26.44
CA ALA A 202 10.38 -3.76 -27.70
C ALA A 202 11.74 -3.15 -28.01
N VAL A 203 12.40 -3.72 -29.01
CA VAL A 203 13.69 -3.24 -29.50
C VAL A 203 13.72 -3.34 -31.01
N ASN A 204 14.31 -2.34 -31.67
CA ASN A 204 14.22 -2.23 -33.13
C ASN A 204 15.20 -3.16 -33.84
N THR A 205 15.57 -4.25 -33.18
CA THR A 205 16.41 -5.26 -33.82
C THR A 205 15.96 -6.63 -33.36
N GLN A 206 16.43 -7.67 -34.04
CA GLN A 206 16.07 -9.04 -33.69
C GLN A 206 16.77 -9.46 -32.40
N ALA A 207 16.00 -9.84 -31.39
CA ALA A 207 16.57 -10.28 -30.13
C ALA A 207 17.06 -11.73 -30.22
N GLU A 208 18.17 -12.00 -29.57
CA GLU A 208 18.71 -13.35 -29.49
C GLU A 208 17.72 -14.22 -28.72
N GLY A 209 17.24 -13.69 -27.61
CA GLY A 209 16.33 -14.41 -26.74
C GLY A 209 15.54 -13.41 -25.91
N PHE A 210 14.84 -13.91 -24.90
CA PHE A 210 13.95 -13.07 -24.10
C PHE A 210 13.66 -13.70 -22.74
N ASP A 211 12.85 -13.00 -21.95
CA ASP A 211 12.44 -13.44 -20.61
C ASP A 211 11.31 -12.53 -20.15
N THR A 212 10.20 -13.12 -19.71
CA THR A 212 9.09 -12.33 -19.18
C THR A 212 8.74 -12.70 -17.73
N ASP A 213 9.49 -13.63 -17.16
CA ASP A 213 9.30 -14.01 -15.75
C ASP A 213 10.44 -13.45 -14.91
N ARG A 214 10.12 -12.69 -13.87
CA ARG A 214 11.15 -12.04 -13.08
C ARG A 214 12.02 -13.02 -12.29
N ASP A 215 11.42 -14.09 -11.78
CA ASP A 215 12.17 -15.06 -10.96
C ASP A 215 13.15 -15.88 -11.78
N THR A 216 12.81 -16.14 -13.03
CA THR A 216 13.73 -16.85 -13.92
C THR A 216 14.87 -15.92 -14.34
N PHE A 217 14.54 -14.70 -14.77
CA PHE A 217 15.59 -13.75 -15.14
C PHE A 217 16.56 -13.49 -13.97
N VAL A 218 16.02 -13.11 -12.82
CA VAL A 218 16.86 -12.68 -11.69
C VAL A 218 17.39 -13.84 -10.86
N GLY A 219 16.58 -14.88 -10.72
CA GLY A 219 16.95 -16.03 -9.92
C GLY A 219 16.41 -15.97 -8.51
N ALA A 220 16.25 -17.15 -7.90
CA ALA A 220 15.79 -17.27 -6.54
C ALA A 220 16.84 -16.71 -5.58
N TYR A 221 16.38 -16.02 -4.54
CA TYR A 221 17.26 -15.47 -3.51
C TYR A 221 18.29 -14.57 -4.16
N ASN A 222 17.89 -13.84 -5.20
CA ASN A 222 18.78 -12.92 -5.87
C ASN A 222 18.24 -11.49 -5.95
N SER A 223 19.12 -10.52 -5.72
CA SER A 223 18.75 -9.13 -5.87
C SER A 223 18.90 -8.78 -7.34
N LEU A 224 18.32 -7.66 -7.76
CA LEU A 224 18.44 -7.24 -9.14
C LEU A 224 19.92 -7.11 -9.51
N GLY A 225 20.75 -6.81 -8.50
CA GLY A 225 22.17 -6.60 -8.71
C GLY A 225 22.93 -7.89 -8.97
N GLU A 226 22.24 -9.03 -8.88
CA GLU A 226 22.89 -10.32 -9.09
C GLU A 226 22.16 -11.17 -10.10
N ALA A 227 21.32 -10.56 -10.93
CA ALA A 227 20.41 -11.33 -11.77
C ALA A 227 21.11 -12.45 -12.54
N ALA A 228 20.48 -13.63 -12.52
CA ALA A 228 21.08 -14.89 -12.98
C ALA A 228 21.28 -15.01 -14.49
N VAL A 229 20.34 -14.51 -15.26
CA VAL A 229 20.35 -14.66 -16.71
C VAL A 229 21.52 -13.92 -17.37
N PRO A 230 21.75 -12.67 -16.95
CA PRO A 230 22.89 -11.94 -17.52
C PRO A 230 24.24 -12.56 -17.11
N LEU A 231 24.33 -13.07 -15.88
CA LEU A 231 25.53 -13.75 -15.45
C LEU A 231 25.73 -15.03 -16.27
N LYS A 232 24.63 -15.70 -16.59
CA LYS A 232 24.69 -16.91 -17.40
C LYS A 232 25.08 -16.60 -18.84
N GLY A 233 24.81 -15.36 -19.27
CA GLY A 233 25.19 -14.91 -20.60
C GLY A 233 24.13 -15.16 -21.64
N GLU A 234 23.00 -15.75 -21.25
CA GLU A 234 21.99 -16.17 -22.19
C GLU A 234 20.58 -16.09 -21.58
N SER A 235 19.64 -15.50 -22.31
CA SER A 235 18.24 -15.38 -21.88
C SER A 235 17.61 -16.76 -21.67
N ALA A 236 16.66 -16.87 -20.74
CA ALA A 236 16.01 -18.15 -20.45
C ALA A 236 14.71 -18.36 -21.24
N ASN A 237 14.33 -17.36 -22.02
CA ASN A 237 13.08 -17.41 -22.79
C ASN A 237 11.89 -17.80 -21.92
N SER A 238 11.83 -17.22 -20.74
CA SER A 238 10.77 -17.54 -19.79
C SER A 238 9.43 -16.96 -20.21
N VAL A 239 8.36 -17.74 -20.07
CA VAL A 239 7.03 -17.25 -20.36
C VAL A 239 6.33 -17.11 -19.02
N ALA A 240 5.88 -15.91 -18.70
CA ALA A 240 5.24 -15.65 -17.42
C ALA A 240 3.84 -16.24 -17.33
N SER A 241 3.56 -16.87 -16.21
CA SER A 241 2.22 -17.35 -15.90
C SER A 241 1.95 -17.03 -14.44
N GLY A 242 1.51 -15.80 -14.20
CA GLY A 242 1.33 -15.31 -12.85
C GLY A 242 2.64 -14.75 -12.32
N TRP A 243 2.76 -14.74 -10.99
CA TRP A 243 3.89 -14.13 -10.30
C TRP A 243 4.28 -12.77 -10.89
N TYR A 244 5.55 -12.55 -11.18
CA TYR A 244 6.02 -11.21 -11.53
C TYR A 244 6.55 -11.13 -12.94
N PRO A 245 5.80 -10.48 -13.84
CA PRO A 245 6.14 -10.37 -15.25
C PRO A 245 7.08 -9.22 -15.55
N ILE A 246 8.07 -9.49 -16.40
CA ILE A 246 9.06 -8.50 -16.76
C ILE A 246 9.19 -8.44 -18.26
N GLY A 247 9.79 -7.36 -18.75
CA GLY A 247 10.14 -7.22 -20.15
C GLY A 247 11.64 -7.27 -20.28
N SER A 248 12.13 -8.23 -21.05
CA SER A 248 13.57 -8.44 -21.18
C SER A 248 13.92 -9.12 -22.51
N HIS A 249 14.93 -8.58 -23.18
CA HIS A 249 15.47 -9.15 -24.43
C HIS A 249 16.98 -9.17 -24.35
N SER A 250 17.61 -10.17 -24.97
CA SER A 250 19.05 -10.14 -25.15
C SER A 250 19.39 -9.74 -26.57
N VAL A 251 20.37 -8.86 -26.72
CA VAL A 251 20.78 -8.38 -28.04
C VAL A 251 22.28 -8.56 -28.18
N ALA A 252 22.67 -9.18 -29.29
CA ALA A 252 24.08 -9.48 -29.52
C ALA A 252 24.72 -8.36 -30.31
N VAL A 253 25.79 -7.80 -29.76
CA VAL A 253 26.51 -6.71 -30.39
C VAL A 253 28.01 -7.02 -30.44
N SER A 254 28.57 -7.06 -31.65
CA SER A 254 30.00 -7.28 -31.84
C SER A 254 30.62 -5.98 -32.31
N LEU A 255 31.74 -5.57 -31.74
CA LEU A 255 32.29 -4.27 -32.08
C LEU A 255 33.81 -4.22 -32.26
N ALA A 256 34.24 -3.77 -33.44
CA ALA A 256 35.63 -3.44 -33.64
C ALA A 256 35.95 -2.23 -32.78
N PRO A 257 37.24 -1.98 -32.52
CA PRO A 257 37.60 -0.80 -31.71
C PRO A 257 37.04 0.50 -32.33
N GLY A 258 36.59 1.42 -31.47
CA GLY A 258 36.13 2.74 -31.92
C GLY A 258 34.76 2.70 -32.58
N GLU A 259 34.30 1.48 -32.85
CA GLU A 259 33.06 1.25 -33.55
C GLU A 259 31.90 1.20 -32.58
N SER A 260 30.76 1.76 -32.95
CA SER A 260 29.62 1.84 -32.04
C SER A 260 28.34 1.25 -32.61
N ARG A 261 27.41 0.96 -31.72
CA ARG A 261 26.12 0.40 -32.10
C ARG A 261 25.01 1.23 -31.49
N GLU A 262 23.96 1.48 -32.25
CA GLU A 262 22.82 2.22 -31.73
C GLU A 262 21.57 1.33 -31.74
N LEU A 263 20.87 1.29 -30.61
CA LEU A 263 19.67 0.46 -30.46
C LEU A 263 18.54 1.30 -29.88
N VAL A 264 17.32 1.03 -30.32
CA VAL A 264 16.16 1.78 -29.83
C VAL A 264 15.12 0.89 -29.14
N TYR A 265 14.81 1.22 -27.89
CA TYR A 265 13.81 0.49 -27.13
C TYR A 265 12.59 1.36 -26.90
N VAL A 266 11.40 0.75 -26.90
CA VAL A 266 10.19 1.50 -26.62
C VAL A 266 9.38 0.87 -25.49
N LEU A 267 8.99 1.69 -24.52
CA LEU A 267 8.01 1.28 -23.53
C LEU A 267 6.68 1.94 -23.90
N GLY A 268 5.72 1.17 -24.38
CA GLY A 268 4.49 1.73 -24.90
C GLY A 268 3.18 1.34 -24.24
N TYR A 269 2.25 2.28 -24.26
CA TYR A 269 0.90 2.06 -23.75
C TYR A 269 -0.10 2.02 -24.89
N VAL A 270 -0.55 0.82 -25.26
CA VAL A 270 -1.44 0.65 -26.40
C VAL A 270 -2.86 0.31 -25.93
N GLU A 271 -3.84 1.06 -26.40
CA GLU A 271 -5.24 0.74 -26.17
C GLU A 271 -5.88 0.23 -27.43
N ASN A 272 -6.98 -0.50 -27.29
CA ASN A 272 -7.80 -0.82 -28.44
C ASN A 272 -9.28 -0.53 -28.18
N PRO A 273 -9.99 -0.12 -29.23
CA PRO A 273 -11.44 -0.02 -29.12
C PRO A 273 -11.96 -1.36 -28.69
N ASP A 274 -13.05 -1.40 -27.94
CA ASP A 274 -13.54 -2.66 -27.38
C ASP A 274 -13.75 -3.70 -28.47
N GLU A 275 -14.31 -3.29 -29.60
CA GLU A 275 -14.55 -4.21 -30.71
C GLU A 275 -13.27 -4.75 -31.39
N GLU A 276 -12.16 -4.03 -31.26
CA GLU A 276 -10.92 -4.37 -31.97
C GLU A 276 -9.83 -5.09 -31.14
N LYS A 277 -10.20 -5.55 -29.94
CA LYS A 277 -9.24 -6.13 -28.99
C LYS A 277 -8.47 -7.39 -29.43
N TRP A 278 -9.09 -8.28 -30.20
CA TRP A 278 -8.50 -9.59 -30.48
C TRP A 278 -8.12 -9.79 -31.95
N ALA A 279 -6.95 -10.36 -32.17
CA ALA A 279 -6.51 -10.73 -33.50
C ALA A 279 -7.22 -12.00 -33.92
N ASP A 280 -7.77 -12.72 -32.96
CA ASP A 280 -8.35 -14.02 -33.27
C ASP A 280 -9.81 -14.15 -32.85
N ASP A 281 -10.45 -15.15 -33.44
CA ASP A 281 -11.85 -15.44 -33.14
C ASP A 281 -11.99 -15.96 -31.71
N ALA A 282 -11.04 -16.77 -31.28
CA ALA A 282 -11.13 -17.36 -29.94
C ALA A 282 -10.92 -16.34 -28.83
N LYS A 283 -10.47 -15.14 -29.20
CA LYS A 283 -10.26 -14.06 -28.24
C LYS A 283 -9.17 -14.39 -27.24
N GLN A 284 -8.08 -14.93 -27.76
CA GLN A 284 -6.95 -15.32 -26.95
C GLN A 284 -5.74 -14.48 -27.30
N VAL A 285 -5.59 -14.14 -28.58
CA VAL A 285 -4.44 -13.34 -29.02
C VAL A 285 -4.81 -11.86 -29.17
N VAL A 286 -4.02 -10.99 -28.53
CA VAL A 286 -4.21 -9.55 -28.59
C VAL A 286 -4.08 -8.99 -30.01
N ASN A 287 -4.84 -7.95 -30.31
CA ASN A 287 -4.67 -7.25 -31.59
C ASN A 287 -3.51 -6.29 -31.48
N LYS A 288 -2.45 -6.57 -32.24
CA LYS A 288 -1.21 -5.82 -32.11
C LYS A 288 -1.01 -4.74 -33.18
N GLU A 289 -2.03 -4.48 -33.99
CA GLU A 289 -1.92 -3.47 -35.04
C GLU A 289 -1.32 -2.19 -34.51
N ARG A 290 -1.96 -1.64 -33.49
CA ARG A 290 -1.57 -0.35 -32.94
C ARG A 290 -0.19 -0.41 -32.31
N ALA A 291 0.17 -1.59 -31.81
CA ALA A 291 1.46 -1.76 -31.18
C ALA A 291 2.54 -1.81 -32.25
N HIS A 292 2.22 -2.41 -33.39
CA HIS A 292 3.16 -2.49 -34.49
C HIS A 292 3.36 -1.11 -35.10
N ALA A 293 2.27 -0.35 -35.17
CA ALA A 293 2.27 1.00 -35.70
C ALA A 293 3.20 1.90 -34.91
N LEU A 294 3.10 1.81 -33.59
CA LEU A 294 3.98 2.57 -32.71
C LEU A 294 5.44 2.16 -32.92
N LEU A 295 5.67 0.85 -33.07
CA LEU A 295 7.02 0.31 -33.23
C LEU A 295 7.56 0.61 -34.63
N SER A 296 6.67 0.78 -35.60
CA SER A 296 7.10 1.20 -36.94
C SER A 296 7.57 2.64 -36.87
N ARG A 297 6.98 3.39 -35.92
CA ARG A 297 7.31 4.81 -35.74
C ARG A 297 8.67 5.08 -35.11
N PHE A 298 9.24 4.08 -34.44
CA PHE A 298 10.55 4.23 -33.82
C PHE A 298 11.45 3.05 -34.16
N ALA A 299 11.39 2.62 -35.40
CA ALA A 299 12.25 1.54 -35.87
C ALA A 299 13.68 2.00 -36.20
N THR A 300 13.91 3.31 -36.34
CA THR A 300 15.25 3.78 -36.69
C THR A 300 15.79 4.90 -35.82
N SER A 301 17.11 5.04 -35.80
CA SER A 301 17.79 6.09 -35.06
C SER A 301 17.39 7.45 -35.60
N GLU A 302 17.17 7.50 -36.90
CA GLU A 302 16.80 8.72 -37.58
C GLU A 302 15.43 9.21 -37.11
N GLN A 303 14.48 8.27 -36.97
CA GLN A 303 13.15 8.60 -36.50
C GLN A 303 13.22 9.12 -35.09
N THR A 304 13.82 8.28 -34.24
CA THR A 304 14.05 8.58 -32.83
C THR A 304 14.70 9.95 -32.67
N ASP A 305 15.73 10.23 -33.48
CA ASP A 305 16.48 11.49 -33.37
C ASP A 305 15.59 12.67 -33.71
N ALA A 306 14.65 12.46 -34.62
CA ALA A 306 13.73 13.49 -35.02
C ALA A 306 12.68 13.73 -33.94
N ALA A 307 12.14 12.66 -33.37
CA ALA A 307 11.19 12.81 -32.27
C ALA A 307 11.86 13.58 -31.13
N PHE A 308 13.13 13.31 -30.92
CA PHE A 308 13.88 13.95 -29.85
C PHE A 308 13.96 15.46 -30.06
N ALA A 309 14.48 15.84 -31.22
CA ALA A 309 14.65 17.25 -31.59
C ALA A 309 13.31 17.99 -31.53
N ALA A 310 12.24 17.33 -31.96
CA ALA A 310 10.88 17.89 -31.90
C ALA A 310 10.51 18.19 -30.46
N LEU A 311 10.81 17.26 -29.57
CA LEU A 311 10.59 17.41 -28.14
C LEU A 311 11.35 18.63 -27.66
N LYS A 312 12.59 18.74 -28.11
CA LYS A 312 13.41 19.90 -27.81
C LYS A 312 12.79 21.18 -28.36
N ASP A 313 12.07 21.08 -29.47
CA ASP A 313 11.46 22.27 -30.05
C ASP A 313 10.26 22.69 -29.21
N TYR A 314 9.43 21.71 -28.85
CA TYR A 314 8.29 21.94 -27.97
C TYR A 314 8.64 22.78 -26.76
N TRP A 315 9.74 22.41 -26.09
CA TRP A 315 10.12 23.05 -24.85
C TRP A 315 10.80 24.38 -25.10
N THR A 316 11.61 24.40 -26.15
CA THR A 316 12.25 25.63 -26.63
C THR A 316 11.20 26.69 -26.93
N ASP A 317 10.14 26.31 -27.64
CA ASP A 317 9.10 27.28 -28.01
C ASP A 317 8.22 27.60 -26.82
N LEU A 318 8.00 26.61 -25.97
CA LEU A 318 7.13 26.81 -24.82
C LEU A 318 7.69 27.87 -23.89
N LEU A 319 8.96 27.76 -23.54
CA LEU A 319 9.57 28.73 -22.63
C LEU A 319 10.11 29.95 -23.37
N SER A 320 9.23 30.66 -24.09
CA SER A 320 9.62 31.95 -24.68
C SER A 320 8.88 33.11 -24.06
N THR A 321 7.99 32.82 -23.13
CA THR A 321 7.09 33.84 -22.59
C THR A 321 7.79 34.83 -21.65
N TYR A 322 8.81 34.37 -20.95
CA TYR A 322 9.45 35.22 -19.95
C TYR A 322 10.88 34.75 -19.73
N SER A 323 11.84 35.65 -19.92
CA SER A 323 13.23 35.32 -19.65
C SER A 323 13.94 36.57 -19.16
N VAL A 324 15.08 36.38 -18.51
CA VAL A 324 15.82 37.50 -17.97
C VAL A 324 17.30 37.29 -18.20
N SER A 325 18.02 38.40 -18.31
CA SER A 325 19.44 38.37 -18.55
C SER A 325 20.07 39.21 -17.44
N SER A 326 21.08 38.68 -16.77
CA SER A 326 21.60 39.38 -15.60
C SER A 326 23.10 39.14 -15.40
N ASN A 327 23.64 39.80 -14.39
CA ASN A 327 24.99 39.51 -13.87
C ASN A 327 25.01 38.14 -13.21
N ASP A 328 23.85 37.76 -12.70
CA ASP A 328 23.66 36.58 -11.86
C ASP A 328 23.18 35.37 -12.67
N GLU A 329 24.08 34.45 -13.00
CA GLU A 329 23.71 33.32 -13.85
C GLU A 329 22.86 32.25 -13.16
N LYS A 330 22.77 32.31 -11.83
CA LYS A 330 21.91 31.39 -11.08
C LYS A 330 20.47 31.87 -11.15
N LEU A 331 20.28 33.18 -10.98
CA LEU A 331 18.96 33.75 -11.13
C LEU A 331 18.50 33.42 -12.53
N ASP A 332 19.36 33.71 -13.50
CA ASP A 332 18.99 33.54 -14.90
C ASP A 332 18.50 32.12 -15.14
N ARG A 333 19.27 31.14 -14.70
CA ARG A 333 18.92 29.75 -15.00
C ARG A 333 17.62 29.35 -14.30
N MET A 334 17.31 29.99 -13.19
CA MET A 334 16.10 29.67 -12.45
C MET A 334 14.91 30.32 -13.15
N VAL A 335 15.03 31.61 -13.42
CA VAL A 335 13.95 32.36 -14.04
C VAL A 335 13.60 31.83 -15.41
N ASN A 336 14.61 31.52 -16.21
CA ASN A 336 14.39 31.15 -17.60
C ASN A 336 14.03 29.68 -17.78
N ILE A 337 14.70 28.81 -17.02
CA ILE A 337 14.66 27.38 -17.29
C ILE A 337 13.99 26.57 -16.19
N TRP A 338 14.67 26.44 -15.05
CA TRP A 338 14.32 25.40 -14.08
C TRP A 338 13.05 25.64 -13.29
N ASN A 339 12.77 26.89 -12.97
CA ASN A 339 11.58 27.22 -12.22
C ASN A 339 10.34 27.07 -13.12
N GLN A 340 10.48 27.47 -14.38
CA GLN A 340 9.37 27.35 -15.33
C GLN A 340 9.09 25.90 -15.69
N TYR A 341 10.15 25.12 -15.87
CA TYR A 341 10.04 23.67 -16.07
C TYR A 341 9.26 23.04 -14.91
N GLN A 342 9.68 23.33 -13.68
CA GLN A 342 9.02 22.75 -12.52
C GLN A 342 7.53 23.11 -12.46
N CYS A 343 7.17 24.33 -12.87
CA CYS A 343 5.77 24.73 -12.82
C CYS A 343 4.90 23.96 -13.81
N MET A 344 5.42 23.68 -15.00
CA MET A 344 4.72 22.84 -15.96
C MET A 344 4.53 21.45 -15.37
N VAL A 345 5.55 20.92 -14.73
CA VAL A 345 5.45 19.58 -14.17
C VAL A 345 4.35 19.53 -13.13
N THR A 346 4.33 20.47 -12.18
CA THR A 346 3.25 20.49 -11.19
C THR A 346 1.88 20.48 -11.88
N PHE A 347 1.75 21.19 -13.00
CA PHE A 347 0.49 21.18 -13.75
C PHE A 347 0.19 19.80 -14.32
N ASN A 348 1.15 19.25 -15.07
CA ASN A 348 1.00 17.95 -15.70
C ASN A 348 0.77 16.81 -14.71
N MET A 349 1.43 16.89 -13.56
CA MET A 349 1.45 15.79 -12.60
C MET A 349 0.56 16.04 -11.39
N SER A 350 0.19 17.28 -11.15
CA SER A 350 -0.55 17.62 -9.94
C SER A 350 0.32 17.24 -8.74
N ARG A 351 -0.26 16.48 -7.79
CA ARG A 351 0.51 15.94 -6.66
C ARG A 351 0.50 14.41 -6.64
N SER A 352 0.34 13.81 -7.81
CA SER A 352 0.18 12.35 -7.91
C SER A 352 1.42 11.52 -7.55
N ALA A 353 2.48 11.69 -8.32
CA ALA A 353 3.64 10.81 -8.21
C ALA A 353 4.94 11.55 -7.97
N SER A 354 5.68 11.11 -6.95
CA SER A 354 6.99 11.65 -6.64
C SER A 354 7.80 10.59 -5.88
N PHE A 355 9.11 10.79 -5.78
CA PHE A 355 9.89 9.83 -5.01
C PHE A 355 9.39 9.91 -3.57
N PHE A 356 8.73 11.01 -3.24
CA PHE A 356 8.12 11.16 -1.91
C PHE A 356 6.60 10.92 -1.91
N GLU A 357 5.86 11.51 -2.87
CA GLU A 357 4.43 11.22 -3.03
C GLU A 357 4.27 9.93 -3.82
N THR A 358 3.45 9.00 -3.32
CA THR A 358 3.53 7.62 -3.77
C THR A 358 2.59 7.19 -4.92
N GLY A 359 1.85 8.14 -5.49
CA GLY A 359 1.10 7.86 -6.71
C GLY A 359 -0.11 6.98 -6.53
N ILE A 360 -0.46 6.68 -5.29
CA ILE A 360 -1.63 5.86 -5.04
C ILE A 360 -2.89 6.72 -4.98
N GLY A 361 -2.87 7.74 -4.13
CA GLY A 361 -3.94 8.74 -4.13
C GLY A 361 -3.92 9.54 -5.41
N ARG A 362 -5.09 9.69 -6.03
CA ARG A 362 -5.19 10.35 -7.33
C ARG A 362 -5.55 11.84 -7.24
N GLY A 363 -5.89 12.30 -6.04
CA GLY A 363 -6.40 13.66 -5.87
C GLY A 363 -5.37 14.77 -5.78
N MET A 364 -5.86 16.00 -5.79
CA MET A 364 -5.04 17.19 -5.59
C MET A 364 -5.88 18.30 -4.96
N GLY A 365 -5.29 19.06 -4.05
CA GLY A 365 -6.00 20.12 -3.36
C GLY A 365 -6.60 21.14 -4.30
N PHE A 366 -7.85 21.49 -4.05
CA PHE A 366 -8.51 22.56 -4.77
C PHE A 366 -7.67 23.82 -4.69
N ARG A 367 -7.10 24.07 -3.51
CA ARG A 367 -6.30 25.27 -3.31
C ARG A 367 -5.01 25.17 -4.10
N ASP A 368 -4.52 23.94 -4.27
CA ASP A 368 -3.27 23.69 -4.97
C ASP A 368 -3.42 23.85 -6.49
N SER A 369 -4.55 23.43 -7.04
CA SER A 369 -4.85 23.70 -8.44
C SER A 369 -4.69 25.20 -8.70
N ASN A 370 -5.33 25.98 -7.86
CA ASN A 370 -5.43 27.41 -8.05
C ASN A 370 -4.08 28.12 -7.91
N GLN A 371 -3.30 27.76 -6.90
CA GLN A 371 -2.00 28.38 -6.72
C GLN A 371 -1.03 27.98 -7.83
N ASP A 372 -1.10 26.72 -8.24
CA ASP A 372 -0.27 26.19 -9.33
C ASP A 372 -0.48 26.96 -10.63
N LEU A 373 -1.74 27.32 -10.87
CA LEU A 373 -2.12 28.01 -12.09
C LEU A 373 -1.37 29.35 -12.23
N LEU A 374 -1.14 30.03 -11.12
CA LEU A 374 -0.44 31.33 -11.12
C LEU A 374 0.98 31.24 -11.66
N GLY A 375 1.56 30.04 -11.63
CA GLY A 375 2.93 29.84 -12.07
C GLY A 375 3.07 29.39 -13.51
N PHE A 376 2.02 28.83 -14.10
CA PHE A 376 2.09 28.31 -15.46
C PHE A 376 1.13 28.99 -16.42
N VAL A 377 0.44 30.02 -15.97
CA VAL A 377 -0.62 30.62 -16.78
C VAL A 377 -0.06 31.49 -17.91
N HIS A 378 1.20 31.88 -17.78
CA HIS A 378 1.89 32.62 -18.83
C HIS A 378 2.38 31.66 -19.91
N LEU A 379 2.38 30.37 -19.60
CA LEU A 379 2.89 29.37 -20.51
C LEU A 379 1.77 28.75 -21.34
N ILE A 380 0.67 28.43 -20.69
CA ILE A 380 -0.42 27.70 -21.31
C ILE A 380 -1.79 28.27 -20.93
N PRO A 381 -2.09 29.48 -21.41
CA PRO A 381 -3.31 30.17 -20.96
C PRO A 381 -4.61 29.44 -21.30
N GLU A 382 -4.71 28.83 -22.48
CA GLU A 382 -5.96 28.18 -22.89
C GLU A 382 -6.23 26.98 -22.02
N ARG A 383 -5.18 26.25 -21.70
CA ARG A 383 -5.25 25.14 -20.75
C ARG A 383 -5.65 25.65 -19.38
N ALA A 384 -4.98 26.70 -18.93
CA ALA A 384 -5.29 27.31 -17.64
C ALA A 384 -6.77 27.64 -17.59
N ARG A 385 -7.27 28.24 -18.65
CA ARG A 385 -8.66 28.66 -18.69
C ARG A 385 -9.54 27.45 -18.46
N GLU A 386 -9.18 26.33 -19.08
CA GLU A 386 -9.96 25.11 -19.02
C GLU A 386 -9.91 24.51 -17.62
N ARG A 387 -8.79 24.74 -16.94
CA ARG A 387 -8.60 24.28 -15.57
C ARG A 387 -9.52 25.06 -14.63
N ILE A 388 -9.52 26.38 -14.78
CA ILE A 388 -10.34 27.23 -13.93
C ILE A 388 -11.80 26.85 -14.03
N ILE A 389 -12.23 26.43 -15.21
CA ILE A 389 -13.62 26.04 -15.38
C ILE A 389 -13.88 24.64 -14.82
N ASP A 390 -12.92 23.74 -14.97
CA ASP A 390 -13.06 22.40 -14.42
C ASP A 390 -13.28 22.42 -12.91
N ILE A 391 -12.35 23.04 -12.20
CA ILE A 391 -12.42 23.04 -10.74
C ILE A 391 -13.65 23.78 -10.24
N ALA A 392 -13.99 24.87 -10.90
CA ALA A 392 -15.10 25.72 -10.44
C ALA A 392 -16.45 25.03 -10.59
N SER A 393 -16.53 24.00 -11.42
CA SER A 393 -17.79 23.30 -11.64
C SER A 393 -18.13 22.35 -10.49
N THR A 394 -17.13 21.98 -9.70
CA THR A 394 -17.35 21.12 -8.54
C THR A 394 -17.78 21.91 -7.30
N GLN A 395 -17.74 23.23 -7.39
CA GLN A 395 -18.01 24.09 -6.25
C GLN A 395 -19.48 24.00 -5.79
N PHE A 396 -19.68 23.83 -4.49
CA PHE A 396 -21.03 23.73 -3.93
C PHE A 396 -21.77 25.06 -4.05
N ALA A 397 -23.09 24.99 -4.14
CA ALA A 397 -23.90 26.18 -4.39
C ALA A 397 -23.81 27.22 -3.27
N ASP A 398 -23.32 26.82 -2.11
CA ASP A 398 -23.25 27.74 -0.98
C ASP A 398 -21.91 28.48 -0.90
N GLY A 399 -21.03 28.18 -1.85
CA GLY A 399 -19.75 28.86 -1.95
C GLY A 399 -18.58 27.94 -1.65
N SER A 400 -18.78 26.99 -0.77
CA SER A 400 -17.70 26.07 -0.41
C SER A 400 -17.40 25.16 -1.60
N ALA A 401 -16.27 24.50 -1.55
CA ALA A 401 -15.88 23.56 -2.60
C ALA A 401 -15.25 22.35 -1.97
N TYR A 402 -15.08 21.30 -2.76
CA TYR A 402 -14.35 20.13 -2.32
C TYR A 402 -12.93 20.53 -1.98
N HIS A 403 -12.42 20.06 -0.85
CA HIS A 403 -11.04 20.39 -0.45
C HIS A 403 -10.04 19.75 -1.37
N GLN A 404 -10.45 18.65 -1.99
CA GLN A 404 -9.60 17.96 -2.94
C GLN A 404 -10.37 17.80 -4.23
N TYR A 405 -9.66 17.96 -5.33
CA TYR A 405 -10.24 17.88 -6.66
C TYR A 405 -9.50 16.80 -7.42
N GLN A 406 -10.25 15.98 -8.17
CA GLN A 406 -9.63 14.97 -9.00
C GLN A 406 -9.52 15.52 -10.41
N PRO A 407 -8.29 15.78 -10.87
CA PRO A 407 -8.05 16.29 -12.22
C PRO A 407 -8.46 15.30 -13.30
N LEU A 408 -8.25 14.01 -13.06
CA LEU A 408 -8.58 12.98 -14.03
C LEU A 408 -10.07 12.82 -14.22
N THR A 409 -10.80 12.85 -13.10
CA THR A 409 -12.26 12.73 -13.13
C THR A 409 -12.96 14.09 -13.16
N LYS A 410 -12.21 15.16 -12.94
CA LYS A 410 -12.79 16.51 -12.97
C LYS A 410 -13.95 16.59 -11.98
N ARG A 411 -13.79 15.92 -10.84
CA ARG A 411 -14.83 15.90 -9.82
C ARG A 411 -14.20 16.15 -8.47
N GLY A 412 -14.95 16.79 -7.57
CA GLY A 412 -14.49 16.96 -6.21
C GLY A 412 -14.43 15.60 -5.52
N ASN A 413 -13.58 15.49 -4.51
CA ASN A 413 -13.51 14.28 -3.71
C ASN A 413 -14.61 14.25 -2.65
N ASN A 414 -15.50 13.25 -2.72
CA ASN A 414 -16.61 13.15 -1.78
C ASN A 414 -16.19 12.70 -0.38
N ASP A 415 -15.38 11.65 -0.30
CA ASP A 415 -14.93 11.13 0.99
C ASP A 415 -14.39 12.23 1.91
N ILE A 416 -13.51 13.09 1.39
CA ILE A 416 -13.00 14.20 2.17
C ILE A 416 -14.01 15.35 2.28
N GLY A 417 -14.78 15.58 1.23
CA GLY A 417 -15.80 16.62 1.27
C GLY A 417 -15.24 18.03 1.36
N SER A 418 -15.94 18.87 2.12
CA SER A 418 -15.66 20.31 2.14
C SER A 418 -15.08 20.74 3.50
N GLY A 419 -15.38 21.95 3.96
CA GLY A 419 -15.03 22.36 5.31
C GLY A 419 -13.79 23.24 5.53
N PHE A 420 -12.87 23.26 4.57
CA PHE A 420 -11.64 24.05 4.70
C PHE A 420 -11.88 25.47 4.19
N ASN A 421 -12.12 26.40 5.11
CA ASN A 421 -12.71 27.68 4.74
C ASN A 421 -11.79 28.65 3.99
N ASP A 422 -10.56 28.24 3.70
CA ASP A 422 -9.71 29.08 2.86
C ASP A 422 -9.84 28.66 1.41
N ASP A 423 -10.39 27.48 1.18
CA ASP A 423 -10.39 26.91 -0.16
C ASP A 423 -11.11 27.79 -1.18
N PRO A 424 -12.32 28.29 -0.85
CA PRO A 424 -13.13 29.09 -1.77
C PRO A 424 -12.45 30.33 -2.37
N LEU A 425 -11.84 31.18 -1.55
CA LEU A 425 -11.21 32.39 -2.07
C LEU A 425 -10.12 32.07 -3.08
N TRP A 426 -9.57 30.86 -3.03
CA TRP A 426 -8.51 30.49 -3.96
C TRP A 426 -9.01 30.47 -5.43
N LEU A 427 -10.29 30.21 -5.65
CA LEU A 427 -10.84 30.26 -7.01
C LEU A 427 -10.82 31.69 -7.59
N ILE A 428 -10.96 32.70 -6.73
CA ILE A 428 -10.86 34.09 -7.19
C ILE A 428 -9.43 34.41 -7.57
N ALA A 429 -8.49 33.88 -6.80
CA ALA A 429 -7.08 34.12 -7.04
C ALA A 429 -6.71 33.59 -8.43
N GLY A 430 -7.24 32.40 -8.74
CA GLY A 430 -7.03 31.79 -10.03
C GLY A 430 -7.64 32.57 -11.19
N THR A 431 -8.90 32.98 -11.05
CA THR A 431 -9.59 33.73 -12.10
C THR A 431 -8.89 35.07 -12.36
N ALA A 432 -8.77 35.89 -11.33
CA ALA A 432 -8.12 37.20 -11.44
C ALA A 432 -6.78 37.11 -12.16
N ALA A 433 -5.91 36.19 -11.74
CA ALA A 433 -4.60 36.10 -12.36
C ALA A 433 -4.73 35.70 -13.83
N TYR A 434 -5.49 34.65 -14.10
CA TYR A 434 -5.66 34.22 -15.47
C TYR A 434 -6.07 35.37 -16.37
N ILE A 435 -6.92 36.26 -15.86
CA ILE A 435 -7.47 37.33 -16.66
C ILE A 435 -6.49 38.49 -16.81
N LYS A 436 -5.74 38.78 -15.75
CA LYS A 436 -4.71 39.80 -15.85
C LYS A 436 -3.71 39.40 -16.91
N GLU A 437 -3.44 38.11 -16.98
CA GLU A 437 -2.43 37.57 -17.88
C GLU A 437 -2.88 37.66 -19.34
N THR A 438 -4.16 37.40 -19.58
CA THR A 438 -4.66 37.23 -20.94
C THR A 438 -5.59 38.35 -21.38
N GLY A 439 -6.32 38.92 -20.43
CA GLY A 439 -7.29 39.95 -20.72
C GLY A 439 -8.59 39.36 -21.19
N ASP A 440 -8.70 38.05 -21.01
CA ASP A 440 -9.90 37.31 -21.38
C ASP A 440 -10.95 37.36 -20.27
N PHE A 441 -11.68 38.48 -20.22
CA PHE A 441 -12.77 38.67 -19.24
C PHE A 441 -13.97 37.82 -19.64
N SER A 442 -13.90 37.24 -20.83
CA SER A 442 -15.00 36.46 -21.37
C SER A 442 -15.28 35.30 -20.43
N ILE A 443 -14.22 34.77 -19.84
CA ILE A 443 -14.35 33.62 -18.96
C ILE A 443 -15.37 33.87 -17.85
N LEU A 444 -15.39 35.11 -17.33
CA LEU A 444 -16.33 35.48 -16.28
C LEU A 444 -17.78 35.26 -16.72
N ASP A 445 -18.00 35.26 -18.03
CA ASP A 445 -19.34 35.10 -18.58
C ASP A 445 -19.66 33.64 -18.86
N GLU A 446 -18.67 32.77 -18.71
CA GLU A 446 -18.84 31.36 -19.01
C GLU A 446 -19.78 30.67 -18.02
N PRO A 447 -20.65 29.78 -18.53
CA PRO A 447 -21.56 29.04 -17.65
C PRO A 447 -20.84 27.95 -16.88
N VAL A 448 -21.08 27.90 -15.57
CA VAL A 448 -20.44 26.91 -14.70
C VAL A 448 -21.46 26.33 -13.73
N PRO A 449 -21.49 25.01 -13.60
CA PRO A 449 -22.45 24.39 -12.69
C PRO A 449 -21.95 24.43 -11.26
N PHE A 450 -22.83 24.15 -10.31
CA PHE A 450 -22.40 23.91 -8.94
C PHE A 450 -22.40 22.42 -8.69
N ASP A 451 -21.29 21.90 -8.19
CA ASP A 451 -21.17 20.47 -7.90
C ASP A 451 -21.53 19.61 -9.11
N ASN A 452 -21.08 20.04 -10.28
CA ASN A 452 -21.27 19.27 -11.51
C ASN A 452 -22.71 18.85 -11.76
N GLU A 453 -23.66 19.71 -11.42
CA GLU A 453 -25.07 19.38 -11.59
C GLU A 453 -25.64 20.05 -12.83
N PRO A 454 -26.00 19.25 -13.84
CA PRO A 454 -26.57 19.81 -15.07
C PRO A 454 -27.78 20.67 -14.76
N GLY A 455 -27.90 21.80 -15.43
CA GLY A 455 -29.02 22.70 -15.23
C GLY A 455 -28.84 23.66 -14.07
N SER A 456 -27.73 23.54 -13.35
CA SER A 456 -27.44 24.44 -12.23
C SER A 456 -26.46 25.53 -12.66
N GLU A 457 -25.96 25.43 -13.89
CA GLU A 457 -24.96 26.33 -14.42
C GLU A 457 -25.31 27.81 -14.20
N VAL A 458 -24.32 28.58 -13.72
CA VAL A 458 -24.44 30.03 -13.63
C VAL A 458 -23.18 30.66 -14.21
N PRO A 459 -23.21 31.96 -14.52
CA PRO A 459 -21.97 32.53 -15.04
C PRO A 459 -20.83 32.36 -14.03
N LEU A 460 -19.60 32.22 -14.51
CA LEU A 460 -18.47 32.00 -13.62
C LEU A 460 -18.38 33.10 -12.55
N PHE A 461 -18.69 34.33 -12.93
CA PHE A 461 -18.59 35.41 -11.95
C PHE A 461 -19.43 35.13 -10.72
N GLU A 462 -20.57 34.48 -10.92
CA GLU A 462 -21.46 34.20 -9.79
C GLU A 462 -20.78 33.21 -8.84
N HIS A 463 -19.93 32.34 -9.37
CA HIS A 463 -19.15 31.43 -8.53
C HIS A 463 -18.19 32.19 -7.64
N LEU A 464 -17.53 33.19 -8.19
CA LEU A 464 -16.64 34.04 -7.40
C LEU A 464 -17.43 34.73 -6.29
N THR A 465 -18.66 35.14 -6.61
CA THR A 465 -19.55 35.77 -5.65
C THR A 465 -19.90 34.79 -4.53
N ARG A 466 -20.19 33.54 -4.88
CA ARG A 466 -20.44 32.53 -3.86
C ARG A 466 -19.22 32.45 -2.95
N SER A 467 -18.04 32.35 -3.57
CA SER A 467 -16.79 32.26 -2.82
C SER A 467 -16.58 33.46 -1.93
N PHE A 468 -16.88 34.64 -2.44
CA PHE A 468 -16.69 35.86 -1.66
C PHE A 468 -17.64 35.90 -0.49
N GLU A 469 -18.91 35.57 -0.76
CA GLU A 469 -19.96 35.72 0.24
C GLU A 469 -19.84 34.63 1.29
N PHE A 470 -19.23 33.51 0.92
CA PHE A 470 -19.06 32.43 1.87
C PHE A 470 -18.28 32.92 3.08
N THR A 471 -17.20 33.67 2.87
CA THR A 471 -16.42 34.20 3.97
C THR A 471 -17.20 35.26 4.75
N VAL A 472 -17.95 36.09 4.04
CA VAL A 472 -18.74 37.13 4.69
C VAL A 472 -19.73 36.52 5.69
N THR A 473 -20.37 35.42 5.32
CA THR A 473 -21.36 34.82 6.20
C THR A 473 -20.78 33.79 7.18
N HIS A 474 -19.50 33.46 7.04
CA HIS A 474 -18.84 32.55 7.98
C HIS A 474 -17.71 33.22 8.74
N ARG A 475 -18.06 34.19 9.58
CA ARG A 475 -17.06 34.84 10.42
C ARG A 475 -17.34 34.58 11.89
N GLY A 476 -16.33 34.83 12.72
CA GLY A 476 -16.44 34.55 14.14
C GLY A 476 -16.74 35.81 14.91
N PRO A 477 -16.59 35.73 16.23
CA PRO A 477 -16.86 36.83 17.16
C PRO A 477 -16.04 38.08 16.87
N HIS A 478 -14.82 37.91 16.34
CA HIS A 478 -13.95 39.05 16.05
C HIS A 478 -14.13 39.58 14.62
N GLY A 479 -14.96 38.90 13.83
CA GLY A 479 -15.21 39.29 12.46
C GLY A 479 -14.20 38.67 11.51
N LEU A 480 -13.46 37.68 12.01
CA LEU A 480 -12.50 36.97 11.19
C LEU A 480 -13.14 35.69 10.73
N PRO A 481 -12.75 35.21 9.55
CA PRO A 481 -13.37 34.00 9.01
C PRO A 481 -13.21 32.78 9.93
N LEU A 482 -14.26 31.99 10.06
CA LEU A 482 -14.20 30.75 10.81
C LEU A 482 -13.21 29.85 10.10
N ILE A 483 -12.34 29.18 10.84
CA ILE A 483 -11.31 28.39 10.19
C ILE A 483 -11.85 27.10 9.59
N GLY A 484 -12.91 26.54 10.18
CA GLY A 484 -13.37 25.23 9.76
C GLY A 484 -12.31 24.20 10.09
N ARG A 485 -12.19 23.17 9.27
CA ARG A 485 -11.25 22.09 9.53
C ARG A 485 -9.80 22.56 9.50
N ALA A 486 -9.51 23.43 8.54
CA ALA A 486 -8.19 24.04 8.44
C ALA A 486 -8.21 25.16 7.42
N ASP A 487 -7.20 26.02 7.48
CA ASP A 487 -6.96 26.98 6.42
C ASP A 487 -5.74 26.47 5.68
N TRP A 488 -5.07 27.34 4.93
CA TRP A 488 -3.98 26.90 4.07
C TRP A 488 -3.16 25.82 4.78
N ASN A 489 -2.84 26.07 6.05
CA ASN A 489 -2.09 25.12 6.88
C ASN A 489 -2.97 23.95 7.26
N ASP A 490 -2.78 22.81 6.59
CA ASP A 490 -3.63 21.65 6.82
C ASP A 490 -3.50 21.08 8.22
N CYS A 491 -2.38 21.33 8.89
CA CYS A 491 -2.14 20.72 10.19
C CYS A 491 -2.67 21.61 11.32
N LEU A 492 -3.32 22.72 10.98
CA LEU A 492 -3.95 23.56 11.99
C LEU A 492 -5.42 23.19 12.14
N ASN A 493 -5.69 22.14 12.91
CA ASN A 493 -7.05 21.62 13.07
C ASN A 493 -7.64 21.94 14.44
N LEU A 494 -8.48 22.97 14.48
CA LEU A 494 -8.98 23.52 15.73
C LEU A 494 -10.33 22.92 16.11
N ASN A 495 -10.91 22.17 15.20
CA ASN A 495 -12.16 21.48 15.49
C ASN A 495 -11.97 19.96 15.39
N CYS A 496 -10.79 19.47 15.77
CA CYS A 496 -10.51 18.03 15.69
C CYS A 496 -10.60 17.35 17.06
N PHE A 497 -9.84 17.86 18.03
CA PHE A 497 -9.82 17.29 19.38
C PHE A 497 -9.71 15.76 19.38
N SER A 498 -8.66 15.21 18.78
CA SER A 498 -8.51 13.76 18.67
C SER A 498 -7.41 13.18 19.57
N THR A 499 -7.67 11.96 20.03
CA THR A 499 -6.77 11.26 20.95
C THR A 499 -6.68 9.81 20.51
N THR A 500 -7.18 9.56 19.30
CA THR A 500 -7.30 8.21 18.77
C THR A 500 -6.48 8.09 17.49
N PRO A 501 -5.36 7.35 17.55
CA PRO A 501 -4.49 7.19 16.38
C PRO A 501 -5.26 6.62 15.19
N GLY A 502 -5.23 7.30 14.04
CA GLY A 502 -5.88 6.79 12.85
C GLY A 502 -7.18 7.49 12.50
N GLU A 503 -7.57 8.45 13.34
CA GLU A 503 -8.63 9.36 12.95
C GLU A 503 -7.97 10.43 12.09
N SER A 504 -8.67 10.92 11.07
CA SER A 504 -8.05 11.90 10.17
C SER A 504 -8.02 13.28 10.81
N PHE A 505 -6.83 13.83 10.99
CA PHE A 505 -6.70 15.14 11.59
C PHE A 505 -7.51 16.24 10.91
N GLN A 506 -7.68 16.13 9.59
CA GLN A 506 -8.29 17.21 8.81
C GLN A 506 -9.81 17.11 8.70
N THR A 507 -10.35 15.92 8.91
CA THR A 507 -11.76 15.66 8.62
C THR A 507 -12.57 15.36 9.88
N THR A 508 -11.99 14.59 10.79
CA THR A 508 -12.71 14.18 11.99
C THR A 508 -12.88 15.38 12.91
N GLU A 509 -14.10 15.59 13.38
CA GLU A 509 -14.38 16.70 14.28
C GLU A 509 -15.09 16.17 15.51
N ASN A 510 -14.39 16.16 16.64
CA ASN A 510 -14.90 15.53 17.86
C ASN A 510 -15.70 16.48 18.74
N GLN A 511 -15.63 17.77 18.43
CA GLN A 511 -16.48 18.80 19.04
C GLN A 511 -17.24 19.50 17.90
N ALA A 512 -18.56 19.58 18.04
CA ALA A 512 -19.43 20.09 16.97
C ALA A 512 -19.33 21.57 16.57
N GLY A 513 -19.22 22.48 17.53
CA GLY A 513 -19.27 23.90 17.21
C GLY A 513 -18.02 24.75 17.39
N GLY A 514 -18.03 25.62 18.39
CA GLY A 514 -16.90 26.48 18.66
C GLY A 514 -16.85 27.80 17.89
N VAL A 515 -15.76 28.54 18.11
CA VAL A 515 -15.55 29.82 17.44
C VAL A 515 -14.15 29.97 16.81
N ALA A 516 -13.58 28.88 16.28
CA ALA A 516 -12.20 28.94 15.76
C ALA A 516 -12.08 29.87 14.54
N GLU A 517 -11.21 30.88 14.66
CA GLU A 517 -10.98 31.86 13.61
C GLU A 517 -9.57 31.78 13.08
N SER A 518 -9.36 32.27 11.87
CA SER A 518 -8.04 32.23 11.23
C SER A 518 -7.71 33.61 10.69
N THR A 519 -6.52 34.09 11.03
CA THR A 519 -6.07 35.37 10.53
C THR A 519 -5.61 35.22 9.07
N PHE A 520 -5.18 34.03 8.69
CA PHE A 520 -4.71 33.84 7.31
C PHE A 520 -5.84 33.94 6.29
N ILE A 521 -7.02 33.41 6.60
CA ILE A 521 -8.13 33.52 5.66
C ILE A 521 -8.55 34.97 5.61
N ALA A 522 -8.39 35.64 6.75
CA ALA A 522 -8.69 37.07 6.86
C ALA A 522 -7.84 37.85 5.87
N ALA A 523 -6.52 37.64 5.93
CA ALA A 523 -5.59 38.30 5.04
C ALA A 523 -5.90 37.94 3.58
N GLN A 524 -6.22 36.68 3.35
CA GLN A 524 -6.63 36.18 2.05
C GLN A 524 -7.93 36.83 1.54
N PHE A 525 -8.84 37.16 2.47
CA PHE A 525 -10.12 37.79 2.15
C PHE A 525 -9.93 39.24 1.71
N VAL A 526 -8.99 39.92 2.36
CA VAL A 526 -8.65 41.28 1.99
C VAL A 526 -7.97 41.26 0.64
N LEU A 527 -7.06 40.31 0.44
CA LEU A 527 -6.29 40.26 -0.80
C LEU A 527 -7.16 39.87 -1.99
N TYR A 528 -7.79 38.71 -1.91
CA TYR A 528 -8.65 38.22 -2.99
C TYR A 528 -10.07 38.77 -2.91
N GLY A 529 -10.38 39.45 -1.81
CA GLY A 529 -11.63 40.17 -1.70
C GLY A 529 -11.59 41.40 -2.61
N GLU A 530 -10.46 42.10 -2.62
CA GLU A 530 -10.29 43.29 -3.43
C GLU A 530 -10.15 42.95 -4.92
N GLN A 531 -9.62 41.77 -5.22
CA GLN A 531 -9.50 41.36 -6.61
C GLN A 531 -10.90 41.11 -7.14
N TYR A 532 -11.70 40.46 -6.32
CA TYR A 532 -13.10 40.22 -6.64
C TYR A 532 -13.86 41.53 -6.81
N ALA A 533 -13.59 42.50 -5.95
CA ALA A 533 -14.25 43.80 -6.05
C ALA A 533 -13.87 44.47 -7.37
N GLU A 534 -12.59 44.35 -7.75
CA GLU A 534 -12.11 44.88 -9.02
C GLU A 534 -12.83 44.26 -10.21
N LEU A 535 -13.04 42.94 -10.16
CA LEU A 535 -13.71 42.22 -11.25
C LEU A 535 -15.20 42.56 -11.35
N ALA A 536 -15.85 42.79 -10.21
CA ALA A 536 -17.27 43.12 -10.21
C ALA A 536 -17.48 44.54 -10.73
N ALA A 537 -16.60 45.44 -10.32
CA ALA A 537 -16.64 46.83 -10.76
C ALA A 537 -16.44 46.97 -12.27
N ARG A 538 -15.41 46.31 -12.79
CA ARG A 538 -15.16 46.33 -14.24
C ARG A 538 -16.35 45.73 -14.96
N ARG A 539 -16.89 44.70 -14.34
CA ARG A 539 -18.04 44.00 -14.87
C ARG A 539 -19.27 44.89 -14.94
N GLY A 540 -19.22 46.04 -14.29
CA GLY A 540 -20.35 46.96 -14.26
C GLY A 540 -21.21 46.84 -13.01
N LEU A 541 -20.87 45.89 -12.15
CA LEU A 541 -21.59 45.71 -10.87
C LEU A 541 -20.99 46.61 -9.81
N ALA A 542 -21.24 47.91 -9.92
CA ALA A 542 -20.67 48.90 -9.02
C ALA A 542 -21.14 48.71 -7.59
N ASP A 543 -22.42 48.38 -7.44
CA ASP A 543 -23.01 48.21 -6.13
C ASP A 543 -22.36 47.03 -5.41
N VAL A 544 -22.24 45.92 -6.10
CA VAL A 544 -21.60 44.73 -5.55
C VAL A 544 -20.17 45.03 -5.13
N ALA A 545 -19.48 45.85 -5.93
CA ALA A 545 -18.06 46.13 -5.71
C ALA A 545 -17.82 46.99 -4.48
N ASP A 546 -18.49 48.14 -4.39
CA ASP A 546 -18.30 49.05 -3.27
C ASP A 546 -18.65 48.34 -1.98
N ARG A 547 -19.59 47.42 -2.09
CA ARG A 547 -20.10 46.66 -0.97
C ARG A 547 -19.09 45.62 -0.52
N ALA A 548 -18.40 45.02 -1.49
CA ALA A 548 -17.37 44.02 -1.19
C ALA A 548 -16.12 44.72 -0.68
N ARG A 549 -15.91 45.95 -1.15
CA ARG A 549 -14.83 46.79 -0.66
C ARG A 549 -15.11 47.06 0.81
N GLY A 550 -16.39 47.26 1.10
CA GLY A 550 -16.83 47.53 2.47
C GLY A 550 -16.47 46.40 3.41
N HIS A 551 -16.73 45.16 2.99
CA HIS A 551 -16.35 44.01 3.79
C HIS A 551 -14.83 43.93 3.90
N VAL A 552 -14.15 44.05 2.77
CA VAL A 552 -12.69 44.00 2.77
C VAL A 552 -12.13 45.00 3.78
N ALA A 553 -12.71 46.20 3.84
CA ALA A 553 -12.23 47.23 4.77
C ALA A 553 -12.53 46.80 6.20
N GLU A 554 -13.66 46.13 6.40
CA GLU A 554 -13.99 45.60 7.70
C GLU A 554 -12.98 44.55 8.16
N MET A 555 -12.52 43.72 7.22
CA MET A 555 -11.59 42.65 7.55
C MET A 555 -10.21 43.22 7.81
N ARG A 556 -9.95 44.35 7.18
CA ARG A 556 -8.69 45.05 7.33
C ARG A 556 -8.61 45.59 8.75
N ASP A 557 -9.72 46.18 9.21
CA ASP A 557 -9.85 46.67 10.58
C ASP A 557 -9.64 45.54 11.58
N ALA A 558 -10.35 44.44 11.38
CA ALA A 558 -10.29 43.30 12.30
C ALA A 558 -8.86 42.79 12.46
N LEU A 559 -8.16 42.59 11.36
CA LEU A 559 -6.77 42.12 11.40
C LEU A 559 -5.88 43.03 12.23
N LEU A 560 -6.03 44.34 12.07
CA LEU A 560 -5.13 45.29 12.72
C LEU A 560 -5.47 45.51 14.19
N THR A 561 -6.57 44.91 14.64
CA THR A 561 -6.98 45.03 16.03
C THR A 561 -7.08 43.63 16.65
N ASP A 562 -8.24 43.00 16.53
CA ASP A 562 -8.43 41.65 17.03
C ASP A 562 -7.45 40.62 16.43
N GLY A 563 -6.72 41.00 15.39
CA GLY A 563 -5.85 40.07 14.70
C GLY A 563 -4.38 40.35 14.96
N TRP A 564 -4.11 41.41 15.71
CA TRP A 564 -2.76 41.92 15.91
C TRP A 564 -2.30 41.65 17.35
N ASP A 565 -1.10 41.10 17.52
CA ASP A 565 -0.62 40.74 18.86
C ASP A 565 0.29 41.80 19.47
N GLY A 566 0.65 42.80 18.68
CA GLY A 566 1.51 43.87 19.14
C GLY A 566 2.72 44.09 18.25
N SER A 567 3.38 43.00 17.86
CA SER A 567 4.57 43.10 17.01
C SER A 567 4.46 42.16 15.82
N TRP A 568 3.28 41.60 15.63
CA TRP A 568 3.03 40.66 14.55
C TRP A 568 1.57 40.26 14.65
N PHE A 569 1.06 39.57 13.64
CA PHE A 569 -0.34 39.16 13.66
C PHE A 569 -0.51 37.82 14.38
N LEU A 570 -1.62 37.67 15.09
CA LEU A 570 -1.97 36.39 15.69
C LEU A 570 -2.24 35.43 14.55
N ARG A 571 -2.11 34.14 14.81
CA ARG A 571 -2.35 33.13 13.77
C ARG A 571 -3.83 32.74 13.71
N ALA A 572 -4.51 32.71 14.84
CA ALA A 572 -5.87 32.21 14.83
C ALA A 572 -6.55 32.39 16.19
N TYR A 573 -7.83 32.10 16.20
CA TYR A 573 -8.61 32.01 17.43
C TYR A 573 -9.16 30.60 17.46
N ASP A 574 -9.03 29.95 18.63
CA ASP A 574 -9.38 28.54 18.76
C ASP A 574 -10.86 28.31 19.02
N TYR A 575 -11.21 27.07 19.33
CA TYR A 575 -12.59 26.66 19.53
C TYR A 575 -13.24 27.43 20.68
N TYR A 576 -12.47 27.67 21.73
CA TYR A 576 -12.97 28.38 22.91
C TYR A 576 -12.65 29.87 22.87
N GLY A 577 -12.05 30.33 21.78
CA GLY A 577 -11.77 31.74 21.58
C GLY A 577 -10.43 32.28 22.07
N ASN A 578 -9.62 31.44 22.69
CA ASN A 578 -8.28 31.84 23.10
C ASN A 578 -7.34 31.98 21.90
N PRO A 579 -6.45 32.99 21.96
CA PRO A 579 -5.55 33.26 20.83
C PRO A 579 -4.47 32.20 20.55
N ILE A 580 -4.14 32.04 19.27
CA ILE A 580 -3.06 31.16 18.86
C ILE A 580 -2.06 31.99 18.06
N GLY A 581 -0.79 31.92 18.45
CA GLY A 581 0.24 32.71 17.82
C GLY A 581 0.42 34.03 18.53
N THR A 582 0.59 33.98 19.84
CA THR A 582 0.76 35.18 20.64
C THR A 582 2.01 35.11 21.52
N ASP A 583 2.71 36.24 21.68
CA ASP A 583 3.85 36.32 22.58
C ASP A 583 3.48 35.96 24.02
N ALA A 584 2.20 36.01 24.36
CA ALA A 584 1.77 35.64 25.70
C ALA A 584 2.06 34.16 25.99
N HIS A 585 2.07 33.34 24.95
CA HIS A 585 2.30 31.89 25.07
C HIS A 585 3.78 31.51 25.05
N ASP A 586 4.07 30.23 25.27
CA ASP A 586 5.45 29.73 25.30
C ASP A 586 5.92 29.18 23.96
N GLU A 587 5.03 28.46 23.29
CA GLU A 587 5.35 27.87 22.00
C GLU A 587 4.45 28.47 20.93
N GLY A 588 4.92 28.44 19.68
CA GLY A 588 4.14 28.94 18.58
C GLY A 588 3.75 30.38 18.80
N LYS A 589 4.71 31.15 19.31
CA LYS A 589 4.53 32.57 19.51
C LYS A 589 4.23 33.29 18.22
N ILE A 590 4.83 32.82 17.12
CA ILE A 590 4.66 33.51 15.86
C ILE A 590 4.64 32.57 14.67
N TRP A 591 3.63 32.76 13.83
CA TRP A 591 3.43 31.94 12.64
C TRP A 591 3.60 32.81 11.42
N ILE A 592 4.12 32.21 10.35
CA ILE A 592 4.57 32.97 9.20
C ILE A 592 3.45 33.34 8.20
N GLU A 593 2.45 32.47 8.08
CA GLU A 593 1.45 32.64 7.03
C GLU A 593 0.75 34.00 7.06
N PRO A 594 0.24 34.40 8.24
CA PRO A 594 -0.54 35.65 8.33
C PRO A 594 0.35 36.88 8.24
N GLN A 595 1.64 36.73 8.51
CA GLN A 595 2.54 37.87 8.43
C GLN A 595 2.76 38.20 6.97
N GLY A 596 3.03 37.18 6.17
CA GLY A 596 3.30 37.35 4.76
C GLY A 596 2.07 37.68 3.93
N PHE A 597 0.99 36.94 4.13
CA PHE A 597 -0.16 37.14 3.26
C PHE A 597 -0.82 38.48 3.57
N ALA A 598 -0.79 38.89 4.83
CA ALA A 598 -1.45 40.13 5.24
C ALA A 598 -0.72 41.37 4.69
N VAL A 599 0.61 41.35 4.67
CA VAL A 599 1.37 42.47 4.13
C VAL A 599 1.39 42.40 2.61
N MET A 600 1.26 41.18 2.09
CA MET A 600 1.02 41.00 0.67
C MET A 600 -0.20 41.81 0.26
N ALA A 601 -1.10 42.04 1.21
CA ALA A 601 -2.36 42.72 0.94
C ALA A 601 -2.37 44.16 1.48
N GLY A 602 -1.20 44.70 1.77
CA GLY A 602 -1.07 46.08 2.19
C GLY A 602 -1.54 46.37 3.60
N VAL A 603 -2.01 45.35 4.31
CA VAL A 603 -2.47 45.56 5.67
C VAL A 603 -1.28 45.93 6.54
N GLY A 604 -1.36 47.10 7.18
CA GLY A 604 -0.28 47.57 8.04
C GLY A 604 0.86 48.32 7.36
N VAL A 605 0.89 48.32 6.02
CA VAL A 605 1.96 49.01 5.31
C VAL A 605 1.87 50.51 5.56
N GLY A 606 2.94 51.08 6.11
CA GLY A 606 2.99 52.52 6.36
C GLY A 606 3.49 53.33 5.18
N GLU A 607 4.30 54.34 5.47
CA GLU A 607 4.80 55.28 4.47
C GLU A 607 5.96 54.70 3.67
N GLY A 608 6.80 53.91 4.33
CA GLY A 608 7.99 53.39 3.69
C GLY A 608 8.72 52.37 4.55
N PRO A 609 9.80 51.82 4.02
CA PRO A 609 10.70 50.89 4.71
C PRO A 609 11.21 51.51 5.99
N GLN A 610 11.16 52.84 6.04
CA GLN A 610 11.60 53.61 7.18
C GLN A 610 10.51 53.71 8.26
N ASP A 611 9.27 53.46 7.87
CA ASP A 611 8.14 53.54 8.79
C ASP A 611 8.15 52.32 9.71
N THR A 612 8.93 52.40 10.78
CA THR A 612 9.16 51.24 11.65
C THR A 612 8.06 51.06 12.69
N ASP A 613 7.08 51.96 12.71
CA ASP A 613 5.93 51.80 13.58
C ASP A 613 4.80 51.11 12.82
N ALA A 614 4.98 50.98 11.51
CA ALA A 614 4.00 50.31 10.68
C ALA A 614 3.94 48.84 11.07
N PRO A 615 2.75 48.34 11.46
CA PRO A 615 2.60 46.94 11.88
C PRO A 615 3.20 46.00 10.85
N ALA A 616 2.94 46.25 9.58
CA ALA A 616 3.52 45.43 8.52
C ALA A 616 5.03 45.34 8.67
N ILE A 617 5.68 46.43 9.08
CA ILE A 617 7.12 46.40 9.29
C ILE A 617 7.48 45.68 10.61
N LYS A 618 6.68 45.89 11.65
CA LYS A 618 6.91 45.21 12.91
C LYS A 618 6.82 43.71 12.71
N ALA A 619 5.78 43.29 12.00
CA ALA A 619 5.55 41.90 11.69
C ALA A 619 6.72 41.34 10.92
N LEU A 620 7.09 42.00 9.82
CA LEU A 620 8.21 41.54 9.00
C LEU A 620 9.55 41.54 9.75
N ASP A 621 9.71 42.45 10.72
CA ASP A 621 10.93 42.45 11.54
C ASP A 621 10.90 41.31 12.54
N SER A 622 9.71 41.01 13.05
CA SER A 622 9.52 39.86 13.92
C SER A 622 9.81 38.57 13.17
N VAL A 623 9.36 38.49 11.91
CA VAL A 623 9.57 37.30 11.10
C VAL A 623 11.05 37.10 10.87
N ASN A 624 11.79 38.21 10.81
CA ASN A 624 13.22 38.13 10.55
C ASN A 624 13.99 37.69 11.80
N GLU A 625 13.59 38.20 12.97
CA GLU A 625 14.33 37.93 14.19
C GLU A 625 14.05 36.53 14.73
N MET A 626 12.84 36.03 14.51
CA MET A 626 12.39 34.80 15.17
C MET A 626 12.17 33.60 14.25
N LEU A 627 12.02 33.83 12.95
CA LEU A 627 11.68 32.74 12.04
C LEU A 627 12.73 32.46 10.95
N ALA A 628 13.51 33.46 10.56
CA ALA A 628 14.44 33.31 9.43
C ALA A 628 15.78 32.70 9.81
N THR A 629 16.14 31.65 9.08
CA THR A 629 17.43 30.97 9.24
C THR A 629 18.17 30.93 7.90
N ASP A 630 19.45 30.55 7.92
CA ASP A 630 20.26 30.55 6.70
C ASP A 630 19.58 29.72 5.61
N HIS A 631 18.72 28.79 6.03
CA HIS A 631 18.09 27.87 5.10
C HIS A 631 16.67 28.28 4.67
N GLY A 632 16.20 29.44 5.15
CA GLY A 632 14.83 29.86 4.93
C GLY A 632 14.09 30.22 6.21
N MET A 633 12.85 30.68 6.12
CA MET A 633 12.06 31.01 7.30
C MET A 633 11.18 29.84 7.78
N VAL A 634 11.24 29.59 9.09
CA VAL A 634 10.52 28.48 9.69
C VAL A 634 9.04 28.87 9.81
N LEU A 635 8.17 27.85 9.86
CA LEU A 635 6.71 28.04 9.89
C LEU A 635 6.16 28.74 11.14
N GLN A 636 6.57 28.28 12.32
CA GLN A 636 6.28 29.04 13.55
C GLN A 636 7.36 28.80 14.59
N TYR A 637 7.37 29.63 15.63
CA TYR A 637 8.42 29.52 16.62
C TYR A 637 7.97 30.08 17.97
N PRO A 638 8.37 29.41 19.06
CA PRO A 638 9.06 28.12 19.07
C PRO A 638 8.15 26.98 18.59
N ALA A 639 8.72 25.88 18.12
CA ALA A 639 7.90 24.74 17.71
C ALA A 639 7.31 24.03 18.94
N TYR A 640 6.16 23.39 18.74
CA TYR A 640 5.50 22.67 19.84
C TYR A 640 6.26 21.41 20.26
N THR A 641 6.61 21.35 21.54
CA THR A 641 7.38 20.23 22.08
C THR A 641 6.50 19.15 22.73
N THR A 642 5.25 19.49 23.04
CA THR A 642 4.28 18.48 23.50
C THR A 642 3.05 18.56 22.61
N TYR A 643 2.21 17.53 22.65
CA TYR A 643 1.04 17.48 21.76
C TYR A 643 -0.02 18.44 22.28
N GLN A 644 -0.60 19.21 21.37
CA GLN A 644 -1.65 20.15 21.70
C GLN A 644 -2.95 19.63 21.10
N VAL A 645 -3.78 18.99 21.92
CA VAL A 645 -4.95 18.27 21.43
C VAL A 645 -5.95 19.22 20.77
N HIS A 646 -5.88 20.49 21.15
CA HIS A 646 -6.83 21.48 20.66
C HIS A 646 -6.42 22.01 19.28
N MET A 647 -5.26 21.59 18.81
CA MET A 647 -4.69 22.17 17.60
C MET A 647 -4.41 21.17 16.48
N GLY A 648 -4.92 19.94 16.62
CA GLY A 648 -4.84 18.98 15.54
C GLY A 648 -3.47 18.38 15.25
N GLU A 649 -3.08 18.38 13.97
CA GLU A 649 -1.88 17.67 13.56
C GLU A 649 -0.60 18.47 13.76
N VAL A 650 -0.70 19.79 13.85
CA VAL A 650 0.51 20.60 13.82
C VAL A 650 1.55 20.14 14.84
N SER A 651 1.13 19.69 16.02
CA SER A 651 2.10 19.40 17.07
C SER A 651 2.52 17.93 17.13
N THR A 652 2.04 17.13 16.18
CA THR A 652 2.41 15.72 16.14
C THR A 652 3.79 15.55 15.53
N TYR A 653 4.22 16.56 14.78
CA TYR A 653 5.56 16.61 14.20
C TYR A 653 6.61 17.01 15.24
N PRO A 654 7.78 16.35 15.23
CA PRO A 654 8.90 16.76 16.08
C PRO A 654 9.48 18.11 15.65
N PRO A 655 9.80 18.97 16.63
CA PRO A 655 10.32 20.31 16.34
C PRO A 655 11.28 20.35 15.15
N GLY A 656 10.98 21.24 14.20
CA GLY A 656 11.86 21.46 13.06
C GLY A 656 11.41 20.72 11.81
N TYR A 657 10.26 20.08 11.88
CA TYR A 657 9.81 19.27 10.75
C TYR A 657 8.39 19.65 10.27
N LYS A 658 8.26 19.80 8.96
CA LYS A 658 6.97 20.11 8.32
C LYS A 658 6.34 21.34 8.94
N GLU A 659 5.08 21.18 9.34
CA GLU A 659 4.27 22.29 9.81
C GLU A 659 4.60 22.72 11.24
N ASN A 660 5.39 21.91 11.95
CA ASN A 660 5.88 22.29 13.28
C ASN A 660 7.34 22.72 13.26
N GLY A 661 7.60 23.94 12.80
CA GLY A 661 8.95 24.49 12.85
C GLY A 661 9.79 24.08 11.67
N GLY A 662 9.16 23.41 10.71
CA GLY A 662 9.83 23.14 9.45
C GLY A 662 9.86 24.43 8.67
N ILE A 663 10.73 24.48 7.67
CA ILE A 663 10.73 25.60 6.77
C ILE A 663 9.85 25.18 5.61
N PHE A 664 8.61 25.65 5.62
CA PHE A 664 7.71 25.34 4.53
C PHE A 664 7.92 26.36 3.44
N CYS A 665 8.59 25.94 2.37
CA CYS A 665 9.01 26.84 1.31
C CYS A 665 7.82 27.51 0.65
N HIS A 666 6.73 26.77 0.52
CA HIS A 666 5.53 27.31 -0.11
C HIS A 666 5.25 28.69 0.42
N ASN A 667 5.30 28.84 1.74
CA ASN A 667 4.88 30.10 2.37
C ASN A 667 5.97 31.19 2.52
N ASN A 668 7.22 30.84 2.21
CA ASN A 668 8.31 31.81 2.23
C ASN A 668 8.17 32.90 1.17
N PRO A 669 7.77 32.52 -0.06
CA PRO A 669 7.55 33.58 -1.05
C PRO A 669 6.51 34.59 -0.60
N TRP A 670 5.66 34.24 0.36
CA TRP A 670 4.69 35.20 0.88
C TRP A 670 5.39 36.36 1.60
N VAL A 671 6.32 36.04 2.49
CA VAL A 671 7.16 37.05 3.12
C VAL A 671 8.03 37.80 2.12
N ILE A 672 8.57 37.10 1.11
CA ILE A 672 9.45 37.72 0.12
C ILE A 672 8.73 38.85 -0.60
N ILE A 673 7.53 38.56 -1.08
CA ILE A 673 6.73 39.55 -1.75
C ILE A 673 6.37 40.66 -0.79
N ALA A 674 5.96 40.27 0.41
CA ALA A 674 5.58 41.23 1.44
C ALA A 674 6.73 42.20 1.66
N GLU A 675 7.96 41.73 1.44
CA GLU A 675 9.12 42.58 1.63
C GLU A 675 9.31 43.54 0.45
N THR A 676 8.96 43.12 -0.76
CA THR A 676 9.03 44.01 -1.91
C THR A 676 7.93 45.05 -1.79
N VAL A 677 6.81 44.64 -1.22
CA VAL A 677 5.68 45.54 -1.02
C VAL A 677 6.08 46.68 -0.10
N VAL A 678 6.72 46.38 1.03
CA VAL A 678 7.07 47.40 2.00
C VAL A 678 8.30 48.20 1.55
N GLY A 679 8.96 47.73 0.49
CA GLY A 679 10.10 48.41 -0.06
C GLY A 679 11.46 48.03 0.50
N ARG A 680 11.70 46.73 0.71
CA ARG A 680 13.03 46.25 1.10
C ARG A 680 13.47 45.10 0.18
N GLY A 681 13.85 45.47 -1.04
CA GLY A 681 14.23 44.50 -2.06
C GLY A 681 15.41 43.61 -1.70
N GLY A 682 16.43 44.17 -1.07
CA GLY A 682 17.58 43.39 -0.67
C GLY A 682 17.21 42.25 0.26
N ARG A 683 16.37 42.55 1.24
CA ARG A 683 15.88 41.56 2.20
C ARG A 683 15.00 40.53 1.49
N ALA A 684 14.28 40.99 0.48
CA ALA A 684 13.42 40.13 -0.31
C ALA A 684 14.23 39.17 -1.19
N PHE A 685 15.34 39.65 -1.73
CA PHE A 685 16.18 38.81 -2.59
C PHE A 685 17.03 37.89 -1.72
N ASP A 686 17.33 38.35 -0.52
CA ASP A 686 18.10 37.53 0.40
C ASP A 686 17.30 36.27 0.70
N TYR A 687 16.09 36.47 1.20
CA TYR A 687 15.17 35.38 1.53
C TYR A 687 14.97 34.44 0.37
N TYR A 688 14.72 35.01 -0.81
CA TYR A 688 14.51 34.21 -2.00
C TYR A 688 15.72 33.32 -2.30
N LYS A 689 16.92 33.89 -2.22
CA LYS A 689 18.16 33.13 -2.42
C LYS A 689 18.36 31.97 -1.43
N ARG A 690 17.90 32.12 -0.19
CA ARG A 690 18.12 31.11 0.86
C ARG A 690 17.45 29.77 0.55
N ILE A 691 16.37 29.81 -0.23
CA ILE A 691 15.59 28.59 -0.53
C ILE A 691 15.55 28.20 -2.01
N THR A 692 16.36 28.84 -2.85
CA THR A 692 16.28 28.62 -4.30
C THR A 692 17.36 27.64 -4.80
N PRO A 693 16.95 26.60 -5.55
CA PRO A 693 17.83 25.51 -6.00
C PRO A 693 19.21 25.98 -6.50
N ALA A 694 19.26 26.92 -7.43
CA ALA A 694 20.53 27.37 -7.97
C ALA A 694 21.48 27.81 -6.85
N TYR A 695 20.94 28.47 -5.83
CA TYR A 695 21.76 29.04 -4.78
C TYR A 695 22.09 28.03 -3.68
N ARG A 696 21.48 26.86 -3.74
CA ARG A 696 21.73 25.82 -2.74
C ARG A 696 22.57 24.68 -3.33
N GLU A 697 22.97 24.81 -4.58
CA GLU A 697 23.71 23.73 -5.26
C GLU A 697 25.02 23.42 -4.56
N ASP A 698 25.58 24.45 -3.94
CA ASP A 698 26.87 24.36 -3.25
C ASP A 698 26.76 23.53 -2.00
N ILE A 699 25.60 23.59 -1.36
CA ILE A 699 25.39 22.86 -0.12
C ILE A 699 24.49 21.66 -0.38
N SER A 700 24.76 20.97 -1.47
CA SER A 700 23.98 19.81 -1.86
C SER A 700 24.00 18.66 -0.85
N ASP A 701 25.13 18.46 -0.19
CA ASP A 701 25.25 17.40 0.81
C ASP A 701 24.36 17.68 2.02
N VAL A 702 24.06 18.95 2.25
CA VAL A 702 23.06 19.31 3.25
C VAL A 702 21.65 19.17 2.67
N HIS A 703 21.42 19.75 1.50
CA HIS A 703 20.08 19.72 0.92
C HIS A 703 19.62 18.29 0.68
N ARG A 704 20.49 17.47 0.11
CA ARG A 704 20.17 16.06 -0.21
C ARG A 704 19.37 15.91 -1.49
N LEU A 705 18.29 16.67 -1.60
CA LEU A 705 17.38 16.55 -2.74
C LEU A 705 17.93 17.33 -3.94
N GLU A 706 17.24 17.19 -5.08
CA GLU A 706 17.63 17.83 -6.32
C GLU A 706 18.00 19.30 -6.16
N PRO A 707 19.19 19.69 -6.66
CA PRO A 707 19.61 21.09 -6.64
C PRO A 707 18.98 21.92 -7.77
N TYR A 708 18.10 21.32 -8.58
CA TYR A 708 17.52 22.06 -9.70
C TYR A 708 16.04 22.39 -9.50
N VAL A 709 15.41 21.82 -8.49
CA VAL A 709 14.01 22.09 -8.25
C VAL A 709 13.72 22.36 -6.80
N TYR A 710 12.62 23.05 -6.55
CA TYR A 710 12.17 23.38 -5.20
C TYR A 710 11.63 22.14 -4.52
N ALA A 711 11.84 22.05 -3.21
CA ALA A 711 11.23 20.99 -2.42
C ALA A 711 10.22 21.64 -1.49
N GLN A 712 9.31 20.85 -0.97
CA GLN A 712 8.24 21.39 -0.15
C GLN A 712 8.74 21.84 1.22
N MET A 713 9.72 21.12 1.74
CA MET A 713 10.01 21.14 3.18
C MET A 713 11.51 21.03 3.44
N ILE A 714 12.06 22.01 4.13
CA ILE A 714 13.45 21.97 4.56
C ILE A 714 13.45 22.04 6.07
N ALA A 715 14.09 21.06 6.71
CA ALA A 715 14.10 20.97 8.16
C ALA A 715 14.51 22.29 8.79
N GLY A 716 13.73 22.74 9.77
CA GLY A 716 13.94 24.03 10.41
C GLY A 716 15.08 24.02 11.43
N LYS A 717 15.16 25.10 12.20
CA LYS A 717 16.30 25.28 13.09
C LYS A 717 16.27 24.38 14.32
N GLU A 718 15.12 23.79 14.63
CA GLU A 718 15.02 22.99 15.85
C GLU A 718 15.11 21.49 15.56
N ALA A 719 15.33 21.15 14.30
CA ALA A 719 15.64 19.78 13.90
C ALA A 719 17.16 19.62 13.76
N VAL A 720 17.70 18.50 14.24
CA VAL A 720 19.13 18.21 14.13
C VAL A 720 19.57 18.20 12.68
N ARG A 721 18.60 17.88 11.83
CA ARG A 721 18.80 17.75 10.40
C ARG A 721 18.50 19.03 9.65
N HIS A 722 18.74 20.15 10.31
CA HIS A 722 18.37 21.44 9.76
C HIS A 722 19.17 21.68 8.47
N GLY A 723 18.49 22.13 7.43
CA GLY A 723 19.11 22.26 6.12
C GLY A 723 18.68 21.15 5.19
N GLU A 724 18.21 20.04 5.77
CA GLU A 724 17.81 18.89 4.95
C GLU A 724 16.41 19.03 4.42
N ALA A 725 16.23 18.66 3.16
CA ALA A 725 14.95 18.81 2.50
C ALA A 725 14.22 17.47 2.39
N LYS A 726 12.91 17.54 2.18
CA LYS A 726 12.12 16.38 1.80
C LYS A 726 11.07 16.82 0.80
N ASN A 727 10.37 15.86 0.19
CA ASN A 727 9.22 16.13 -0.69
C ASN A 727 9.49 17.07 -1.87
N SER A 728 10.44 16.71 -2.72
CA SER A 728 10.86 17.59 -3.81
C SER A 728 9.89 17.57 -4.98
N TRP A 729 10.03 18.57 -5.86
CA TRP A 729 9.32 18.62 -7.14
C TRP A 729 7.86 19.08 -7.09
N LEU A 730 6.98 18.26 -6.53
CA LEU A 730 5.56 18.57 -6.56
C LEU A 730 5.21 19.47 -5.40
N THR A 731 5.13 20.77 -5.64
CA THR A 731 4.81 21.70 -4.57
C THR A 731 4.43 23.09 -5.10
N GLY A 732 3.63 23.80 -4.31
CA GLY A 732 3.20 25.14 -4.66
C GLY A 732 4.33 26.15 -4.52
N THR A 733 5.43 25.70 -3.94
CA THR A 733 6.66 26.50 -3.86
C THR A 733 7.12 26.93 -5.24
N ALA A 734 6.85 26.12 -6.26
CA ALA A 734 7.29 26.45 -7.61
C ALA A 734 6.48 27.64 -8.12
N ALA A 735 5.17 27.46 -8.25
CA ALA A 735 4.30 28.55 -8.69
C ALA A 735 4.65 29.81 -7.93
N TRP A 736 4.57 29.77 -6.60
CA TRP A 736 4.73 30.99 -5.82
C TRP A 736 6.13 31.59 -5.92
N ASN A 737 7.16 30.78 -6.11
CA ASN A 737 8.49 31.35 -6.29
C ASN A 737 8.65 31.98 -7.66
N PHE A 738 7.99 31.41 -8.67
CA PHE A 738 8.09 32.00 -9.99
C PHE A 738 7.37 33.33 -9.94
N VAL A 739 6.16 33.32 -9.42
CA VAL A 739 5.42 34.56 -9.30
C VAL A 739 6.19 35.58 -8.47
N THR A 740 7.04 35.13 -7.57
CA THR A 740 7.79 36.06 -6.73
C THR A 740 8.97 36.68 -7.48
N VAL A 741 9.74 35.87 -8.20
CA VAL A 741 10.93 36.37 -8.87
C VAL A 741 10.57 37.10 -10.17
N SER A 742 9.49 36.66 -10.81
CA SER A 742 9.08 37.20 -12.10
C SER A 742 8.27 38.47 -11.94
N GLN A 743 7.44 38.54 -10.91
CA GLN A 743 6.49 39.63 -10.82
C GLN A 743 6.82 40.65 -9.73
N TYR A 744 7.66 40.29 -8.77
CA TYR A 744 7.89 41.16 -7.62
C TYR A 744 9.34 41.58 -7.36
N LEU A 745 10.29 40.69 -7.59
CA LEU A 745 11.70 41.04 -7.49
C LEU A 745 12.11 41.69 -8.81
N LEU A 746 11.93 40.94 -9.90
CA LEU A 746 12.17 41.46 -11.24
C LEU A 746 11.19 42.59 -11.49
N GLY A 747 9.93 42.38 -11.08
CA GLY A 747 8.94 43.44 -11.09
C GLY A 747 8.04 43.52 -12.31
N VAL A 748 7.99 42.46 -13.10
CA VAL A 748 7.19 42.47 -14.33
C VAL A 748 5.90 41.66 -14.19
N ARG A 749 4.81 42.32 -13.81
CA ARG A 749 3.57 41.58 -13.57
C ARG A 749 2.38 42.12 -14.34
N PRO A 750 1.61 41.23 -14.96
CA PRO A 750 0.47 41.67 -15.75
C PRO A 750 -0.62 42.26 -14.87
N GLU A 751 -1.28 43.28 -15.39
CA GLU A 751 -2.48 43.85 -14.78
C GLU A 751 -3.56 43.84 -15.85
N TYR A 752 -4.77 44.19 -15.47
CA TYR A 752 -5.89 44.19 -16.41
C TYR A 752 -5.67 45.22 -17.50
N ASP A 753 -5.28 46.42 -17.09
CA ASP A 753 -5.17 47.56 -18.00
C ASP A 753 -3.74 47.86 -18.44
N GLY A 754 -2.84 46.89 -18.28
CA GLY A 754 -1.46 47.12 -18.67
C GLY A 754 -0.49 46.29 -17.88
N LEU A 755 0.80 46.50 -18.16
CA LEU A 755 1.87 45.72 -17.59
C LEU A 755 2.67 46.54 -16.59
N VAL A 756 2.64 46.14 -15.32
CA VAL A 756 3.38 46.85 -14.30
C VAL A 756 4.88 46.62 -14.46
N VAL A 757 5.67 47.67 -14.24
CA VAL A 757 7.12 47.56 -14.34
C VAL A 757 7.71 48.13 -13.07
N ASP A 758 7.80 47.28 -12.06
CA ASP A 758 8.14 47.71 -10.70
C ASP A 758 9.11 46.75 -10.08
N PRO A 759 10.41 46.99 -10.29
CA PRO A 759 11.42 46.07 -9.78
C PRO A 759 11.70 46.33 -8.30
N GLN A 760 12.00 45.27 -7.55
CA GLN A 760 12.34 45.42 -6.15
C GLN A 760 13.24 44.25 -5.76
N ILE A 761 14.51 44.33 -6.13
CA ILE A 761 15.39 43.19 -5.98
C ILE A 761 16.64 43.48 -5.13
N GLY A 762 16.88 44.74 -4.78
CA GLY A 762 18.05 45.09 -4.00
C GLY A 762 19.33 45.27 -4.81
N PRO A 763 20.42 45.67 -4.14
CA PRO A 763 21.70 46.02 -4.75
C PRO A 763 22.40 44.88 -5.50
N ASP A 764 22.13 43.64 -5.13
CA ASP A 764 22.87 42.50 -5.67
C ASP A 764 22.59 42.21 -7.14
N VAL A 765 21.49 42.73 -7.68
CA VAL A 765 21.28 42.65 -9.12
C VAL A 765 21.19 44.05 -9.72
N PRO A 766 22.35 44.66 -9.98
CA PRO A 766 22.44 46.05 -10.45
C PRO A 766 21.82 46.26 -11.83
N SER A 767 21.90 45.28 -12.71
CA SER A 767 21.34 45.44 -14.04
C SER A 767 20.79 44.15 -14.61
N PHE A 768 19.74 44.26 -15.40
CA PHE A 768 19.15 43.11 -16.04
C PHE A 768 18.14 43.54 -17.08
N THR A 769 17.92 42.68 -18.07
CA THR A 769 16.86 42.91 -19.03
C THR A 769 15.86 41.77 -18.92
N VAL A 770 14.58 42.10 -19.01
CA VAL A 770 13.55 41.08 -19.04
C VAL A 770 12.91 41.08 -20.42
N THR A 771 12.73 39.90 -20.98
CA THR A 771 12.00 39.74 -22.23
C THR A 771 10.70 39.02 -21.93
N ARG A 772 9.56 39.66 -22.19
CA ARG A 772 8.28 39.02 -21.95
C ARG A 772 7.32 39.25 -23.08
N VAL A 773 6.55 38.24 -23.41
CA VAL A 773 5.50 38.38 -24.40
C VAL A 773 4.17 38.45 -23.68
N ALA A 774 3.50 39.59 -23.79
CA ALA A 774 2.23 39.81 -23.12
C ALA A 774 1.23 40.37 -24.13
N ARG A 775 0.06 39.72 -24.20
CA ARG A 775 -1.00 40.09 -25.15
C ARG A 775 -0.46 40.24 -26.55
N GLY A 776 0.22 39.21 -27.04
CA GLY A 776 0.71 39.19 -28.39
C GLY A 776 1.90 40.10 -28.66
N ALA A 777 2.30 40.90 -27.67
CA ALA A 777 3.40 41.83 -27.88
C ALA A 777 4.63 41.48 -27.06
N THR A 778 5.78 41.98 -27.47
CA THR A 778 7.04 41.71 -26.79
C THR A 778 7.58 42.97 -26.12
N TYR A 779 7.77 42.92 -24.80
CA TYR A 779 8.33 44.05 -24.08
C TYR A 779 9.77 43.76 -23.70
N GLU A 780 10.67 44.68 -24.04
CA GLU A 780 12.06 44.56 -23.63
C GLU A 780 12.30 45.58 -22.54
N ILE A 781 12.65 45.10 -21.35
CA ILE A 781 12.74 45.94 -20.18
C ILE A 781 14.17 45.97 -19.67
N THR A 782 14.80 47.14 -19.72
CA THR A 782 16.21 47.28 -19.34
C THR A 782 16.35 48.05 -18.03
N VAL A 783 16.65 47.32 -16.96
CA VAL A 783 16.64 47.92 -15.62
C VAL A 783 18.03 48.29 -15.12
N THR A 784 18.17 49.54 -14.68
CA THR A 784 19.37 49.93 -13.97
C THR A 784 18.98 50.15 -12.51
N ASN A 785 19.66 49.43 -11.61
CA ASN A 785 19.15 49.28 -10.25
C ASN A 785 20.20 49.56 -9.16
N SER A 786 19.92 50.56 -8.33
CA SER A 786 20.73 50.83 -7.15
C SER A 786 20.31 49.86 -6.07
N GLY A 787 19.08 49.38 -6.16
CA GLY A 787 18.57 48.40 -5.22
C GLY A 787 18.34 48.98 -3.85
N THR A 788 18.14 50.30 -3.78
CA THR A 788 18.00 50.97 -2.51
C THR A 788 16.60 50.78 -1.94
N ASP A 789 16.51 50.50 -0.64
CA ASP A 789 15.24 50.40 0.05
C ASP A 789 14.35 51.59 -0.29
N GLY A 790 13.14 51.31 -0.78
CA GLY A 790 12.15 52.35 -0.98
C GLY A 790 12.34 53.12 -2.26
N SER A 791 13.18 52.59 -3.15
CA SER A 791 13.37 53.17 -4.45
C SER A 791 12.54 52.40 -5.44
N ARG A 792 11.68 53.09 -6.16
CA ARG A 792 10.89 52.43 -7.17
C ARG A 792 11.22 53.02 -8.53
N GLY A 793 11.05 52.19 -9.56
CA GLY A 793 11.57 52.49 -10.88
C GLY A 793 10.80 53.54 -11.65
N ARG A 794 11.54 54.36 -12.37
CA ARG A 794 10.98 55.30 -13.33
C ARG A 794 11.05 54.68 -14.72
N LEU A 795 9.90 54.59 -15.38
CA LEU A 795 9.84 54.01 -16.71
C LEU A 795 10.06 55.08 -17.78
N VAL A 796 10.91 54.75 -18.75
CA VAL A 796 10.99 55.49 -20.01
C VAL A 796 10.45 54.53 -21.07
N VAL A 797 9.41 54.94 -21.80
CA VAL A 797 8.79 54.01 -22.74
C VAL A 797 9.04 54.38 -24.20
N ASP A 798 9.79 53.52 -24.88
CA ASP A 798 10.09 53.72 -26.29
C ASP A 798 10.78 55.06 -26.50
N GLY A 799 11.61 55.44 -25.54
CA GLY A 799 12.41 56.65 -25.66
C GLY A 799 11.78 57.86 -25.02
N THR A 800 10.58 57.69 -24.47
CA THR A 800 9.86 58.82 -23.89
C THR A 800 9.58 58.58 -22.42
N PRO A 801 10.10 59.47 -21.57
CA PRO A 801 9.85 59.38 -20.14
C PRO A 801 8.36 59.43 -19.84
N VAL A 802 7.89 58.50 -18.99
CA VAL A 802 6.48 58.44 -18.58
C VAL A 802 6.35 58.52 -17.06
N GLU A 803 5.12 58.57 -16.59
CA GLU A 803 4.84 58.69 -15.16
C GLU A 803 4.11 57.45 -14.63
N GLY A 804 4.49 57.04 -13.43
CA GLY A 804 3.89 55.87 -12.81
C GLY A 804 4.58 54.61 -13.29
N ASN A 805 4.11 53.46 -12.81
CA ASN A 805 4.79 52.20 -13.08
C ASN A 805 4.05 51.30 -14.07
N LEU A 806 2.95 51.78 -14.65
CA LEU A 806 2.19 50.96 -15.59
C LEU A 806 2.49 51.29 -17.04
N VAL A 807 2.77 50.26 -17.82
CA VAL A 807 2.95 50.40 -19.25
C VAL A 807 1.71 49.91 -20.00
N PRO A 808 1.17 50.74 -20.90
CA PRO A 808 -0.04 50.41 -21.67
C PRO A 808 0.18 49.23 -22.61
N TYR A 809 -0.75 48.28 -22.60
CA TYR A 809 -0.63 47.12 -23.50
C TYR A 809 -0.67 47.52 -24.95
N ALA A 810 0.47 47.34 -25.62
CA ALA A 810 0.58 47.55 -27.06
C ALA A 810 -0.10 46.40 -27.81
N PRO A 811 -0.47 46.65 -29.08
CA PRO A 811 -1.08 45.66 -29.95
C PRO A 811 -0.22 44.42 -30.17
N ALA A 812 -0.84 43.36 -30.66
CA ALA A 812 -0.14 42.12 -30.96
C ALA A 812 0.88 42.31 -32.07
N GLY A 813 2.04 41.68 -31.90
CA GLY A 813 3.10 41.73 -32.89
C GLY A 813 4.02 42.92 -32.72
N SER A 814 3.80 43.68 -31.65
CA SER A 814 4.56 44.90 -31.42
C SER A 814 5.80 44.63 -30.57
N THR A 815 6.80 45.50 -30.70
CA THR A 815 7.96 45.48 -29.81
C THR A 815 8.04 46.82 -29.07
N VAL A 816 7.94 46.76 -27.75
CA VAL A 816 8.03 47.94 -26.90
C VAL A 816 9.32 47.86 -26.11
N ARG A 817 10.01 48.97 -25.97
CA ARG A 817 11.20 49.02 -25.16
C ARG A 817 10.95 49.89 -23.94
N VAL A 818 11.22 49.31 -22.77
CA VAL A 818 10.95 49.98 -21.51
C VAL A 818 12.23 50.14 -20.72
N ASP A 819 12.66 51.37 -20.50
CA ASP A 819 13.84 51.62 -19.71
C ASP A 819 13.44 51.94 -18.28
N VAL A 820 14.02 51.23 -17.32
CA VAL A 820 13.67 51.48 -15.94
C VAL A 820 14.92 51.91 -15.17
N THR A 821 14.74 52.85 -14.24
CA THR A 821 15.86 53.29 -13.40
C THR A 821 15.46 53.24 -11.92
N LEU A 822 16.28 52.60 -11.11
CA LEU A 822 16.02 52.49 -9.68
C LEU A 822 17.15 53.11 -8.87
N MET B 1 11.18 -33.67 -4.80
CA MET B 1 12.23 -33.55 -3.75
C MET B 1 11.76 -32.77 -2.53
N ARG B 2 12.48 -32.93 -1.43
CA ARG B 2 12.11 -32.33 -0.16
C ARG B 2 13.21 -31.38 0.28
N TYR B 3 12.90 -30.53 1.25
CA TYR B 3 13.84 -29.52 1.72
C TYR B 3 13.93 -29.57 3.22
N GLY B 4 13.50 -30.71 3.77
CA GLY B 4 13.54 -30.98 5.19
C GLY B 4 12.82 -32.28 5.47
N HIS B 5 12.39 -32.46 6.72
CA HIS B 5 11.64 -33.65 7.11
C HIS B 5 10.89 -33.38 8.40
N PHE B 6 9.88 -34.20 8.66
CA PHE B 6 9.09 -34.06 9.88
C PHE B 6 9.84 -34.66 11.06
N ASP B 7 9.79 -33.95 12.19
CA ASP B 7 10.26 -34.48 13.46
C ASP B 7 9.09 -34.67 14.42
N ASP B 8 8.35 -35.75 14.26
CA ASP B 8 7.16 -35.98 15.06
C ASP B 8 7.35 -35.89 16.56
N GLU B 9 8.42 -36.46 17.10
CA GLU B 9 8.60 -36.48 18.54
CA GLU B 9 8.56 -36.49 18.55
C GLU B 9 8.84 -35.08 19.09
N ALA B 10 9.52 -34.24 18.30
CA ALA B 10 9.73 -32.84 18.68
C ALA B 10 8.52 -31.98 18.27
N ARG B 11 7.59 -32.56 17.51
CA ARG B 11 6.43 -31.85 16.99
C ARG B 11 6.87 -30.65 16.16
N GLU B 12 7.78 -30.91 15.22
CA GLU B 12 8.43 -29.85 14.46
C GLU B 12 8.56 -30.24 13.00
N TYR B 13 8.63 -29.24 12.12
CA TYR B 13 9.12 -29.48 10.77
C TYR B 13 10.51 -28.85 10.62
N VAL B 14 11.47 -29.64 10.15
CA VAL B 14 12.86 -29.21 10.11
C VAL B 14 13.34 -29.06 8.66
N ILE B 15 13.74 -27.84 8.32
CA ILE B 15 14.11 -27.47 6.97
C ILE B 15 15.63 -27.41 6.91
N THR B 16 16.23 -28.26 6.08
CA THR B 16 17.66 -28.51 6.21
C THR B 16 18.50 -27.69 5.24
N THR B 17 17.81 -26.89 4.43
CA THR B 17 18.47 -26.07 3.43
C THR B 17 17.80 -24.70 3.47
N PRO B 18 18.57 -23.63 3.22
CA PRO B 18 17.98 -22.28 3.17
C PRO B 18 17.28 -22.07 1.82
N HIS B 19 17.44 -23.05 0.94
CA HIS B 19 16.99 -22.92 -0.43
C HIS B 19 15.69 -23.63 -0.72
N THR B 20 14.64 -23.15 -0.10
CA THR B 20 13.32 -23.68 -0.36
C THR B 20 12.75 -23.05 -1.62
N PRO B 21 11.75 -23.71 -2.22
CA PRO B 21 11.01 -23.23 -3.39
C PRO B 21 10.30 -21.91 -3.10
N TYR B 22 10.07 -21.62 -1.83
CA TYR B 22 9.43 -20.37 -1.40
C TYR B 22 9.57 -20.23 0.12
N PRO B 23 9.60 -18.99 0.63
CA PRO B 23 9.80 -18.90 2.08
C PRO B 23 8.72 -19.61 2.88
N TRP B 24 9.14 -20.38 3.87
CA TRP B 24 8.23 -21.15 4.68
C TRP B 24 8.15 -20.56 6.06
N ILE B 25 6.98 -20.06 6.42
CA ILE B 25 6.86 -19.30 7.65
C ILE B 25 6.21 -20.10 8.76
N ASN B 26 6.23 -19.51 9.94
CA ASN B 26 5.58 -20.06 11.12
C ASN B 26 4.89 -18.90 11.82
N TYR B 27 3.97 -19.20 12.72
CA TYR B 27 3.32 -18.16 13.50
C TYR B 27 3.74 -18.28 14.96
N LEU B 28 4.08 -17.15 15.56
CA LEU B 28 4.50 -17.11 16.95
C LEU B 28 3.50 -16.24 17.69
N GLY B 29 3.18 -16.62 18.93
CA GLY B 29 2.25 -15.86 19.73
C GLY B 29 0.84 -16.40 19.62
N SER B 30 0.11 -16.39 20.73
CA SER B 30 -1.19 -17.07 20.78
C SER B 30 -2.26 -16.24 21.47
N GLU B 31 -1.90 -15.03 21.89
CA GLU B 31 -2.85 -14.15 22.56
C GLU B 31 -2.99 -12.84 21.81
N GLN B 32 -2.42 -11.79 22.38
CA GLN B 32 -2.43 -10.47 21.79
C GLN B 32 -1.29 -10.25 20.80
N PHE B 33 -0.14 -10.87 21.05
CA PHE B 33 1.04 -10.58 20.24
C PHE B 33 1.37 -11.71 19.26
N PHE B 34 1.57 -11.36 17.99
CA PHE B 34 1.92 -12.36 16.97
C PHE B 34 3.17 -11.99 16.17
N SER B 35 3.75 -13.00 15.52
CA SER B 35 4.91 -12.81 14.66
C SER B 35 4.77 -13.70 13.44
N LEU B 36 5.19 -13.20 12.29
CA LEU B 36 5.40 -14.03 11.12
C LEU B 36 6.88 -14.30 11.08
N LEU B 37 7.25 -15.57 10.99
CA LEU B 37 8.66 -15.95 11.01
C LEU B 37 8.95 -16.97 9.93
N SER B 38 9.78 -16.59 8.97
CA SER B 38 10.19 -17.53 7.93
C SER B 38 11.40 -18.34 8.37
N HIS B 39 11.76 -19.33 7.56
CA HIS B 39 12.87 -20.20 7.86
C HIS B 39 14.17 -19.41 7.71
N GLN B 40 14.03 -18.20 7.17
CA GLN B 40 15.14 -17.27 7.02
C GLN B 40 15.00 -16.04 7.94
N ALA B 41 14.10 -16.13 8.91
CA ALA B 41 13.98 -15.11 9.96
C ALA B 41 13.26 -13.85 9.50
N GLY B 42 12.69 -13.88 8.31
CA GLY B 42 11.99 -12.74 7.76
C GLY B 42 10.59 -12.60 8.31
N GLY B 43 9.91 -11.54 7.90
CA GLY B 43 8.53 -11.30 8.33
C GLY B 43 8.48 -10.24 9.41
N TYR B 44 7.41 -10.25 10.19
CA TYR B 44 7.24 -9.19 11.17
C TYR B 44 6.37 -9.55 12.35
N SER B 45 6.23 -8.58 13.25
CA SER B 45 5.48 -8.73 14.47
C SER B 45 4.44 -7.62 14.60
N PHE B 46 3.32 -7.92 15.25
CA PHE B 46 2.30 -6.91 15.49
C PHE B 46 1.47 -7.29 16.72
N TYR B 47 0.96 -6.27 17.41
CA TYR B 47 0.12 -6.50 18.57
C TYR B 47 -1.35 -6.33 18.20
N ARG B 48 -2.11 -7.42 18.26
CA ARG B 48 -3.56 -7.38 18.03
C ARG B 48 -3.93 -7.06 16.60
N ASP B 49 -3.60 -5.85 16.18
CA ASP B 49 -4.05 -5.31 14.90
C ASP B 49 -2.86 -5.17 13.95
N ALA B 50 -2.90 -5.95 12.86
CA ALA B 50 -1.77 -6.05 11.95
C ALA B 50 -1.74 -4.90 10.94
N LYS B 51 -2.63 -3.94 11.13
CA LYS B 51 -2.68 -2.75 10.30
C LYS B 51 -2.25 -1.50 11.06
N MET B 52 -2.72 -1.36 12.30
CA MET B 52 -2.53 -0.13 13.05
C MET B 52 -1.47 -0.27 14.14
N ARG B 53 -1.09 -1.50 14.42
CA ARG B 53 -0.23 -1.78 15.54
C ARG B 53 0.91 -2.73 15.15
N ARG B 54 1.53 -2.47 14.00
CA ARG B 54 2.61 -3.33 13.50
C ARG B 54 3.98 -2.80 13.91
N LEU B 55 4.71 -3.60 14.72
CA LEU B 55 5.99 -3.15 15.27
C LEU B 55 7.09 -3.05 14.21
N THR B 56 7.15 -4.04 13.32
CA THR B 56 8.28 -4.15 12.40
C THR B 56 7.86 -4.18 10.94
N ARG B 57 8.74 -3.70 10.09
CA ARG B 57 8.45 -3.53 8.68
C ARG B 57 8.79 -4.78 7.87
N TYR B 58 7.86 -5.19 7.01
CA TYR B 58 8.09 -6.30 6.09
C TYR B 58 7.64 -5.91 4.69
N ARG B 59 8.46 -6.19 3.71
CA ARG B 59 8.09 -5.85 2.35
C ARG B 59 7.64 -7.06 1.57
N TYR B 60 6.38 -7.04 1.15
CA TYR B 60 5.89 -8.03 0.20
C TYR B 60 6.39 -7.64 -1.19
N ASN B 61 6.67 -8.65 -2.02
CA ASN B 61 7.29 -8.44 -3.31
C ASN B 61 8.65 -7.78 -3.19
N ASN B 62 9.48 -8.30 -2.29
CA ASN B 62 10.88 -7.89 -2.17
C ASN B 62 11.72 -8.64 -3.17
N ILE B 63 12.81 -8.05 -3.64
CA ILE B 63 13.76 -8.81 -4.45
C ILE B 63 15.12 -8.87 -3.77
N PRO B 64 15.52 -10.06 -3.28
CA PRO B 64 14.71 -11.28 -3.29
C PRO B 64 13.70 -11.32 -2.16
N ALA B 65 12.70 -12.18 -2.30
CA ALA B 65 11.68 -12.38 -1.28
C ALA B 65 12.28 -12.79 0.06
N ASP B 66 11.82 -12.12 1.12
CA ASP B 66 12.20 -12.47 2.49
C ASP B 66 13.52 -11.82 2.85
N ALA B 67 13.80 -10.66 2.27
CA ALA B 67 15.14 -10.09 2.38
C ALA B 67 15.38 -9.33 3.70
N GLY B 68 14.31 -9.03 4.43
CA GLY B 68 14.45 -8.41 5.73
C GLY B 68 13.78 -9.19 6.85
N GLY B 69 14.42 -9.23 8.01
CA GLY B 69 13.88 -9.93 9.16
C GLY B 69 14.67 -9.58 10.40
N ARG B 70 14.65 -10.46 11.40
CA ARG B 70 15.46 -10.25 12.60
C ARG B 70 16.83 -10.85 12.32
N TYR B 71 17.85 -10.01 12.17
CA TYR B 71 19.16 -10.49 11.75
C TYR B 71 20.22 -10.32 12.82
N LEU B 72 21.12 -11.29 12.90
CA LEU B 72 22.25 -11.20 13.80
C LEU B 72 23.51 -11.30 12.95
N TYR B 73 24.08 -10.16 12.62
CA TYR B 73 25.29 -10.12 11.80
C TYR B 73 26.49 -10.58 12.61
N VAL B 74 27.10 -11.68 12.20
CA VAL B 74 28.33 -12.14 12.84
C VAL B 74 29.54 -11.56 12.11
N ASN B 75 30.34 -10.77 12.84
CA ASN B 75 31.65 -10.38 12.32
C ASN B 75 32.74 -11.19 13.02
N ASP B 76 33.31 -12.12 12.26
CA ASP B 76 34.39 -12.97 12.73
C ASP B 76 35.66 -12.58 12.00
N GLY B 77 36.53 -11.84 12.68
CA GLY B 77 37.77 -11.39 12.08
C GLY B 77 37.60 -10.73 10.71
N GLY B 78 36.58 -9.91 10.57
CA GLY B 78 36.35 -9.19 9.31
C GLY B 78 35.30 -9.80 8.41
N ASP B 79 35.15 -11.12 8.48
CA ASP B 79 34.19 -11.83 7.65
C ASP B 79 32.81 -11.70 8.25
N VAL B 80 31.89 -11.09 7.52
CA VAL B 80 30.56 -10.84 8.05
C VAL B 80 29.57 -11.85 7.46
N TRP B 81 28.82 -12.52 8.33
CA TRP B 81 27.77 -13.43 7.85
C TRP B 81 26.55 -13.46 8.77
N THR B 82 25.46 -14.06 8.29
CA THR B 82 24.28 -14.23 9.11
C THR B 82 23.83 -15.69 9.12
N PRO B 83 23.42 -16.16 10.30
CA PRO B 83 22.95 -17.54 10.55
C PRO B 83 21.68 -17.89 9.77
N SER B 84 20.88 -16.87 9.43
CA SER B 84 19.67 -17.04 8.63
C SER B 84 20.03 -17.16 7.15
N TRP B 85 21.33 -17.19 6.88
CA TRP B 85 21.90 -17.21 5.53
C TRP B 85 21.65 -15.89 4.82
N LEU B 86 20.38 -15.56 4.57
CA LEU B 86 20.03 -14.22 4.09
C LEU B 86 20.19 -13.33 5.31
N PRO B 87 20.44 -12.03 5.14
CA PRO B 87 20.54 -11.30 3.87
C PRO B 87 21.86 -11.50 3.15
N VAL B 88 22.90 -11.82 3.91
CA VAL B 88 24.28 -11.84 3.45
C VAL B 88 24.60 -12.93 2.43
N LYS B 89 24.02 -14.11 2.62
CA LYS B 89 24.21 -15.26 1.73
C LYS B 89 25.62 -15.85 1.74
N ALA B 90 26.34 -15.69 2.86
CA ALA B 90 27.65 -16.29 3.03
C ALA B 90 27.53 -17.82 3.06
N ASP B 91 28.51 -18.51 2.47
CA ASP B 91 28.54 -19.97 2.50
C ASP B 91 28.47 -20.48 3.94
N LEU B 92 27.44 -21.25 4.25
CA LEU B 92 27.31 -21.86 5.57
C LEU B 92 27.71 -23.34 5.58
N ASP B 93 28.53 -23.73 6.55
CA ASP B 93 28.93 -25.12 6.72
C ASP B 93 27.77 -25.97 7.22
N HIS B 94 26.90 -25.35 8.00
CA HIS B 94 25.67 -26.01 8.42
C HIS B 94 24.53 -25.02 8.57
N PHE B 95 23.35 -25.38 8.07
CA PHE B 95 22.13 -24.60 8.29
C PHE B 95 20.94 -25.49 8.60
N GLU B 96 20.14 -25.08 9.58
CA GLU B 96 18.91 -25.81 9.86
C GLU B 96 17.90 -24.88 10.53
N ALA B 97 16.65 -24.97 10.08
CA ALA B 97 15.56 -24.23 10.71
C ALA B 97 14.45 -25.18 11.10
N ARG B 98 13.99 -25.08 12.35
CA ARG B 98 12.96 -25.97 12.88
C ARG B 98 11.72 -25.20 13.29
N HIS B 99 10.60 -25.41 12.57
CA HIS B 99 9.35 -24.73 12.89
C HIS B 99 8.53 -25.63 13.80
N GLY B 100 8.20 -25.15 14.98
CA GLY B 100 7.45 -25.91 15.94
C GLY B 100 6.23 -25.13 16.36
N LEU B 101 5.59 -25.53 17.45
CA LEU B 101 4.35 -24.90 17.84
C LEU B 101 4.61 -23.63 18.62
N GLY B 102 4.49 -22.50 17.93
CA GLY B 102 4.59 -21.20 18.56
C GLY B 102 6.04 -20.82 18.77
N TYR B 103 6.94 -21.58 18.15
CA TYR B 103 8.36 -21.24 18.17
C TYR B 103 9.12 -21.77 16.97
N SER B 104 10.36 -21.31 16.81
CA SER B 104 11.23 -21.80 15.77
C SER B 104 12.66 -21.60 16.18
N THR B 105 13.55 -22.46 15.72
CA THR B 105 14.97 -22.26 15.90
C THR B 105 15.62 -22.13 14.54
N ILE B 106 16.60 -21.25 14.43
CA ILE B 106 17.41 -21.20 13.22
C ILE B 106 18.88 -21.28 13.58
N THR B 107 19.63 -22.08 12.83
CA THR B 107 21.00 -22.36 13.19
C THR B 107 21.92 -22.29 11.99
N GLY B 108 23.00 -21.54 12.13
CA GLY B 108 23.98 -21.43 11.07
C GLY B 108 25.38 -21.57 11.63
N GLU B 109 26.21 -22.34 10.95
CA GLU B 109 27.60 -22.44 11.33
C GLU B 109 28.47 -22.01 10.16
N ARG B 110 29.43 -21.12 10.42
CA ARG B 110 30.40 -20.72 9.40
C ARG B 110 31.78 -20.46 10.01
N ASN B 111 32.78 -21.16 9.49
CA ASN B 111 34.16 -20.98 9.94
C ASN B 111 34.36 -21.11 11.45
N GLY B 112 33.84 -22.21 12.02
CA GLY B 112 34.10 -22.54 13.39
C GLY B 112 33.21 -21.82 14.38
N VAL B 113 32.22 -21.09 13.87
CA VAL B 113 31.27 -20.39 14.73
C VAL B 113 29.85 -20.86 14.43
N ARG B 114 29.12 -21.23 15.48
CA ARG B 114 27.75 -21.67 15.33
C ARG B 114 26.82 -20.75 16.09
N VAL B 115 25.77 -20.27 15.44
CA VAL B 115 24.77 -19.45 16.12
C VAL B 115 23.40 -20.10 16.02
N GLU B 116 22.82 -20.40 17.18
CA GLU B 116 21.48 -20.96 17.23
C GLU B 116 20.56 -19.90 17.81
N THR B 117 19.41 -19.70 17.16
CA THR B 117 18.46 -18.74 17.68
C THR B 117 17.11 -19.40 17.89
N LEU B 118 16.64 -19.35 19.12
CA LEU B 118 15.29 -19.76 19.45
C LEU B 118 14.39 -18.54 19.39
N PHE B 119 13.44 -18.52 18.46
CA PHE B 119 12.46 -17.45 18.37
C PHE B 119 11.16 -17.96 18.95
N PHE B 120 10.51 -17.16 19.78
CA PHE B 120 9.17 -17.48 20.26
C PHE B 120 8.53 -16.29 20.93
N VAL B 121 7.20 -16.29 21.00
CA VAL B 121 6.46 -15.32 21.79
C VAL B 121 5.93 -16.04 23.03
N PRO B 122 6.31 -15.57 24.23
CA PRO B 122 5.93 -16.16 25.51
C PRO B 122 4.48 -15.94 25.92
N VAL B 123 3.91 -16.93 26.61
CA VAL B 123 2.57 -16.82 27.16
C VAL B 123 2.46 -15.66 28.15
N GLY B 124 1.35 -14.92 28.07
CA GLY B 124 1.13 -13.79 28.94
C GLY B 124 2.07 -12.63 28.64
N GLU B 125 2.68 -12.68 27.47
CA GLU B 125 3.68 -11.69 27.09
C GLU B 125 3.42 -11.14 25.70
N ASN B 126 3.45 -9.81 25.59
CA ASN B 126 3.40 -9.14 24.30
C ASN B 126 4.82 -8.85 23.86
N ALA B 127 5.52 -9.90 23.45
CA ALA B 127 6.93 -9.77 23.09
C ALA B 127 7.38 -10.98 22.30
N GLU B 128 8.19 -10.72 21.28
CA GLU B 128 8.92 -11.75 20.60
C GLU B 128 10.30 -11.86 21.23
N VAL B 129 10.67 -13.05 21.66
CA VAL B 129 11.91 -13.24 22.38
C VAL B 129 12.86 -14.11 21.58
N GLN B 130 14.14 -13.75 21.60
CA GLN B 130 15.17 -14.51 20.90
C GLN B 130 16.21 -15.02 21.85
N LYS B 131 16.37 -16.34 21.89
CA LYS B 131 17.43 -16.90 22.66
C LYS B 131 18.55 -17.31 21.71
N VAL B 132 19.69 -16.64 21.86
CA VAL B 132 20.81 -16.88 20.96
C VAL B 132 21.90 -17.66 21.67
N THR B 133 22.48 -18.62 20.97
CA THR B 133 23.57 -19.40 21.52
C THR B 133 24.69 -19.44 20.51
N VAL B 134 25.84 -18.90 20.89
CA VAL B 134 27.00 -18.84 20.02
C VAL B 134 28.01 -19.84 20.53
N THR B 135 28.45 -20.74 19.67
CA THR B 135 29.34 -21.80 20.09
C THR B 135 30.55 -21.85 19.18
N ASN B 136 31.73 -21.63 19.77
CA ASN B 136 32.97 -21.79 19.04
C ASN B 136 33.24 -23.28 18.88
N THR B 137 33.03 -23.78 17.67
CA THR B 137 33.16 -25.20 17.38
C THR B 137 34.48 -25.50 16.68
N SER B 138 35.40 -24.54 16.73
CA SER B 138 36.71 -24.72 16.12
C SER B 138 37.77 -25.00 17.17
N ASP B 139 38.98 -25.25 16.70
CA ASP B 139 40.11 -25.56 17.57
C ASP B 139 40.88 -24.30 17.90
N SER B 140 40.34 -23.16 17.50
CA SER B 140 41.04 -21.91 17.68
C SER B 140 40.19 -20.96 18.51
N TYR B 141 40.79 -19.87 18.94
CA TYR B 141 40.07 -18.86 19.69
C TYR B 141 39.26 -17.99 18.77
N LYS B 142 38.18 -17.44 19.31
CA LYS B 142 37.30 -16.59 18.55
C LYS B 142 37.07 -15.30 19.31
N SER B 143 37.05 -14.19 18.58
CA SER B 143 36.65 -12.92 19.16
C SER B 143 35.71 -12.26 18.15
N LEU B 144 34.44 -12.19 18.53
CA LEU B 144 33.38 -11.84 17.61
C LEU B 144 32.66 -10.57 18.02
N THR B 145 32.10 -9.89 17.04
CA THR B 145 31.16 -8.82 17.31
C THR B 145 29.85 -9.13 16.62
N LEU B 146 28.79 -9.24 17.40
CA LEU B 146 27.48 -9.58 16.88
C LEU B 146 26.62 -8.34 16.80
N PHE B 147 25.99 -8.15 15.66
CA PHE B 147 25.17 -6.98 15.42
C PHE B 147 23.73 -7.42 15.23
N SER B 148 22.86 -7.09 16.16
CA SER B 148 21.46 -7.47 16.05
C SER B 148 20.74 -6.46 15.16
N PHE B 149 19.74 -6.92 14.43
CA PHE B 149 19.06 -6.03 13.50
C PHE B 149 17.56 -6.26 13.40
N VAL B 150 16.82 -5.16 13.61
CA VAL B 150 15.38 -5.13 13.42
C VAL B 150 15.06 -3.82 12.74
N GLU B 151 14.16 -3.86 11.76
CA GLU B 151 13.72 -2.65 11.09
C GLU B 151 12.28 -2.32 11.48
N PHE B 152 12.05 -1.14 12.03
CA PHE B 152 10.72 -0.81 12.51
C PHE B 152 9.74 -0.39 11.42
N CYS B 153 8.50 -0.78 11.62
CA CYS B 153 7.39 -0.20 10.90
C CYS B 153 6.87 0.95 11.76
N LEU B 154 6.39 2.03 11.15
CA LEU B 154 5.83 3.13 11.93
C LEU B 154 4.37 2.84 12.36
N TRP B 155 4.15 1.65 12.93
CA TRP B 155 2.86 1.22 13.53
C TRP B 155 1.70 0.96 12.57
N ASN B 156 1.32 1.97 11.81
CA ASN B 156 0.24 1.82 10.85
C ASN B 156 0.90 1.49 9.53
N ALA B 157 0.67 0.28 9.03
CA ALA B 157 1.46 -0.24 7.92
C ALA B 157 0.97 0.31 6.59
N GLN B 158 -0.33 0.53 6.49
CA GLN B 158 -0.87 1.16 5.30
C GLN B 158 -0.25 2.56 5.16
N ASP B 159 -0.20 3.31 6.26
CA ASP B 159 0.36 4.66 6.22
C ASP B 159 1.85 4.60 5.96
N ASP B 160 2.53 3.72 6.70
CA ASP B 160 3.97 3.64 6.68
C ASP B 160 4.49 3.48 5.27
N GLN B 161 3.69 2.85 4.41
CA GLN B 161 4.15 2.53 3.07
C GLN B 161 3.55 3.43 1.99
N THR B 162 2.62 4.31 2.35
CA THR B 162 1.97 5.17 1.37
C THR B 162 1.99 6.68 1.68
N ASN B 163 2.37 7.04 2.90
CA ASN B 163 2.29 8.44 3.33
C ASN B 163 3.64 9.03 3.67
N TYR B 164 4.65 8.73 2.86
CA TYR B 164 5.99 9.26 3.09
C TYR B 164 6.03 10.78 3.28
N GLN B 165 5.20 11.52 2.55
CA GLN B 165 5.22 12.97 2.64
C GLN B 165 5.14 13.38 4.11
N ARG B 166 4.32 12.67 4.87
CA ARG B 166 4.26 12.89 6.30
C ARG B 166 5.26 12.03 7.08
N ASN B 167 5.33 10.73 6.82
CA ASN B 167 6.00 9.83 7.76
C ASN B 167 7.53 9.67 7.69
N LEU B 168 8.18 10.28 6.70
CA LEU B 168 9.65 10.28 6.68
C LEU B 168 10.17 11.29 7.69
N SER B 169 9.25 12.05 8.28
CA SER B 169 9.64 13.11 9.19
C SER B 169 9.23 12.85 10.65
N ILE B 170 8.55 11.74 10.94
CA ILE B 170 8.04 11.50 12.29
C ILE B 170 8.78 10.42 13.10
N GLY B 171 9.79 9.78 12.51
CA GLY B 171 10.55 8.74 13.19
C GLY B 171 11.35 9.23 14.39
N GLU B 172 11.13 8.61 15.55
CA GLU B 172 11.83 9.02 16.76
C GLU B 172 12.23 7.80 17.58
N VAL B 173 13.32 7.93 18.32
CA VAL B 173 13.74 6.88 19.22
C VAL B 173 14.16 7.45 20.55
N GLU B 174 14.59 6.55 21.43
CA GLU B 174 15.35 6.90 22.61
C GLU B 174 16.32 5.76 22.73
N VAL B 175 17.54 6.03 23.20
CA VAL B 175 18.54 4.99 23.33
C VAL B 175 18.99 4.85 24.79
N GLU B 176 18.96 3.62 25.29
CA GLU B 176 19.30 3.36 26.69
C GLU B 176 20.39 2.29 26.75
N GLN B 177 21.63 2.71 26.59
CA GLN B 177 22.78 1.81 26.60
C GLN B 177 22.99 1.15 27.96
N GLU B 178 22.67 1.87 29.03
CA GLU B 178 22.77 1.30 30.36
C GLU B 178 21.38 1.05 30.93
N SER B 179 20.78 -0.04 30.46
CA SER B 179 19.46 -0.46 30.85
C SER B 179 19.61 -1.35 32.09
N PRO B 180 18.57 -1.41 32.94
CA PRO B 180 18.71 -2.19 34.18
C PRO B 180 19.35 -3.56 33.96
N HIS B 181 19.05 -4.20 32.84
CA HIS B 181 19.54 -5.55 32.60
C HIS B 181 20.37 -5.71 31.34
N GLY B 182 20.73 -4.60 30.70
CA GLY B 182 21.60 -4.66 29.54
C GLY B 182 21.58 -3.38 28.72
N SER B 183 21.13 -3.49 27.49
CA SER B 183 20.98 -2.32 26.61
C SER B 183 19.64 -2.41 25.88
N ALA B 184 19.01 -1.26 25.64
CA ALA B 184 17.71 -1.24 24.99
C ALA B 184 17.47 0.02 24.15
N ILE B 185 16.74 -0.15 23.05
CA ILE B 185 16.36 0.93 22.17
C ILE B 185 14.84 1.06 22.22
N TYR B 186 14.34 2.30 22.21
CA TYR B 186 12.89 2.52 22.18
C TYR B 186 12.46 3.22 20.91
N HIS B 187 11.60 2.57 20.15
CA HIS B 187 10.97 3.18 18.98
C HIS B 187 9.65 3.81 19.42
N ARG B 188 9.63 5.13 19.45
CA ARG B 188 8.48 5.85 20.01
C ARG B 188 7.91 6.84 19.01
N THR B 189 7.62 6.36 17.81
CA THR B 189 7.02 7.18 16.77
C THR B 189 5.53 7.40 17.09
N GLU B 190 5.16 8.67 17.26
CA GLU B 190 3.78 9.12 17.50
C GLU B 190 3.31 8.93 18.95
N TYR B 191 4.21 8.53 19.83
CA TYR B 191 3.94 8.51 21.27
C TYR B 191 3.81 9.96 21.72
N ARG B 192 4.55 10.84 21.04
CA ARG B 192 4.44 12.28 21.26
C ARG B 192 2.99 12.72 21.13
N GLU B 193 2.27 12.06 20.21
CA GLU B 193 0.89 12.42 19.93
C GLU B 193 -0.17 11.48 20.53
N ARG B 194 -0.88 10.73 19.69
CA ARG B 194 -2.04 9.97 20.16
C ARG B 194 -1.76 8.52 20.55
N ARG B 195 -0.52 8.08 20.46
CA ARG B 195 -0.21 6.70 20.82
C ARG B 195 0.18 6.61 22.28
N ASP B 196 -0.37 5.61 22.95
CA ASP B 196 -0.05 5.39 24.35
C ASP B 196 0.87 4.18 24.50
N HIS B 197 1.53 3.79 23.41
CA HIS B 197 2.34 2.58 23.40
C HIS B 197 3.61 2.83 22.61
N TYR B 198 4.70 2.14 22.97
CA TYR B 198 5.91 2.14 22.19
C TYR B 198 6.44 0.71 21.96
N ALA B 199 7.63 0.59 21.39
CA ALA B 199 8.26 -0.71 21.23
C ALA B 199 9.64 -0.68 21.86
N VAL B 200 10.12 -1.84 22.28
CA VAL B 200 11.41 -1.94 22.93
C VAL B 200 12.25 -3.03 22.27
N PHE B 201 13.53 -2.74 22.05
CA PHE B 201 14.42 -3.74 21.47
C PHE B 201 15.64 -3.83 22.37
N ALA B 202 15.87 -4.99 22.96
CA ALA B 202 16.88 -5.06 24.00
C ALA B 202 17.66 -6.37 24.01
N VAL B 203 18.76 -6.37 24.79
CA VAL B 203 19.59 -7.55 24.96
C VAL B 203 20.04 -7.59 26.43
N ASN B 204 20.07 -8.80 27.00
CA ASN B 204 20.31 -8.95 28.44
C ASN B 204 21.76 -8.81 28.84
N THR B 205 22.54 -8.09 28.02
CA THR B 205 23.93 -7.82 28.35
C THR B 205 24.26 -6.40 27.92
N GLN B 206 25.40 -5.89 28.38
CA GLN B 206 25.83 -4.55 28.01
C GLN B 206 26.32 -4.50 26.57
N ALA B 207 25.69 -3.66 25.75
CA ALA B 207 26.06 -3.53 24.34
C ALA B 207 27.29 -2.67 24.18
N GLU B 208 28.13 -3.05 23.22
CA GLU B 208 29.36 -2.33 22.91
C GLU B 208 29.01 -1.00 22.27
N GLY B 209 27.93 -1.01 21.48
CA GLY B 209 27.47 0.17 20.78
C GLY B 209 26.07 -0.11 20.24
N PHE B 210 25.56 0.79 19.40
CA PHE B 210 24.20 0.68 18.91
C PHE B 210 24.00 1.46 17.61
N ASP B 211 22.78 1.43 17.10
CA ASP B 211 22.39 2.14 15.88
C ASP B 211 20.88 2.08 15.78
N THR B 212 20.25 3.23 15.56
CA THR B 212 18.80 3.28 15.38
C THR B 212 18.40 3.90 14.04
N ASP B 213 19.39 4.24 13.22
CA ASP B 213 19.11 4.80 11.89
C ASP B 213 19.48 3.78 10.81
N ARG B 214 18.53 3.43 9.95
CA ARG B 214 18.77 2.35 9.02
C ARG B 214 19.83 2.71 7.97
N ASP B 215 19.88 3.96 7.55
CA ASP B 215 20.80 4.38 6.49
C ASP B 215 22.24 4.42 6.97
N THR B 216 22.44 4.73 8.25
CA THR B 216 23.78 4.69 8.83
C THR B 216 24.23 3.25 9.06
N PHE B 217 23.36 2.41 9.62
CA PHE B 217 23.72 1.00 9.80
C PHE B 217 24.04 0.32 8.48
N VAL B 218 23.11 0.37 7.52
CA VAL B 218 23.25 -0.37 6.27
C VAL B 218 24.13 0.34 5.23
N GLY B 219 24.02 1.67 5.18
CA GLY B 219 24.82 2.46 4.27
C GLY B 219 24.06 2.84 3.01
N ALA B 220 24.48 3.94 2.38
CA ALA B 220 23.87 4.41 1.14
C ALA B 220 24.13 3.42 0.02
N TYR B 221 23.13 3.23 -0.83
CA TYR B 221 23.23 2.34 -1.98
C TYR B 221 23.64 0.95 -1.54
N ASN B 222 23.15 0.52 -0.38
CA ASN B 222 23.48 -0.79 0.14
C ASN B 222 22.27 -1.65 0.47
N SER B 223 22.35 -2.93 0.12
CA SER B 223 21.29 -3.85 0.44
C SER B 223 21.55 -4.34 1.86
N LEU B 224 20.55 -4.94 2.48
CA LEU B 224 20.74 -5.46 3.82
C LEU B 224 21.89 -6.46 3.84
N GLY B 225 22.13 -7.11 2.71
CA GLY B 225 23.16 -8.12 2.60
C GLY B 225 24.55 -7.54 2.55
N GLU B 226 24.64 -6.21 2.49
CA GLU B 226 25.93 -5.53 2.45
C GLU B 226 26.14 -4.51 3.56
N ALA B 227 25.31 -4.57 4.61
CA ALA B 227 25.28 -3.48 5.59
C ALA B 227 26.65 -3.06 6.10
N ALA B 228 26.85 -1.73 6.13
CA ALA B 228 28.15 -1.10 6.31
C ALA B 228 28.73 -1.22 7.72
N VAL B 229 27.87 -1.13 8.73
CA VAL B 229 28.32 -1.13 10.12
C VAL B 229 28.98 -2.44 10.52
N PRO B 230 28.34 -3.57 10.18
CA PRO B 230 28.93 -4.88 10.48
C PRO B 230 30.25 -5.11 9.73
N LEU B 231 30.32 -4.67 8.48
CA LEU B 231 31.56 -4.78 7.72
C LEU B 231 32.64 -3.94 8.39
N LYS B 232 32.25 -2.76 8.89
CA LYS B 232 33.18 -1.87 9.56
C LYS B 232 33.65 -2.48 10.88
N GLY B 233 32.82 -3.32 11.47
CA GLY B 233 33.19 -4.01 12.70
C GLY B 233 32.76 -3.26 13.96
N GLU B 234 32.14 -2.11 13.78
CA GLU B 234 31.80 -1.27 14.92
C GLU B 234 30.51 -0.47 14.65
N SER B 235 29.60 -0.48 15.63
CA SER B 235 28.35 0.27 15.55
C SER B 235 28.61 1.77 15.41
N ALA B 236 27.71 2.48 14.72
CA ALA B 236 27.88 3.92 14.49
C ALA B 236 27.17 4.77 15.56
N ASN B 237 26.44 4.13 16.46
CA ASN B 237 25.71 4.83 17.51
C ASN B 237 24.79 5.89 16.94
N SER B 238 24.09 5.55 15.86
CA SER B 238 23.23 6.51 15.17
C SER B 238 21.98 6.83 15.97
N VAL B 239 21.59 8.10 15.97
CA VAL B 239 20.35 8.51 16.60
C VAL B 239 19.38 8.84 15.49
N ALA B 240 18.25 8.15 15.46
CA ALA B 240 17.27 8.36 14.41
C ALA B 240 16.50 9.66 14.59
N SER B 241 16.43 10.43 13.50
CA SER B 241 15.57 11.60 13.46
C SER B 241 14.85 11.59 12.13
N GLY B 242 13.72 10.89 12.11
CA GLY B 242 12.96 10.69 10.89
C GLY B 242 13.50 9.52 10.10
N TRP B 243 13.28 9.55 8.79
CA TRP B 243 13.64 8.46 7.90
C TRP B 243 13.31 7.09 8.49
N TYR B 244 14.27 6.15 8.50
CA TYR B 244 13.94 4.75 8.82
C TYR B 244 14.64 4.28 10.07
N PRO B 245 13.89 4.12 11.16
CA PRO B 245 14.42 3.72 12.47
C PRO B 245 14.56 2.22 12.63
N ILE B 246 15.71 1.80 13.14
CA ILE B 246 15.99 0.39 13.34
C ILE B 246 16.40 0.15 14.79
N GLY B 247 16.34 -1.11 15.21
CA GLY B 247 16.88 -1.53 16.49
C GLY B 247 18.12 -2.37 16.23
N SER B 248 19.24 -1.93 16.79
CA SER B 248 20.51 -2.59 16.54
C SER B 248 21.50 -2.35 17.69
N HIS B 249 22.14 -3.43 18.14
CA HIS B 249 23.19 -3.37 19.16
C HIS B 249 24.36 -4.23 18.74
N SER B 250 25.57 -3.83 19.10
CA SER B 250 26.72 -4.71 18.93
C SER B 250 27.10 -5.33 20.26
N VAL B 251 27.39 -6.63 20.24
CA VAL B 251 27.76 -7.34 21.46
C VAL B 251 29.07 -8.07 21.24
N ALA B 252 29.99 -7.92 22.18
CA ALA B 252 31.32 -8.50 22.03
C ALA B 252 31.38 -9.84 22.74
N VAL B 253 31.75 -10.87 21.99
CA VAL B 253 31.84 -12.23 22.51
C VAL B 253 33.20 -12.83 22.17
N SER B 254 33.94 -13.23 23.19
CA SER B 254 35.22 -13.89 23.00
C SER B 254 35.06 -15.34 23.42
N LEU B 255 35.57 -16.27 22.62
CA LEU B 255 35.31 -17.68 22.92
C LEU B 255 36.52 -18.61 22.74
N ALA B 256 36.88 -19.31 23.82
CA ALA B 256 37.83 -20.40 23.71
C ALA B 256 37.16 -21.51 22.90
N PRO B 257 37.96 -22.43 22.35
CA PRO B 257 37.35 -23.53 21.59
C PRO B 257 36.30 -24.30 22.40
N GLY B 258 35.23 -24.75 21.76
CA GLY B 258 34.21 -25.57 22.40
C GLY B 258 33.31 -24.80 23.36
N GLU B 259 33.74 -23.58 23.67
CA GLU B 259 33.07 -22.72 24.63
C GLU B 259 31.97 -21.93 23.94
N SER B 260 30.85 -21.74 24.63
CA SER B 260 29.70 -21.09 24.02
C SER B 260 29.17 -19.91 24.84
N ARG B 261 28.40 -19.06 24.17
CA ARG B 261 27.79 -17.89 24.78
C ARG B 261 26.30 -17.88 24.53
N GLU B 262 25.52 -17.51 25.53
CA GLU B 262 24.08 -17.43 25.36
C GLU B 262 23.62 -15.99 25.60
N LEU B 263 22.82 -15.47 24.67
CA LEU B 263 22.33 -14.09 24.75
C LEU B 263 20.83 -14.06 24.53
N VAL B 264 20.14 -13.18 25.22
CA VAL B 264 18.69 -13.07 25.09
C VAL B 264 18.25 -11.70 24.60
N TYR B 265 17.50 -11.69 23.50
CA TYR B 265 16.96 -10.47 22.93
C TYR B 265 15.45 -10.44 23.08
N VAL B 266 14.89 -9.26 23.34
CA VAL B 266 13.44 -9.13 23.43
C VAL B 266 12.91 -8.07 22.46
N LEU B 267 11.89 -8.43 21.69
CA LEU B 267 11.12 -7.46 20.93
C LEU B 267 9.80 -7.26 21.66
N GLY B 268 9.61 -6.09 22.27
CA GLY B 268 8.45 -5.88 23.13
C GLY B 268 7.51 -4.75 22.77
N TYR B 269 6.23 -4.97 23.08
CA TYR B 269 5.18 -3.98 22.90
C TYR B 269 4.71 -3.46 24.24
N VAL B 270 5.14 -2.26 24.60
CA VAL B 270 4.81 -1.69 25.91
C VAL B 270 3.80 -0.56 25.77
N GLU B 271 2.70 -0.65 26.52
CA GLU B 271 1.74 0.44 26.61
C GLU B 271 1.85 1.13 27.94
N ASN B 272 1.39 2.38 28.01
CA ASN B 272 1.20 3.02 29.30
C ASN B 272 -0.18 3.64 29.42
N PRO B 273 -0.73 3.64 30.64
CA PRO B 273 -1.94 4.41 30.89
C PRO B 273 -1.67 5.85 30.49
N ASP B 274 -2.69 6.57 30.05
CA ASP B 274 -2.48 7.91 29.52
C ASP B 274 -1.78 8.80 30.53
N GLU B 275 -2.16 8.69 31.79
CA GLU B 275 -1.60 9.53 32.83
C GLU B 275 -0.19 9.12 33.26
N GLU B 276 0.34 8.02 32.72
CA GLU B 276 1.66 7.52 33.08
C GLU B 276 2.70 7.48 31.94
N LYS B 277 2.48 8.28 30.89
CA LYS B 277 3.30 8.20 29.68
C LYS B 277 4.73 8.73 29.83
N TRP B 278 4.95 9.67 30.73
CA TRP B 278 6.22 10.38 30.77
C TRP B 278 6.99 10.21 32.08
N ALA B 279 8.28 9.96 31.95
CA ALA B 279 9.17 9.92 33.10
C ALA B 279 9.44 11.33 33.59
N ASP B 280 9.20 12.31 32.73
CA ASP B 280 9.56 13.67 33.08
C ASP B 280 8.41 14.66 33.01
N ASP B 281 8.61 15.80 33.65
CA ASP B 281 7.64 16.85 33.67
C ASP B 281 7.47 17.47 32.30
N ALA B 282 8.58 17.60 31.57
CA ALA B 282 8.55 18.23 30.26
C ALA B 282 7.84 17.37 29.22
N LYS B 283 7.59 16.10 29.56
CA LYS B 283 6.89 15.19 28.66
C LYS B 283 7.70 14.91 27.42
N GLN B 284 8.99 14.69 27.61
CA GLN B 284 9.90 14.41 26.52
C GLN B 284 10.43 12.99 26.63
N VAL B 285 10.66 12.53 27.86
CA VAL B 285 11.21 11.19 28.08
C VAL B 285 10.11 10.19 28.43
N VAL B 286 10.07 9.08 27.69
CA VAL B 286 9.09 8.02 27.91
C VAL B 286 9.22 7.38 29.29
N ASN B 287 8.10 6.96 29.85
CA ASN B 287 8.12 6.19 31.09
C ASN B 287 8.46 4.74 30.80
N LYS B 288 9.62 4.30 31.25
CA LYS B 288 10.12 2.97 30.89
C LYS B 288 9.89 1.90 31.94
N GLU B 289 9.14 2.21 32.99
CA GLU B 289 8.88 1.25 34.07
C GLU B 289 8.49 -0.10 33.50
N ARG B 290 7.41 -0.10 32.72
CA ARG B 290 6.85 -1.33 32.21
C ARG B 290 7.81 -2.03 31.25
N ALA B 291 8.64 -1.23 30.59
CA ALA B 291 9.61 -1.78 29.66
C ALA B 291 10.74 -2.45 30.43
N HIS B 292 11.11 -1.86 31.56
CA HIS B 292 12.16 -2.44 32.40
C HIS B 292 11.67 -3.73 33.04
N ALA B 293 10.39 -3.73 33.43
CA ALA B 293 9.76 -4.88 34.06
C ALA B 293 9.76 -6.07 33.13
N LEU B 294 9.41 -5.83 31.87
CA LEU B 294 9.44 -6.88 30.87
C LEU B 294 10.86 -7.40 30.67
N LEU B 295 11.83 -6.49 30.68
CA LEU B 295 13.24 -6.84 30.47
C LEU B 295 13.82 -7.51 31.72
N SER B 296 13.26 -7.22 32.89
CA SER B 296 13.68 -7.91 34.10
C SER B 296 13.19 -9.34 34.02
N ARG B 297 12.09 -9.55 33.31
CA ARG B 297 11.46 -10.86 33.18
C ARG B 297 12.23 -11.83 32.27
N PHE B 298 13.09 -11.29 31.42
CA PHE B 298 13.86 -12.12 30.49
C PHE B 298 15.33 -11.72 30.52
N ALA B 299 15.83 -11.40 31.70
CA ALA B 299 17.24 -11.08 31.86
C ALA B 299 18.16 -12.30 31.88
N THR B 300 17.62 -13.51 32.07
CA THR B 300 18.49 -14.70 32.11
C THR B 300 18.04 -15.83 31.21
N SER B 301 18.99 -16.73 30.90
CA SER B 301 18.72 -17.93 30.11
C SER B 301 17.75 -18.85 30.82
N GLU B 302 17.88 -18.87 32.14
CA GLU B 302 17.03 -19.67 33.01
C GLU B 302 15.57 -19.23 32.91
N GLN B 303 15.34 -17.93 32.98
CA GLN B 303 14.00 -17.37 32.82
C GLN B 303 13.43 -17.72 31.47
N THR B 304 14.18 -17.34 30.44
CA THR B 304 13.86 -17.60 29.05
C THR B 304 13.52 -19.09 28.84
N ASP B 305 14.36 -19.98 29.38
CA ASP B 305 14.18 -21.41 29.22
C ASP B 305 12.89 -21.89 29.86
N ALA B 306 12.49 -21.23 30.93
CA ALA B 306 11.26 -21.58 31.63
C ALA B 306 10.04 -21.09 30.86
N ALA B 307 10.11 -19.86 30.36
CA ALA B 307 9.04 -19.34 29.52
C ALA B 307 8.84 -20.25 28.31
N PHE B 308 9.95 -20.77 27.79
CA PHE B 308 9.90 -21.63 26.62
C PHE B 308 9.15 -22.92 26.92
N ALA B 309 9.60 -23.64 27.95
CA ALA B 309 8.99 -24.89 28.35
C ALA B 309 7.50 -24.72 28.68
N ALA B 310 7.15 -23.61 29.33
CA ALA B 310 5.75 -23.29 29.63
C ALA B 310 4.93 -23.20 28.34
N LEU B 311 5.51 -22.53 27.34
CA LEU B 311 4.91 -22.41 26.03
C LEU B 311 4.69 -23.80 25.47
N LYS B 312 5.69 -24.65 25.63
CA LYS B 312 5.58 -26.04 25.22
C LYS B 312 4.49 -26.75 26.00
N ASP B 313 4.25 -26.34 27.23
CA ASP B 313 3.23 -26.99 28.06
C ASP B 313 1.84 -26.58 27.58
N TYR B 314 1.67 -25.28 27.33
CA TYR B 314 0.43 -24.74 26.77
C TYR B 314 -0.05 -25.54 25.58
N TRP B 315 0.85 -25.80 24.64
CA TRP B 315 0.49 -26.45 23.39
C TRP B 315 0.32 -27.95 23.57
N THR B 316 1.20 -28.52 24.39
CA THR B 316 1.09 -29.91 24.81
C THR B 316 -0.28 -30.19 25.44
N ASP B 317 -0.72 -29.33 26.34
CA ASP B 317 -2.00 -29.53 27.02
C ASP B 317 -3.16 -29.20 26.11
N LEU B 318 -2.97 -28.20 25.26
CA LEU B 318 -4.04 -27.76 24.39
C LEU B 318 -4.45 -28.87 23.42
N LEU B 319 -3.48 -29.48 22.76
CA LEU B 319 -3.77 -30.54 21.80
C LEU B 319 -3.88 -31.90 22.50
N SER B 320 -4.81 -32.02 23.43
CA SER B 320 -5.08 -33.29 24.10
C SER B 320 -6.51 -33.78 23.83
N THR B 321 -7.26 -33.01 23.04
CA THR B 321 -8.67 -33.30 22.79
C THR B 321 -8.92 -34.43 21.79
N TYR B 322 -8.03 -34.61 20.84
CA TYR B 322 -8.26 -35.57 19.77
C TYR B 322 -6.94 -36.01 19.17
N SER B 323 -6.66 -37.31 19.20
CA SER B 323 -5.45 -37.83 18.58
C SER B 323 -5.74 -39.21 18.03
N VAL B 324 -4.89 -39.66 17.11
CA VAL B 324 -5.10 -40.96 16.49
C VAL B 324 -3.76 -41.65 16.36
N SER B 325 -3.81 -42.98 16.39
CA SER B 325 -2.64 -43.82 16.27
C SER B 325 -2.90 -44.76 15.12
N SER B 326 -1.96 -44.87 14.18
CA SER B 326 -2.23 -45.62 12.97
C SER B 326 -0.99 -46.28 12.39
N ASN B 327 -1.19 -47.06 11.33
CA ASN B 327 -0.10 -47.57 10.50
C ASN B 327 0.57 -46.42 9.75
N ASP B 328 -0.22 -45.38 9.52
CA ASP B 328 0.11 -44.27 8.66
C ASP B 328 0.61 -43.07 9.46
N GLU B 329 1.94 -42.84 9.51
CA GLU B 329 2.45 -41.74 10.34
C GLU B 329 2.16 -40.34 9.80
N LYS B 330 1.89 -40.24 8.50
CA LYS B 330 1.54 -38.96 7.89
C LYS B 330 0.14 -38.54 8.34
N LEU B 331 -0.79 -39.48 8.32
CA LEU B 331 -2.12 -39.19 8.83
C LEU B 331 -1.93 -38.77 10.27
N ASP B 332 -1.18 -39.56 11.02
CA ASP B 332 -1.06 -39.33 12.44
C ASP B 332 -0.56 -37.92 12.71
N ARG B 333 0.49 -37.52 12.01
CA ARG B 333 1.10 -36.22 12.27
C ARG B 333 0.16 -35.08 11.87
N MET B 334 -0.74 -35.33 10.93
CA MET B 334 -1.67 -34.31 10.48
C MET B 334 -2.82 -34.21 11.47
N VAL B 335 -3.39 -35.36 11.83
CA VAL B 335 -4.52 -35.39 12.73
C VAL B 335 -4.15 -34.86 14.10
N ASN B 336 -2.99 -35.26 14.59
CA ASN B 336 -2.61 -34.95 15.98
C ASN B 336 -2.01 -33.56 16.13
N ILE B 337 -1.16 -33.18 15.19
CA ILE B 337 -0.30 -32.02 15.35
C ILE B 337 -0.64 -30.90 14.36
N TRP B 338 -0.27 -31.08 13.10
CA TRP B 338 -0.17 -29.95 12.16
C TRP B 338 -1.50 -29.35 11.73
N ASN B 339 -2.51 -30.18 11.55
CA ASN B 339 -3.82 -29.70 11.16
C ASN B 339 -4.47 -28.94 12.31
N GLN B 340 -4.27 -29.42 13.53
CA GLN B 340 -4.86 -28.78 14.70
C GLN B 340 -4.18 -27.45 15.02
N TYR B 341 -2.86 -27.42 14.85
CA TYR B 341 -2.07 -26.21 14.98
C TYR B 341 -2.59 -25.18 13.97
N GLN B 342 -2.69 -25.56 12.71
CA GLN B 342 -3.16 -24.63 11.69
C GLN B 342 -4.52 -24.05 12.03
N CYS B 343 -5.42 -24.85 12.61
CA CYS B 343 -6.76 -24.35 12.93
C CYS B 343 -6.75 -23.30 14.04
N MET B 344 -5.87 -23.48 15.03
CA MET B 344 -5.73 -22.47 16.06
C MET B 344 -5.22 -21.17 15.45
N VAL B 345 -4.27 -21.28 14.53
CA VAL B 345 -3.71 -20.09 13.90
C VAL B 345 -4.80 -19.34 13.15
N THR B 346 -5.58 -20.02 12.32
CA THR B 346 -6.69 -19.34 11.63
C THR B 346 -7.58 -18.60 12.62
N PHE B 347 -7.79 -19.17 13.80
CA PHE B 347 -8.60 -18.49 14.82
C PHE B 347 -7.89 -17.24 15.35
N ASN B 348 -6.65 -17.41 15.78
CA ASN B 348 -5.86 -16.31 16.34
C ASN B 348 -5.62 -15.18 15.34
N MET B 349 -5.44 -15.55 14.07
CA MET B 349 -5.02 -14.61 13.04
C MET B 349 -6.15 -14.17 12.12
N SER B 350 -7.23 -14.95 12.09
CA SER B 350 -8.28 -14.69 11.12
C SER B 350 -7.69 -14.79 9.72
N ARG B 351 -7.92 -13.77 8.89
CA ARG B 351 -7.32 -13.70 7.55
C ARG B 351 -6.39 -12.49 7.40
N SER B 352 -5.86 -12.00 8.52
CA SER B 352 -5.13 -10.74 8.56
C SER B 352 -3.78 -10.75 7.82
N ALA B 353 -2.89 -11.65 8.20
CA ALA B 353 -1.54 -11.62 7.63
C ALA B 353 -0.93 -13.00 7.43
N SER B 354 -0.29 -13.13 6.26
CA SER B 354 0.55 -14.27 5.94
C SER B 354 1.52 -13.71 4.89
N PHE B 355 2.34 -14.55 4.28
CA PHE B 355 3.22 -14.06 3.23
C PHE B 355 2.45 -13.78 1.94
N PHE B 356 1.18 -14.19 1.90
CA PHE B 356 0.33 -13.86 0.76
C PHE B 356 -0.74 -12.80 1.10
N GLU B 357 -1.41 -12.92 2.25
CA GLU B 357 -2.33 -11.87 2.73
C GLU B 357 -1.51 -10.79 3.43
N THR B 358 -1.74 -9.52 3.07
CA THR B 358 -0.76 -8.46 3.37
C THR B 358 -0.99 -7.67 4.66
N GLY B 359 -1.96 -8.06 5.48
CA GLY B 359 -2.07 -7.49 6.82
C GLY B 359 -2.57 -6.07 6.87
N ILE B 360 -2.95 -5.52 5.72
CA ILE B 360 -3.46 -4.15 5.69
C ILE B 360 -4.95 -4.13 6.01
N GLY B 361 -5.73 -4.91 5.26
CA GLY B 361 -7.13 -5.09 5.60
C GLY B 361 -7.29 -5.85 6.91
N ARG B 362 -8.12 -5.32 7.81
CA ARG B 362 -8.29 -5.90 9.14
C ARG B 362 -9.45 -6.90 9.24
N GLY B 363 -10.30 -6.97 8.21
CA GLY B 363 -11.51 -7.77 8.27
C GLY B 363 -11.36 -9.27 8.02
N MET B 364 -12.46 -10.00 8.27
CA MET B 364 -12.55 -11.42 7.96
C MET B 364 -14.01 -11.77 7.63
N GLY B 365 -14.20 -12.67 6.67
CA GLY B 365 -15.54 -13.06 6.27
C GLY B 365 -16.37 -13.64 7.39
N PHE B 366 -17.61 -13.19 7.47
CA PHE B 366 -18.57 -13.73 8.41
C PHE B 366 -18.69 -15.23 8.22
N ARG B 367 -18.67 -15.66 6.96
CA ARG B 367 -18.78 -17.09 6.67
C ARG B 367 -17.51 -17.79 7.11
N ASP B 368 -16.38 -17.10 7.05
CA ASP B 368 -15.09 -17.67 7.41
C ASP B 368 -14.94 -17.84 8.93
N SER B 369 -15.46 -16.89 9.72
CA SER B 369 -15.48 -17.05 11.16
C SER B 369 -16.16 -18.36 11.50
N ASN B 370 -17.33 -18.56 10.90
CA ASN B 370 -18.17 -19.70 11.21
C ASN B 370 -17.55 -21.03 10.81
N GLN B 371 -16.99 -21.11 9.61
CA GLN B 371 -16.40 -22.37 9.18
C GLN B 371 -15.13 -22.68 9.98
N ASP B 372 -14.39 -21.64 10.33
CA ASP B 372 -13.17 -21.78 11.11
C ASP B 372 -13.46 -22.38 12.48
N LEU B 373 -14.58 -21.97 13.04
CA LEU B 373 -14.99 -22.41 14.37
C LEU B 373 -15.15 -23.93 14.43
N LEU B 374 -15.62 -24.54 13.34
CA LEU B 374 -15.84 -25.99 13.26
C LEU B 374 -14.55 -26.79 13.46
N GLY B 375 -13.40 -26.15 13.22
CA GLY B 375 -12.13 -26.83 13.30
C GLY B 375 -11.40 -26.67 14.62
N PHE B 376 -11.76 -25.64 15.40
CA PHE B 376 -11.06 -25.36 16.64
C PHE B 376 -11.97 -25.45 17.87
N VAL B 377 -13.23 -25.82 17.67
CA VAL B 377 -14.20 -25.76 18.74
C VAL B 377 -14.00 -26.85 19.78
N HIS B 378 -13.27 -27.90 19.39
CA HIS B 378 -12.92 -28.98 20.30
C HIS B 378 -11.72 -28.58 21.15
N LEU B 379 -11.05 -27.50 20.75
CA LEU B 379 -9.84 -27.06 21.43
C LEU B 379 -10.17 -25.98 22.45
N ILE B 380 -10.99 -25.02 22.05
CA ILE B 380 -11.27 -23.83 22.85
C ILE B 380 -12.75 -23.47 22.86
N PRO B 381 -13.59 -24.34 23.48
CA PRO B 381 -15.04 -24.17 23.42
C PRO B 381 -15.54 -22.85 23.98
N GLU B 382 -14.99 -22.38 25.09
CA GLU B 382 -15.49 -21.17 25.73
C GLU B 382 -15.20 -19.96 24.87
N ARG B 383 -14.03 -19.95 24.25
CA ARG B 383 -13.69 -18.93 23.28
C ARG B 383 -14.62 -19.01 22.08
N ALA B 384 -14.81 -20.21 21.56
CA ALA B 384 -15.72 -20.43 20.45
C ALA B 384 -17.07 -19.83 20.76
N ARG B 385 -17.54 -20.09 21.97
CA ARG B 385 -18.87 -19.65 22.37
C ARG B 385 -18.92 -18.14 22.29
N GLU B 386 -17.84 -17.50 22.72
CA GLU B 386 -17.77 -16.05 22.74
C GLU B 386 -17.70 -15.49 21.32
N ARG B 387 -17.12 -16.28 20.41
CA ARG B 387 -17.04 -15.89 19.01
C ARG B 387 -18.43 -15.92 18.39
N ILE B 388 -19.17 -17.00 18.64
CA ILE B 388 -20.50 -17.15 18.07
C ILE B 388 -21.38 -15.99 18.48
N ILE B 389 -21.21 -15.50 19.69
CA ILE B 389 -22.02 -14.39 20.17
C ILE B 389 -21.54 -13.07 19.57
N ASP B 390 -20.24 -12.91 19.40
CA ASP B 390 -19.71 -11.69 18.82
C ASP B 390 -20.26 -11.47 17.41
N ILE B 391 -20.07 -12.46 16.54
CA ILE B 391 -20.46 -12.30 15.15
C ILE B 391 -21.97 -12.15 15.01
N ALA B 392 -22.73 -12.88 15.82
CA ALA B 392 -24.18 -12.89 15.71
C ALA B 392 -24.81 -11.55 16.12
N SER B 393 -24.07 -10.75 16.88
CA SER B 393 -24.57 -9.46 17.34
C SER B 393 -24.57 -8.42 16.23
N THR B 394 -23.78 -8.64 15.19
CA THR B 394 -23.72 -7.72 14.05
C THR B 394 -24.82 -8.01 13.01
N GLN B 395 -25.51 -9.13 13.18
CA GLN B 395 -26.50 -9.57 12.21
C GLN B 395 -27.71 -8.61 12.12
N PHE B 396 -28.09 -8.25 10.90
CA PHE B 396 -29.21 -7.34 10.69
C PHE B 396 -30.52 -8.01 11.09
N ALA B 397 -31.50 -7.19 11.47
CA ALA B 397 -32.75 -7.71 12.00
C ALA B 397 -33.56 -8.51 10.97
N ASP B 398 -33.21 -8.39 9.69
CA ASP B 398 -33.98 -9.09 8.66
C ASP B 398 -33.37 -10.45 8.34
N GLY B 399 -32.27 -10.79 9.01
CA GLY B 399 -31.65 -12.09 8.85
C GLY B 399 -30.28 -12.01 8.20
N SER B 400 -30.10 -11.04 7.32
CA SER B 400 -28.81 -10.89 6.66
C SER B 400 -27.77 -10.41 7.65
N ALA B 401 -26.50 -10.54 7.28
CA ALA B 401 -25.40 -10.09 8.13
C ALA B 401 -24.37 -9.41 7.26
N TYR B 402 -23.46 -8.69 7.90
CA TYR B 402 -22.31 -8.14 7.21
C TYR B 402 -21.52 -9.29 6.59
N HIS B 403 -21.10 -9.12 5.34
CA HIS B 403 -20.33 -10.16 4.65
C HIS B 403 -18.95 -10.29 5.27
N GLN B 404 -18.49 -9.20 5.85
CA GLN B 404 -17.20 -9.18 6.53
C GLN B 404 -17.40 -8.73 7.95
N TYR B 405 -16.66 -9.35 8.85
CA TYR B 405 -16.75 -9.08 10.28
C TYR B 405 -15.37 -8.65 10.74
N GLN B 406 -15.32 -7.65 11.61
CA GLN B 406 -14.05 -7.24 12.17
C GLN B 406 -13.94 -7.86 13.54
N PRO B 407 -13.01 -8.80 13.71
CA PRO B 407 -12.79 -9.47 14.99
C PRO B 407 -12.28 -8.51 16.07
N LEU B 408 -11.39 -7.61 15.69
CA LEU B 408 -10.84 -6.66 16.63
C LEU B 408 -11.89 -5.68 17.14
N THR B 409 -12.70 -5.17 16.22
CA THR B 409 -13.77 -4.23 16.57
C THR B 409 -15.10 -4.91 16.90
N LYS B 410 -15.20 -6.20 16.61
CA LYS B 410 -16.43 -6.94 16.89
C LYS B 410 -17.61 -6.25 16.21
N ARG B 411 -17.37 -5.74 15.01
CA ARG B 411 -18.41 -5.04 14.27
C ARG B 411 -18.41 -5.50 12.83
N GLY B 412 -19.58 -5.53 12.20
CA GLY B 412 -19.65 -5.80 10.78
C GLY B 412 -18.98 -4.69 9.99
N ASN B 413 -18.50 -5.01 8.80
CA ASN B 413 -17.93 -4.01 7.91
C ASN B 413 -19.02 -3.26 7.16
N ASN B 414 -19.11 -1.94 7.35
CA ASN B 414 -20.14 -1.15 6.71
C ASN B 414 -19.90 -0.91 5.22
N ASP B 415 -18.68 -0.52 4.86
CA ASP B 415 -18.33 -0.27 3.45
C ASP B 415 -18.77 -1.40 2.52
N ILE B 416 -18.46 -2.65 2.88
CA ILE B 416 -18.89 -3.79 2.10
C ILE B 416 -20.37 -4.13 2.33
N GLY B 417 -20.85 -3.95 3.55
CA GLY B 417 -22.25 -4.20 3.84
C GLY B 417 -22.65 -5.65 3.71
N SER B 418 -23.88 -5.88 3.23
CA SER B 418 -24.51 -7.20 3.24
C SER B 418 -24.60 -7.78 1.82
N GLY B 419 -25.64 -8.57 1.55
CA GLY B 419 -25.94 -8.99 0.18
C GLY B 419 -25.54 -10.39 -0.27
N PHE B 420 -24.60 -11.02 0.44
CA PHE B 420 -24.15 -12.37 0.09
C PHE B 420 -25.04 -13.42 0.76
N ASN B 421 -25.97 -13.98 0.01
CA ASN B 421 -27.09 -14.70 0.61
C ASN B 421 -26.76 -16.08 1.18
N ASP B 422 -25.50 -16.48 1.14
CA ASP B 422 -25.12 -17.71 1.81
C ASP B 422 -24.62 -17.41 3.21
N ASP B 423 -24.32 -16.14 3.49
CA ASP B 423 -23.65 -15.79 4.74
C ASP B 423 -24.49 -16.17 5.98
N PRO B 424 -25.80 -15.85 5.97
CA PRO B 424 -26.68 -16.12 7.11
C PRO B 424 -26.72 -17.57 7.62
N LEU B 425 -26.91 -18.54 6.74
CA LEU B 425 -27.01 -19.92 7.19
C LEU B 425 -25.73 -20.40 7.86
N TRP B 426 -24.62 -19.72 7.59
CA TRP B 426 -23.36 -20.10 8.22
C TRP B 426 -23.40 -19.91 9.75
N LEU B 427 -24.19 -18.97 10.25
CA LEU B 427 -24.32 -18.79 11.71
C LEU B 427 -24.98 -19.99 12.38
N ILE B 428 -25.87 -20.68 11.66
CA ILE B 428 -26.49 -21.89 12.20
C ILE B 428 -25.47 -23.01 12.25
N ALA B 429 -24.62 -23.08 11.23
CA ALA B 429 -23.60 -24.11 11.17
C ALA B 429 -22.67 -23.98 12.36
N GLY B 430 -22.37 -22.74 12.72
CA GLY B 430 -21.52 -22.46 13.86
C GLY B 430 -22.17 -22.85 15.18
N THR B 431 -23.42 -22.45 15.37
CA THR B 431 -24.13 -22.72 16.62
C THR B 431 -24.29 -24.23 16.82
N ALA B 432 -24.92 -24.90 15.85
CA ALA B 432 -25.13 -26.34 15.91
C ALA B 432 -23.87 -27.10 16.27
N ALA B 433 -22.76 -26.81 15.60
CA ALA B 433 -21.52 -27.54 15.87
C ALA B 433 -21.04 -27.27 17.28
N TYR B 434 -20.99 -25.99 17.65
CA TYR B 434 -20.54 -25.66 18.99
C TYR B 434 -21.30 -26.42 20.05
N ILE B 435 -22.61 -26.59 19.84
CA ILE B 435 -23.46 -27.22 20.83
C ILE B 435 -23.33 -28.74 20.83
N LYS B 436 -23.16 -29.32 19.64
CA LYS B 436 -22.94 -30.76 19.57
C LYS B 436 -21.66 -31.10 20.32
N GLU B 437 -20.69 -30.21 20.22
CA GLU B 437 -19.38 -30.44 20.80
C GLU B 437 -19.43 -30.35 22.33
N THR B 438 -20.22 -29.43 22.85
CA THR B 438 -20.18 -29.11 24.28
C THR B 438 -21.46 -29.50 25.01
N GLY B 439 -22.58 -29.49 24.30
CA GLY B 439 -23.86 -29.79 24.90
C GLY B 439 -24.42 -28.57 25.61
N ASP B 440 -23.79 -27.43 25.35
CA ASP B 440 -24.20 -26.17 25.95
C ASP B 440 -25.31 -25.51 25.12
N PHE B 441 -26.54 -25.99 25.33
CA PHE B 441 -27.73 -25.44 24.67
C PHE B 441 -28.10 -24.09 25.27
N SER B 442 -27.44 -23.76 26.38
CA SER B 442 -27.71 -22.54 27.11
C SER B 442 -27.38 -21.32 26.25
N ILE B 443 -26.48 -21.49 25.30
CA ILE B 443 -26.11 -20.40 24.40
C ILE B 443 -27.32 -19.95 23.57
N LEU B 444 -28.17 -20.88 23.19
CA LEU B 444 -29.37 -20.56 22.43
C LEU B 444 -30.28 -19.60 23.18
N ASP B 445 -30.13 -19.55 24.50
CA ASP B 445 -30.96 -18.70 25.34
C ASP B 445 -30.30 -17.34 25.57
N GLU B 446 -29.05 -17.20 25.12
CA GLU B 446 -28.29 -15.98 25.34
C GLU B 446 -28.87 -14.80 24.56
N PRO B 447 -28.90 -13.61 25.18
CA PRO B 447 -29.40 -12.42 24.50
C PRO B 447 -28.38 -11.89 23.49
N VAL B 448 -28.85 -11.60 22.28
CA VAL B 448 -28.00 -11.11 21.21
C VAL B 448 -28.69 -9.98 20.47
N PRO B 449 -27.99 -8.87 20.24
CA PRO B 449 -28.58 -7.74 19.54
C PRO B 449 -28.56 -7.95 18.03
N PHE B 450 -29.31 -7.13 17.31
CA PHE B 450 -29.19 -7.09 15.86
C PHE B 450 -28.38 -5.85 15.51
N ASP B 451 -27.33 -6.04 14.71
CA ASP B 451 -26.48 -4.94 14.28
C ASP B 451 -25.97 -4.12 15.48
N ASN B 452 -25.60 -4.82 16.54
CA ASN B 452 -25.01 -4.18 17.72
C ASN B 452 -25.82 -3.02 18.27
N GLU B 453 -27.14 -3.13 18.24
CA GLU B 453 -28.00 -2.06 18.72
C GLU B 453 -28.53 -2.37 20.10
N PRO B 454 -28.09 -1.60 21.11
CA PRO B 454 -28.58 -1.82 22.47
C PRO B 454 -30.10 -1.78 22.53
N GLY B 455 -30.68 -2.70 23.29
CA GLY B 455 -32.12 -2.75 23.44
C GLY B 455 -32.81 -3.56 22.35
N SER B 456 -32.05 -4.05 21.39
CA SER B 456 -32.62 -4.85 20.31
C SER B 456 -32.38 -6.34 20.56
N GLU B 457 -31.65 -6.63 21.63
CA GLU B 457 -31.27 -8.00 21.97
C GLU B 457 -32.44 -8.98 21.96
N VAL B 458 -32.22 -10.13 21.31
CA VAL B 458 -33.18 -11.24 21.36
C VAL B 458 -32.42 -12.53 21.68
N PRO B 459 -33.13 -13.59 22.09
CA PRO B 459 -32.38 -14.81 22.34
C PRO B 459 -31.63 -15.25 21.08
N LEU B 460 -30.47 -15.89 21.24
CA LEU B 460 -29.67 -16.29 20.09
C LEU B 460 -30.49 -17.15 19.13
N PHE B 461 -31.36 -18.00 19.65
CA PHE B 461 -32.14 -18.86 18.77
C PHE B 461 -32.93 -18.05 17.75
N GLU B 462 -33.41 -16.88 18.16
CA GLU B 462 -34.19 -16.04 17.28
C GLU B 462 -33.33 -15.57 16.10
N HIS B 463 -32.03 -15.39 16.34
CA HIS B 463 -31.09 -15.04 15.28
C HIS B 463 -31.00 -16.14 14.24
N LEU B 464 -30.91 -17.37 14.70
CA LEU B 464 -30.91 -18.52 13.80
C LEU B 464 -32.19 -18.52 12.97
N THR B 465 -33.32 -18.19 13.61
CA THR B 465 -34.60 -18.11 12.93
C THR B 465 -34.57 -17.02 11.85
N ARG B 466 -33.99 -15.86 12.16
CA ARG B 466 -33.84 -14.82 11.16
C ARG B 466 -33.07 -15.39 9.97
N SER B 467 -31.95 -16.03 10.28
CA SER B 467 -31.10 -16.63 9.26
C SER B 467 -31.86 -17.67 8.43
N PHE B 468 -32.66 -18.49 9.09
CA PHE B 468 -33.40 -19.52 8.39
C PHE B 468 -34.45 -18.91 7.48
N GLU B 469 -35.18 -17.93 8.02
CA GLU B 469 -36.32 -17.36 7.31
C GLU B 469 -35.84 -16.47 6.19
N PHE B 470 -34.62 -15.94 6.32
CA PHE B 470 -34.09 -15.10 5.26
C PHE B 470 -34.06 -15.84 3.94
N THR B 471 -33.60 -17.08 3.96
CA THR B 471 -33.58 -17.89 2.74
C THR B 471 -34.98 -18.23 2.26
N VAL B 472 -35.88 -18.53 3.19
CA VAL B 472 -37.26 -18.86 2.84
C VAL B 472 -37.90 -17.72 2.05
N THR B 473 -37.69 -16.48 2.50
CA THR B 473 -38.31 -15.35 1.82
C THR B 473 -37.49 -14.79 0.65
N HIS B 474 -36.26 -15.26 0.47
CA HIS B 474 -35.46 -14.84 -0.68
C HIS B 474 -35.15 -15.98 -1.63
N ARG B 475 -36.18 -16.49 -2.30
CA ARG B 475 -35.97 -17.52 -3.30
C ARG B 475 -36.37 -17.03 -4.68
N GLY B 476 -35.97 -17.79 -5.71
CA GLY B 476 -36.22 -17.40 -7.07
C GLY B 476 -37.37 -18.18 -7.65
N PRO B 477 -37.52 -18.10 -8.97
CA PRO B 477 -38.59 -18.76 -9.72
C PRO B 477 -38.61 -20.27 -9.54
N HIS B 478 -37.45 -20.89 -9.34
CA HIS B 478 -37.37 -22.33 -9.17
C HIS B 478 -37.45 -22.76 -7.71
N GLY B 479 -37.50 -21.79 -6.80
CA GLY B 479 -37.59 -22.08 -5.37
C GLY B 479 -36.23 -22.21 -4.74
N LEU B 480 -35.20 -21.84 -5.48
CA LEU B 480 -33.85 -21.86 -4.98
C LEU B 480 -33.50 -20.47 -4.46
N PRO B 481 -32.65 -20.39 -3.45
CA PRO B 481 -32.28 -19.09 -2.86
C PRO B 481 -31.65 -18.14 -3.88
N LEU B 482 -32.05 -16.86 -3.82
CA LEU B 482 -31.47 -15.84 -4.67
C LEU B 482 -30.01 -15.75 -4.29
N ILE B 483 -29.12 -15.64 -5.28
CA ILE B 483 -27.70 -15.66 -4.95
C ILE B 483 -27.23 -14.35 -4.34
N GLY B 484 -27.88 -13.24 -4.69
CA GLY B 484 -27.37 -11.94 -4.28
C GLY B 484 -26.04 -11.70 -4.97
N ARG B 485 -25.14 -10.97 -4.32
CA ARG B 485 -23.86 -10.62 -4.93
C ARG B 485 -23.03 -11.87 -5.20
N ALA B 486 -23.05 -12.80 -4.25
CA ALA B 486 -22.37 -14.08 -4.41
C ALA B 486 -22.78 -15.05 -3.30
N ASP B 487 -22.48 -16.32 -3.52
CA ASP B 487 -22.60 -17.32 -2.45
C ASP B 487 -21.18 -17.66 -2.04
N TRP B 488 -20.98 -18.82 -1.43
CA TRP B 488 -19.65 -19.15 -0.91
C TRP B 488 -18.57 -18.71 -1.90
N ASN B 489 -18.77 -19.01 -3.18
CA ASN B 489 -17.84 -18.60 -4.23
C ASN B 489 -17.92 -17.09 -4.47
N ASP B 490 -16.97 -16.35 -3.95
CA ASP B 490 -17.01 -14.90 -4.04
C ASP B 490 -16.92 -14.41 -5.49
N CYS B 491 -16.35 -15.21 -6.39
CA CYS B 491 -16.14 -14.75 -7.75
C CYS B 491 -17.33 -15.07 -8.65
N LEU B 492 -18.40 -15.61 -8.07
CA LEU B 492 -19.62 -15.86 -8.82
C LEU B 492 -20.59 -14.70 -8.63
N ASN B 493 -20.38 -13.63 -9.40
CA ASN B 493 -21.19 -12.42 -9.28
C ASN B 493 -22.15 -12.24 -10.46
N LEU B 494 -23.40 -12.57 -10.22
CA LEU B 494 -24.41 -12.63 -11.27
C LEU B 494 -25.22 -11.34 -11.34
N ASN B 495 -25.01 -10.46 -10.37
CA ASN B 495 -25.66 -9.16 -10.39
C ASN B 495 -24.61 -8.03 -10.47
N CYS B 496 -23.49 -8.28 -11.17
CA CYS B 496 -22.41 -7.28 -11.28
C CYS B 496 -22.43 -6.57 -12.64
N PHE B 497 -22.37 -7.34 -13.71
CA PHE B 497 -22.33 -6.78 -15.07
C PHE B 497 -21.37 -5.60 -15.21
N SER B 498 -20.09 -5.83 -14.93
CA SER B 498 -19.10 -4.74 -14.96
C SER B 498 -18.13 -4.84 -16.15
N THR B 499 -17.73 -3.68 -16.64
CA THR B 499 -16.84 -3.56 -17.79
C THR B 499 -15.82 -2.47 -17.50
N THR B 500 -15.77 -2.07 -16.24
CA THR B 500 -14.96 -0.95 -15.80
C THR B 500 -13.95 -1.41 -14.76
N PRO B 501 -12.66 -1.45 -15.14
CA PRO B 501 -11.61 -1.91 -14.24
C PRO B 501 -11.61 -1.10 -12.95
N GLY B 502 -11.68 -1.76 -11.79
CA GLY B 502 -11.61 -1.06 -10.52
C GLY B 502 -12.94 -0.92 -9.80
N GLU B 503 -14.01 -1.40 -10.44
CA GLU B 503 -15.28 -1.55 -9.76
C GLU B 503 -15.18 -2.87 -8.98
N SER B 504 -15.77 -2.94 -7.80
CA SER B 504 -15.64 -4.15 -7.01
C SER B 504 -16.57 -5.24 -7.53
N PHE B 505 -16.00 -6.36 -7.95
CA PHE B 505 -16.79 -7.47 -8.47
C PHE B 505 -17.90 -7.94 -7.51
N GLN B 506 -17.64 -7.85 -6.20
CA GLN B 506 -18.56 -8.43 -5.22
C GLN B 506 -19.64 -7.48 -4.75
N THR B 507 -19.44 -6.17 -4.92
CA THR B 507 -20.32 -5.18 -4.33
C THR B 507 -21.07 -4.37 -5.37
N THR B 508 -20.39 -4.02 -6.45
CA THR B 508 -21.01 -3.17 -7.47
C THR B 508 -22.05 -3.98 -8.22
N GLU B 509 -23.24 -3.39 -8.37
CA GLU B 509 -24.32 -4.06 -9.08
C GLU B 509 -24.87 -3.13 -10.15
N ASN B 510 -24.58 -3.44 -11.41
CA ASN B 510 -24.91 -2.54 -12.52
C ASN B 510 -26.31 -2.77 -13.10
N GLN B 511 -26.91 -3.89 -12.73
CA GLN B 511 -28.29 -4.19 -13.06
C GLN B 511 -29.06 -4.38 -11.75
N ALA B 512 -30.16 -3.67 -11.60
CA ALA B 512 -30.91 -3.63 -10.33
C ALA B 512 -31.59 -4.91 -9.83
N GLY B 513 -32.25 -5.67 -10.70
CA GLY B 513 -33.03 -6.81 -10.25
C GLY B 513 -32.58 -8.23 -10.60
N GLY B 514 -33.31 -8.87 -11.50
CA GLY B 514 -32.98 -10.22 -11.94
C GLY B 514 -33.54 -11.37 -11.11
N VAL B 515 -33.18 -12.58 -11.52
CA VAL B 515 -33.59 -13.80 -10.83
C VAL B 515 -32.43 -14.78 -10.54
N ALA B 516 -31.24 -14.28 -10.24
CA ALA B 516 -30.08 -15.17 -10.08
C ALA B 516 -30.21 -16.08 -8.86
N GLU B 517 -30.17 -17.39 -9.10
CA GLU B 517 -30.31 -18.39 -8.05
C GLU B 517 -29.02 -19.19 -7.89
N SER B 518 -28.86 -19.83 -6.73
CA SER B 518 -27.66 -20.60 -6.44
C SER B 518 -28.04 -21.95 -5.89
N THR B 519 -27.49 -23.00 -6.47
CA THR B 519 -27.76 -24.34 -5.98
C THR B 519 -26.96 -24.60 -4.71
N PHE B 520 -25.83 -23.91 -4.53
CA PHE B 520 -25.04 -24.12 -3.32
C PHE B 520 -25.72 -23.63 -2.05
N ILE B 521 -26.42 -22.50 -2.11
CA ILE B 521 -27.13 -22.01 -0.93
C ILE B 521 -28.30 -22.93 -0.67
N ALA B 522 -28.83 -23.50 -1.75
CA ALA B 522 -29.90 -24.47 -1.67
C ALA B 522 -29.45 -25.68 -0.86
N ALA B 523 -28.32 -26.26 -1.26
CA ALA B 523 -27.74 -27.40 -0.56
C ALA B 523 -27.45 -27.06 0.90
N GLN B 524 -26.89 -25.88 1.10
CA GLN B 524 -26.62 -25.33 2.43
C GLN B 524 -27.89 -25.14 3.26
N PHE B 525 -29.01 -24.82 2.61
CA PHE B 525 -30.31 -24.61 3.29
C PHE B 525 -30.89 -25.94 3.76
N VAL B 526 -30.70 -26.97 2.95
CA VAL B 526 -31.12 -28.31 3.32
C VAL B 526 -30.27 -28.80 4.48
N LEU B 527 -28.96 -28.56 4.40
CA LEU B 527 -28.04 -29.06 5.41
C LEU B 527 -28.20 -28.33 6.74
N TYR B 528 -28.03 -27.01 6.72
CA TYR B 528 -28.16 -26.20 7.93
C TYR B 528 -29.61 -25.81 8.24
N GLY B 529 -30.51 -26.09 7.31
CA GLY B 529 -31.93 -25.95 7.57
C GLY B 529 -32.39 -27.04 8.53
N GLU B 530 -31.92 -28.26 8.31
CA GLU B 530 -32.29 -29.38 9.16
C GLU B 530 -31.62 -29.32 10.53
N GLN B 531 -30.46 -28.67 10.60
CA GLN B 531 -29.78 -28.53 11.88
C GLN B 531 -30.59 -27.57 12.72
N TYR B 532 -31.06 -26.51 12.07
CA TYR B 532 -31.92 -25.53 12.71
C TYR B 532 -33.24 -26.16 13.15
N ALA B 533 -33.81 -27.03 12.32
CA ALA B 533 -35.04 -27.73 12.67
C ALA B 533 -34.80 -28.60 13.91
N GLU B 534 -33.65 -29.27 13.96
CA GLU B 534 -33.28 -30.07 15.11
C GLU B 534 -33.20 -29.24 16.39
N LEU B 535 -32.60 -28.05 16.29
CA LEU B 535 -32.46 -27.17 17.45
C LEU B 535 -33.79 -26.57 17.93
N ALA B 536 -34.70 -26.30 17.00
CA ALA B 536 -36.00 -25.74 17.37
C ALA B 536 -36.85 -26.81 18.04
N ALA B 537 -36.78 -28.02 17.51
CA ALA B 537 -37.51 -29.16 18.04
C ALA B 537 -37.07 -29.52 19.47
N ARG B 538 -35.77 -29.62 19.69
CA ARG B 538 -35.24 -29.89 21.02
C ARG B 538 -35.65 -28.77 21.94
N ARG B 539 -35.63 -27.57 21.40
CA ARG B 539 -36.00 -26.37 22.13
C ARG B 539 -37.45 -26.40 22.58
N GLY B 540 -38.23 -27.32 22.02
CA GLY B 540 -39.64 -27.41 22.33
C GLY B 540 -40.55 -26.71 21.32
N LEU B 541 -39.94 -26.06 20.34
CA LEU B 541 -40.69 -25.41 19.27
C LEU B 541 -41.00 -26.41 18.16
N ALA B 542 -41.92 -27.32 18.44
CA ALA B 542 -42.26 -28.39 17.50
C ALA B 542 -42.87 -27.84 16.22
N ASP B 543 -43.73 -26.83 16.35
CA ASP B 543 -44.41 -26.25 15.20
C ASP B 543 -43.39 -25.62 14.25
N VAL B 544 -42.47 -24.84 14.82
CA VAL B 544 -41.43 -24.20 14.03
C VAL B 544 -40.57 -25.23 13.31
N ALA B 545 -40.33 -26.36 13.97
CA ALA B 545 -39.45 -27.39 13.46
C ALA B 545 -40.04 -28.13 12.26
N ASP B 546 -41.25 -28.68 12.44
CA ASP B 546 -41.89 -29.43 11.36
C ASP B 546 -42.06 -28.55 10.13
N ARG B 547 -42.24 -27.27 10.40
CA ARG B 547 -42.46 -26.26 9.39
C ARG B 547 -41.17 -25.97 8.63
N ALA B 548 -40.06 -25.96 9.35
CA ALA B 548 -38.75 -25.73 8.75
C ALA B 548 -38.30 -26.97 8.01
N ARG B 549 -38.73 -28.12 8.51
CA ARG B 549 -38.50 -29.39 7.84
C ARG B 549 -39.23 -29.33 6.51
N GLY B 550 -40.41 -28.74 6.53
CA GLY B 550 -41.24 -28.60 5.35
C GLY B 550 -40.52 -27.82 4.27
N HIS B 551 -39.90 -26.70 4.65
CA HIS B 551 -39.15 -25.91 3.68
C HIS B 551 -37.94 -26.70 3.20
N VAL B 552 -37.21 -27.29 4.14
CA VAL B 552 -36.05 -28.10 3.79
C VAL B 552 -36.44 -29.17 2.75
N ALA B 553 -37.59 -29.80 2.93
CA ALA B 553 -38.04 -30.83 1.99
C ALA B 553 -38.35 -30.21 0.63
N GLU B 554 -38.93 -29.01 0.66
CA GLU B 554 -39.18 -28.27 -0.56
C GLU B 554 -37.89 -27.96 -1.31
N MET B 555 -36.82 -27.64 -0.57
CA MET B 555 -35.56 -27.28 -1.20
C MET B 555 -34.89 -28.52 -1.74
N ARG B 556 -35.19 -29.65 -1.13
CA ARG B 556 -34.63 -30.90 -1.54
C ARG B 556 -35.22 -31.24 -2.89
N ASP B 557 -36.53 -31.06 -3.00
CA ASP B 557 -37.24 -31.30 -4.24
C ASP B 557 -36.67 -30.44 -5.35
N ALA B 558 -36.57 -29.14 -5.10
CA ALA B 558 -36.07 -28.19 -6.08
C ALA B 558 -34.70 -28.60 -6.62
N LEU B 559 -33.78 -28.92 -5.72
CA LEU B 559 -32.42 -29.32 -6.11
C LEU B 559 -32.45 -30.51 -7.07
N LEU B 560 -33.28 -31.52 -6.78
CA LEU B 560 -33.28 -32.76 -7.56
C LEU B 560 -34.05 -32.63 -8.88
N THR B 561 -34.66 -31.47 -9.10
CA THR B 561 -35.40 -31.21 -10.33
C THR B 561 -34.81 -29.98 -11.02
N ASP B 562 -35.32 -28.79 -10.67
CA ASP B 562 -34.78 -27.55 -11.23
C ASP B 562 -33.30 -27.34 -10.95
N GLY B 563 -32.71 -28.13 -10.07
CA GLY B 563 -31.31 -27.93 -9.72
C GLY B 563 -30.39 -29.01 -10.28
N TRP B 564 -30.98 -29.96 -10.99
CA TRP B 564 -30.28 -31.14 -11.47
C TRP B 564 -30.10 -31.08 -13.00
N ASP B 565 -28.88 -31.29 -13.49
CA ASP B 565 -28.62 -31.18 -14.93
C ASP B 565 -28.68 -32.52 -15.66
N GLY B 566 -28.79 -33.61 -14.90
CA GLY B 566 -28.82 -34.94 -15.49
C GLY B 566 -27.81 -35.90 -14.89
N SER B 567 -26.58 -35.43 -14.74
CA SER B 567 -25.51 -36.27 -14.20
C SER B 567 -24.76 -35.54 -13.10
N TRP B 568 -25.34 -34.44 -12.64
CA TRP B 568 -24.71 -33.59 -11.64
C TRP B 568 -25.62 -32.39 -11.43
N PHE B 569 -25.38 -31.62 -10.38
CA PHE B 569 -26.23 -30.48 -10.09
C PHE B 569 -25.76 -29.23 -10.84
N LEU B 570 -26.72 -28.41 -11.27
CA LEU B 570 -26.40 -27.12 -11.86
C LEU B 570 -25.76 -26.29 -10.77
N ARG B 571 -25.00 -25.26 -11.15
CA ARG B 571 -24.36 -24.38 -10.19
C ARG B 571 -25.29 -23.25 -9.79
N ALA B 572 -26.09 -22.75 -10.73
CA ALA B 572 -26.94 -21.61 -10.44
C ALA B 572 -27.82 -21.22 -11.62
N TYR B 573 -28.69 -20.25 -11.39
CA TYR B 573 -29.44 -19.62 -12.46
C TYR B 573 -29.02 -18.17 -12.48
N ASP B 574 -28.82 -17.65 -13.67
CA ASP B 574 -28.29 -16.30 -13.83
C ASP B 574 -29.37 -15.23 -13.63
N TYR B 575 -28.99 -13.99 -13.90
CA TYR B 575 -29.86 -12.82 -13.76
C TYR B 575 -31.14 -12.93 -14.60
N TYR B 576 -31.02 -13.59 -15.75
CA TYR B 576 -32.13 -13.79 -16.67
C TYR B 576 -32.64 -15.22 -16.66
N GLY B 577 -32.32 -15.95 -15.61
CA GLY B 577 -32.79 -17.31 -15.44
C GLY B 577 -32.26 -18.35 -16.42
N ASN B 578 -31.06 -18.14 -16.94
CA ASN B 578 -30.37 -19.15 -17.74
C ASN B 578 -29.40 -19.98 -16.90
N PRO B 579 -29.38 -21.30 -17.11
CA PRO B 579 -28.55 -22.22 -16.32
C PRO B 579 -27.06 -21.86 -16.33
N ILE B 580 -26.42 -22.07 -15.18
CA ILE B 580 -24.97 -22.01 -15.09
C ILE B 580 -24.49 -23.32 -14.50
N GLY B 581 -23.55 -23.96 -15.19
CA GLY B 581 -23.04 -25.25 -14.76
C GLY B 581 -23.82 -26.39 -15.38
N THR B 582 -23.99 -26.34 -16.70
CA THR B 582 -24.75 -27.36 -17.42
C THR B 582 -23.94 -27.96 -18.57
N ASP B 583 -24.11 -29.25 -18.81
CA ASP B 583 -23.48 -29.92 -19.95
C ASP B 583 -23.89 -29.30 -21.29
N ALA B 584 -25.00 -28.58 -21.31
CA ALA B 584 -25.43 -27.91 -22.54
C ALA B 584 -24.43 -26.84 -22.99
N HIS B 585 -23.67 -26.27 -22.05
CA HIS B 585 -22.70 -25.21 -22.34
C HIS B 585 -21.34 -25.75 -22.69
N ASP B 586 -20.43 -24.88 -23.10
CA ASP B 586 -19.07 -25.27 -23.49
C ASP B 586 -18.07 -25.18 -22.34
N GLU B 587 -18.18 -24.14 -21.53
CA GLU B 587 -17.26 -23.95 -20.42
C GLU B 587 -18.05 -24.00 -19.12
N GLY B 588 -17.38 -24.33 -18.03
CA GLY B 588 -18.00 -24.38 -16.73
C GLY B 588 -19.19 -25.31 -16.74
N LYS B 589 -19.01 -26.46 -17.38
CA LYS B 589 -20.03 -27.49 -17.44
C LYS B 589 -20.35 -28.02 -16.05
N ILE B 590 -19.36 -28.09 -15.18
CA ILE B 590 -19.59 -28.64 -13.86
C ILE B 590 -18.78 -27.94 -12.77
N TRP B 591 -19.48 -27.58 -11.71
CA TRP B 591 -18.87 -26.89 -10.58
C TRP B 591 -18.94 -27.79 -9.37
N ILE B 592 -17.96 -27.67 -8.48
CA ILE B 592 -17.76 -28.65 -7.43
C ILE B 592 -18.58 -28.37 -6.17
N GLU B 593 -18.84 -27.11 -5.89
CA GLU B 593 -19.47 -26.74 -4.62
C GLU B 593 -20.83 -27.42 -4.38
N PRO B 594 -21.73 -27.37 -5.37
CA PRO B 594 -23.08 -27.93 -5.19
C PRO B 594 -23.09 -29.45 -5.24
N GLN B 595 -22.05 -30.06 -5.80
CA GLN B 595 -21.97 -31.51 -5.83
C GLN B 595 -21.64 -32.02 -4.43
N GLY B 596 -20.65 -31.41 -3.80
CA GLY B 596 -20.20 -31.83 -2.48
C GLY B 596 -21.15 -31.43 -1.36
N PHE B 597 -21.63 -30.20 -1.37
CA PHE B 597 -22.43 -29.76 -0.24
C PHE B 597 -23.80 -30.43 -0.28
N ALA B 598 -24.31 -30.69 -1.47
CA ALA B 598 -25.63 -31.28 -1.60
C ALA B 598 -25.67 -32.74 -1.15
N VAL B 599 -24.62 -33.51 -1.47
CA VAL B 599 -24.55 -34.91 -1.03
C VAL B 599 -24.12 -34.97 0.43
N MET B 600 -23.38 -33.96 0.87
CA MET B 600 -23.13 -33.79 2.29
C MET B 600 -24.45 -33.75 3.05
N ALA B 601 -25.50 -33.36 2.35
CA ALA B 601 -26.82 -33.19 2.98
C ALA B 601 -27.80 -34.30 2.56
N GLY B 602 -27.25 -35.40 2.06
CA GLY B 602 -28.07 -36.57 1.71
C GLY B 602 -28.95 -36.40 0.49
N VAL B 603 -28.91 -35.24 -0.14
CA VAL B 603 -29.71 -35.05 -1.36
C VAL B 603 -29.20 -35.97 -2.46
N GLY B 604 -30.08 -36.83 -2.96
CA GLY B 604 -29.72 -37.78 -4.01
C GLY B 604 -29.11 -39.10 -3.55
N VAL B 605 -28.74 -39.22 -2.28
CA VAL B 605 -28.14 -40.46 -1.79
C VAL B 605 -29.14 -41.60 -1.90
N GLY B 606 -28.77 -42.65 -2.63
CA GLY B 606 -29.62 -43.82 -2.78
C GLY B 606 -29.41 -44.86 -1.69
N GLU B 607 -29.45 -46.12 -2.10
CA GLU B 607 -29.35 -47.25 -1.18
C GLU B 607 -27.92 -47.51 -0.73
N GLY B 608 -26.96 -47.29 -1.62
CA GLY B 608 -25.58 -47.56 -1.31
C GLY B 608 -24.63 -47.15 -2.42
N PRO B 609 -23.33 -47.38 -2.20
CA PRO B 609 -22.26 -47.13 -3.17
C PRO B 609 -22.57 -47.82 -4.50
N GLN B 610 -23.35 -48.88 -4.42
CA GLN B 610 -23.75 -49.64 -5.61
C GLN B 610 -24.90 -49.00 -6.36
N ASP B 611 -25.64 -48.12 -5.68
CA ASP B 611 -26.79 -47.45 -6.29
C ASP B 611 -26.30 -46.39 -7.28
N THR B 612 -25.99 -46.81 -8.49
CA THR B 612 -25.35 -45.93 -9.47
C THR B 612 -26.35 -45.07 -10.23
N ASP B 613 -27.63 -45.24 -9.95
CA ASP B 613 -28.64 -44.37 -10.52
C ASP B 613 -28.95 -43.22 -9.58
N ALA B 614 -28.43 -43.32 -8.37
CA ALA B 614 -28.59 -42.26 -7.38
C ALA B 614 -27.89 -41.01 -7.87
N PRO B 615 -28.62 -39.90 -8.00
CA PRO B 615 -28.03 -38.64 -8.47
C PRO B 615 -26.76 -38.31 -7.70
N ALA B 616 -26.80 -38.45 -6.38
CA ALA B 616 -25.63 -38.18 -5.56
C ALA B 616 -24.42 -38.97 -6.08
N ILE B 617 -24.64 -40.20 -6.55
CA ILE B 617 -23.56 -40.99 -7.11
C ILE B 617 -23.18 -40.53 -8.51
N LYS B 618 -24.17 -40.15 -9.31
CA LYS B 618 -23.90 -39.65 -10.66
C LYS B 618 -23.05 -38.39 -10.56
N ALA B 619 -23.47 -37.51 -9.66
CA ALA B 619 -22.78 -36.27 -9.41
C ALA B 619 -21.34 -36.56 -8.98
N LEU B 620 -21.17 -37.41 -7.97
CA LEU B 620 -19.85 -37.74 -7.45
C LEU B 620 -18.98 -38.47 -8.48
N ASP B 621 -19.61 -39.19 -9.40
CA ASP B 621 -18.86 -39.85 -10.48
C ASP B 621 -18.46 -38.83 -11.53
N SER B 622 -19.33 -37.85 -11.75
CA SER B 622 -19.03 -36.74 -12.63
C SER B 622 -17.87 -35.93 -12.07
N VAL B 623 -17.87 -35.73 -10.76
CA VAL B 623 -16.82 -34.93 -10.12
C VAL B 623 -15.50 -35.65 -10.28
N ASN B 624 -15.55 -36.96 -10.31
CA ASN B 624 -14.32 -37.74 -10.42
C ASN B 624 -13.77 -37.74 -11.85
N GLU B 625 -14.66 -37.84 -12.83
CA GLU B 625 -14.22 -37.95 -14.22
C GLU B 625 -13.75 -36.61 -14.79
N MET B 626 -14.37 -35.52 -14.34
CA MET B 626 -14.16 -34.21 -14.96
C MET B 626 -13.41 -33.18 -14.12
N LEU B 627 -13.32 -33.39 -12.80
CA LEU B 627 -12.76 -32.35 -11.92
C LEU B 627 -11.53 -32.81 -11.14
N ALA B 628 -11.41 -34.11 -10.86
CA ALA B 628 -10.33 -34.61 -10.00
C ALA B 628 -9.02 -34.86 -10.73
N THR B 629 -7.94 -34.30 -10.19
CA THR B 629 -6.59 -34.46 -10.71
C THR B 629 -5.66 -34.96 -9.60
N ASP B 630 -4.46 -35.41 -9.96
CA ASP B 630 -3.53 -35.96 -8.97
C ASP B 630 -3.32 -34.98 -7.83
N HIS B 631 -3.54 -33.70 -8.11
CA HIS B 631 -3.28 -32.65 -7.13
C HIS B 631 -4.53 -32.20 -6.35
N GLY B 632 -5.67 -32.82 -6.61
CA GLY B 632 -6.93 -32.40 -6.02
C GLY B 632 -8.01 -32.14 -7.05
N MET B 633 -9.22 -31.78 -6.61
CA MET B 633 -10.32 -31.54 -7.55
C MET B 633 -10.44 -30.05 -7.90
N VAL B 634 -10.58 -29.78 -9.19
CA VAL B 634 -10.64 -28.41 -9.68
C VAL B 634 -12.03 -27.86 -9.42
N LEU B 635 -12.14 -26.54 -9.45
CA LEU B 635 -13.37 -25.86 -9.04
C LEU B 635 -14.50 -26.03 -10.06
N GLN B 636 -14.22 -25.77 -11.33
CA GLN B 636 -15.19 -26.11 -12.37
C GLN B 636 -14.47 -26.44 -13.66
N TYR B 637 -15.19 -27.03 -14.60
CA TYR B 637 -14.55 -27.47 -15.82
C TYR B 637 -15.55 -27.57 -16.98
N PRO B 638 -15.11 -27.18 -18.19
CA PRO B 638 -13.82 -26.54 -18.45
C PRO B 638 -13.76 -25.13 -17.88
N ALA B 639 -12.57 -24.60 -17.62
CA ALA B 639 -12.46 -23.23 -17.13
C ALA B 639 -12.79 -22.22 -18.22
N TYR B 640 -13.29 -21.05 -17.82
CA TYR B 640 -13.63 -19.99 -18.76
C TYR B 640 -12.41 -19.38 -19.45
N THR B 641 -12.41 -19.44 -20.79
CA THR B 641 -11.28 -18.94 -21.58
C THR B 641 -11.48 -17.50 -22.09
N THR B 642 -12.72 -17.02 -22.06
CA THR B 642 -13.01 -15.61 -22.34
C THR B 642 -13.78 -15.03 -21.16
N TYR B 643 -13.84 -13.71 -21.06
CA TYR B 643 -14.54 -13.06 -19.96
C TYR B 643 -16.05 -13.19 -20.13
N GLN B 644 -16.73 -13.58 -19.06
CA GLN B 644 -18.19 -13.68 -19.05
C GLN B 644 -18.74 -12.54 -18.19
N VAL B 645 -19.20 -11.47 -18.84
CA VAL B 645 -19.59 -10.24 -18.14
C VAL B 645 -20.76 -10.49 -17.20
N HIS B 646 -21.53 -11.54 -17.47
CA HIS B 646 -22.73 -11.83 -16.68
C HIS B 646 -22.38 -12.59 -15.41
N MET B 647 -21.11 -12.97 -15.26
CA MET B 647 -20.73 -13.86 -14.18
C MET B 647 -19.64 -13.28 -13.27
N GLY B 648 -19.36 -11.99 -13.39
CA GLY B 648 -18.49 -11.31 -12.44
C GLY B 648 -17.02 -11.67 -12.51
N GLU B 649 -16.42 -11.99 -11.36
CA GLU B 649 -14.98 -12.16 -11.29
C GLU B 649 -14.49 -13.53 -11.76
N VAL B 650 -15.35 -14.53 -11.72
CA VAL B 650 -14.87 -15.89 -11.91
C VAL B 650 -14.02 -16.05 -13.18
N SER B 651 -14.37 -15.35 -14.25
CA SER B 651 -13.70 -15.59 -15.53
C SER B 651 -12.55 -14.62 -15.80
N THR B 652 -12.22 -13.78 -14.83
CA THR B 652 -11.12 -12.84 -15.00
C THR B 652 -9.79 -13.56 -14.76
N TYR B 653 -9.87 -14.70 -14.07
CA TYR B 653 -8.71 -15.54 -13.82
C TYR B 653 -8.38 -16.38 -15.04
N PRO B 654 -7.08 -16.55 -15.35
CA PRO B 654 -6.65 -17.46 -16.42
C PRO B 654 -6.85 -18.92 -16.03
N PRO B 655 -7.32 -19.74 -16.99
CA PRO B 655 -7.65 -21.15 -16.73
C PRO B 655 -6.64 -21.84 -15.81
N GLY B 656 -7.15 -22.44 -14.73
CA GLY B 656 -6.34 -23.23 -13.83
C GLY B 656 -5.95 -22.46 -12.59
N TYR B 657 -6.52 -21.27 -12.42
CA TYR B 657 -6.13 -20.44 -11.28
C TYR B 657 -7.33 -19.96 -10.45
N LYS B 658 -7.21 -20.10 -9.13
CA LYS B 658 -8.23 -19.65 -8.19
C LYS B 658 -9.58 -20.23 -8.51
N GLU B 659 -10.56 -19.34 -8.63
CA GLU B 659 -11.95 -19.74 -8.79
C GLU B 659 -12.29 -20.15 -10.23
N ASN B 660 -11.37 -19.90 -11.16
CA ASN B 660 -11.54 -20.39 -12.53
C ASN B 660 -10.64 -21.58 -12.84
N GLY B 661 -11.01 -22.76 -12.36
CA GLY B 661 -10.29 -23.98 -12.71
C GLY B 661 -9.10 -24.23 -11.80
N GLY B 662 -8.98 -23.42 -10.76
CA GLY B 662 -8.00 -23.68 -9.73
C GLY B 662 -8.55 -24.80 -8.89
N ILE B 663 -7.66 -25.42 -8.12
CA ILE B 663 -8.07 -26.39 -7.13
C ILE B 663 -8.26 -25.59 -5.86
N PHE B 664 -9.50 -25.28 -5.54
CA PHE B 664 -9.78 -24.59 -4.29
C PHE B 664 -9.94 -25.63 -3.21
N CYS B 665 -8.91 -25.78 -2.38
CA CYS B 665 -8.85 -26.84 -1.40
C CYS B 665 -10.00 -26.76 -0.40
N HIS B 666 -10.39 -25.54 -0.08
CA HIS B 666 -11.44 -25.34 0.89
C HIS B 666 -12.62 -26.24 0.55
N ASN B 667 -12.99 -26.29 -0.73
CA ASN B 667 -14.20 -27.00 -1.14
C ASN B 667 -14.03 -28.50 -1.46
N ASN B 668 -12.78 -28.99 -1.50
CA ASN B 668 -12.52 -30.41 -1.71
C ASN B 668 -13.01 -31.29 -0.55
N PRO B 669 -12.80 -30.84 0.69
CA PRO B 669 -13.34 -31.66 1.78
C PRO B 669 -14.85 -31.84 1.68
N TRP B 670 -15.53 -30.99 0.92
CA TRP B 670 -16.97 -31.17 0.76
C TRP B 670 -17.25 -32.47 0.01
N VAL B 671 -16.58 -32.67 -1.11
CA VAL B 671 -16.68 -33.93 -1.84
C VAL B 671 -16.18 -35.12 -1.02
N ILE B 672 -15.11 -34.94 -0.26
CA ILE B 672 -14.54 -36.05 0.53
C ILE B 672 -15.58 -36.58 1.50
N ILE B 673 -16.23 -35.68 2.20
CA ILE B 673 -17.25 -36.06 3.14
C ILE B 673 -18.40 -36.69 2.38
N ALA B 674 -18.79 -36.04 1.28
CA ALA B 674 -19.90 -36.53 0.48
C ALA B 674 -19.62 -37.96 0.05
N GLU B 675 -18.34 -38.30 -0.08
CA GLU B 675 -17.95 -39.66 -0.45
C GLU B 675 -18.09 -40.64 0.70
N THR B 676 -17.82 -40.18 1.93
CA THR B 676 -18.01 -41.03 3.10
C THR B 676 -19.50 -41.23 3.34
N VAL B 677 -20.27 -40.21 3.00
CA VAL B 677 -21.72 -40.26 3.15
C VAL B 677 -22.30 -41.37 2.26
N VAL B 678 -21.89 -41.40 1.00
CA VAL B 678 -22.44 -42.38 0.06
C VAL B 678 -21.83 -43.76 0.26
N GLY B 679 -20.79 -43.84 1.08
CA GLY B 679 -20.16 -45.10 1.41
C GLY B 679 -19.01 -45.53 0.52
N ARG B 680 -18.14 -44.60 0.15
CA ARG B 680 -16.92 -44.93 -0.59
C ARG B 680 -15.68 -44.35 0.10
N GLY B 681 -15.31 -44.96 1.21
CA GLY B 681 -14.21 -44.51 2.05
C GLY B 681 -12.86 -44.41 1.36
N GLY B 682 -12.53 -45.39 0.52
CA GLY B 682 -11.26 -45.37 -0.17
C GLY B 682 -11.13 -44.15 -1.07
N ARG B 683 -12.19 -43.87 -1.82
CA ARG B 683 -12.23 -42.70 -2.71
C ARG B 683 -12.18 -41.41 -1.90
N ALA B 684 -12.74 -41.45 -0.70
CA ALA B 684 -12.72 -40.31 0.21
C ALA B 684 -11.32 -40.08 0.77
N PHE B 685 -10.60 -41.15 1.07
CA PHE B 685 -9.26 -41.03 1.63
C PHE B 685 -8.28 -40.71 0.53
N ASP B 686 -8.58 -41.18 -0.67
CA ASP B 686 -7.74 -40.88 -1.81
C ASP B 686 -7.72 -39.37 -2.01
N TYR B 687 -8.89 -38.78 -2.19
CA TYR B 687 -9.04 -37.35 -2.39
C TYR B 687 -8.38 -36.54 -1.30
N TYR B 688 -8.58 -36.97 -0.05
CA TYR B 688 -8.02 -36.27 1.09
C TYR B 688 -6.50 -36.29 1.01
N LYS B 689 -5.92 -37.44 0.67
CA LYS B 689 -4.46 -37.55 0.53
C LYS B 689 -3.88 -36.63 -0.55
N ARG B 690 -4.64 -36.39 -1.63
CA ARG B 690 -4.13 -35.62 -2.78
C ARG B 690 -3.83 -34.16 -2.43
N ILE B 691 -4.49 -33.63 -1.40
CA ILE B 691 -4.32 -32.23 -1.02
C ILE B 691 -3.76 -31.99 0.39
N THR B 692 -3.29 -33.05 1.06
CA THR B 692 -2.88 -32.93 2.47
C THR B 692 -1.35 -32.81 2.62
N PRO B 693 -0.90 -31.80 3.38
CA PRO B 693 0.54 -31.46 3.50
C PRO B 693 1.47 -32.66 3.70
N ALA B 694 1.18 -33.54 4.64
CA ALA B 694 2.06 -34.68 4.89
C ALA B 694 2.27 -35.50 3.63
N TYR B 695 1.22 -35.64 2.82
CA TYR B 695 1.29 -36.50 1.65
C TYR B 695 1.85 -35.79 0.43
N ARG B 696 2.05 -34.48 0.54
CA ARG B 696 2.61 -33.70 -0.55
C ARG B 696 4.06 -33.29 -0.28
N GLU B 697 4.61 -33.73 0.84
CA GLU B 697 5.97 -33.34 1.24
C GLU B 697 7.00 -33.79 0.21
N ASP B 698 6.71 -34.91 -0.42
CA ASP B 698 7.58 -35.53 -1.41
C ASP B 698 7.69 -34.69 -2.66
N ILE B 699 6.60 -34.01 -2.99
CA ILE B 699 6.55 -33.21 -4.19
C ILE B 699 6.59 -31.74 -3.82
N SER B 700 7.48 -31.41 -2.89
CA SER B 700 7.64 -30.04 -2.42
C SER B 700 8.07 -29.05 -3.50
N ASP B 701 8.92 -29.49 -4.43
CA ASP B 701 9.37 -28.63 -5.50
C ASP B 701 8.23 -28.24 -6.44
N VAL B 702 7.21 -29.09 -6.51
CA VAL B 702 5.98 -28.71 -7.20
C VAL B 702 5.10 -27.83 -6.31
N HIS B 703 4.85 -28.28 -5.09
CA HIS B 703 3.97 -27.52 -4.20
C HIS B 703 4.50 -26.11 -3.97
N ARG B 704 5.78 -26.00 -3.67
CA ARG B 704 6.45 -24.71 -3.42
C ARG B 704 6.24 -24.21 -2.00
N LEU B 705 4.98 -24.18 -1.57
CA LEU B 705 4.62 -23.67 -0.26
C LEU B 705 4.89 -24.70 0.84
N GLU B 706 4.71 -24.28 2.09
CA GLU B 706 4.93 -25.11 3.27
C GLU B 706 4.31 -26.51 3.15
N PRO B 707 5.13 -27.56 3.35
CA PRO B 707 4.65 -28.93 3.34
C PRO B 707 3.95 -29.33 4.65
N TYR B 708 3.81 -28.41 5.60
CA TYR B 708 3.19 -28.76 6.88
C TYR B 708 1.80 -28.16 7.08
N VAL B 709 1.40 -27.24 6.22
CA VAL B 709 0.09 -26.63 6.36
C VAL B 709 -0.63 -26.56 5.01
N TYR B 710 -1.95 -26.48 5.09
CA TYR B 710 -2.81 -26.38 3.92
C TYR B 710 -2.68 -25.00 3.27
N ALA B 711 -2.80 -24.97 1.95
CA ALA B 711 -2.84 -23.69 1.25
C ALA B 711 -4.21 -23.56 0.61
N GLN B 712 -4.60 -22.34 0.29
CA GLN B 712 -5.94 -22.10 -0.21
C GLN B 712 -6.16 -22.63 -1.61
N MET B 713 -5.10 -22.59 -2.41
CA MET B 713 -5.22 -22.65 -3.86
C MET B 713 -4.06 -23.42 -4.48
N ILE B 714 -4.36 -24.50 -5.18
CA ILE B 714 -3.34 -25.21 -5.93
C ILE B 714 -3.75 -25.13 -7.39
N ALA B 715 -2.84 -24.69 -8.24
CA ALA B 715 -3.13 -24.50 -9.66
C ALA B 715 -3.71 -25.77 -10.26
N GLY B 716 -4.82 -25.63 -10.98
CA GLY B 716 -5.54 -26.77 -11.53
C GLY B 716 -4.92 -27.30 -12.81
N LYS B 717 -5.66 -28.17 -13.49
CA LYS B 717 -5.09 -28.89 -14.63
C LYS B 717 -4.89 -28.04 -15.88
N GLU B 718 -5.52 -26.87 -15.95
CA GLU B 718 -5.42 -26.06 -17.17
C GLU B 718 -4.42 -24.92 -17.03
N ALA B 719 -3.75 -24.88 -15.87
CA ALA B 719 -2.61 -23.98 -15.66
C ALA B 719 -1.32 -24.73 -15.92
N VAL B 720 -0.37 -24.09 -16.60
CA VAL B 720 0.95 -24.69 -16.87
C VAL B 720 1.66 -25.03 -15.56
N ARG B 721 1.29 -24.27 -14.54
CA ARG B 721 1.85 -24.40 -13.20
C ARG B 721 1.04 -25.33 -12.32
N HIS B 722 0.43 -26.33 -12.93
CA HIS B 722 -0.46 -27.22 -12.20
C HIS B 722 0.33 -27.98 -11.14
N GLY B 723 -0.21 -28.05 -9.93
CA GLY B 723 0.49 -28.61 -8.79
C GLY B 723 1.04 -27.52 -7.88
N GLU B 724 1.18 -26.31 -8.41
CA GLU B 724 1.73 -25.21 -7.61
C GLU B 724 0.69 -24.54 -6.76
N ALA B 725 1.07 -24.23 -5.52
CA ALA B 725 0.16 -23.67 -4.56
C ALA B 725 0.38 -22.18 -4.39
N LYS B 726 -0.63 -21.49 -3.88
CA LYS B 726 -0.48 -20.13 -3.40
C LYS B 726 -1.32 -19.97 -2.14
N ASN B 727 -1.17 -18.83 -1.46
CA ASN B 727 -2.01 -18.44 -0.32
C ASN B 727 -2.07 -19.44 0.83
N SER B 728 -0.90 -19.77 1.39
CA SER B 728 -0.82 -20.81 2.42
C SER B 728 -1.29 -20.33 3.79
N TRP B 729 -1.54 -21.29 4.68
CA TRP B 729 -1.82 -21.02 6.09
C TRP B 729 -3.23 -20.56 6.43
N LEU B 730 -3.57 -19.34 6.06
CA LEU B 730 -4.85 -18.78 6.47
C LEU B 730 -5.93 -19.21 5.49
N THR B 731 -6.69 -20.24 5.84
CA THR B 731 -7.73 -20.71 4.95
C THR B 731 -8.70 -21.66 5.65
N GLY B 732 -9.92 -21.75 5.11
CA GLY B 732 -10.95 -22.59 5.69
C GLY B 732 -10.70 -24.04 5.36
N THR B 733 -9.71 -24.27 4.51
CA THR B 733 -9.25 -25.61 4.19
C THR B 733 -8.80 -26.35 5.44
N ALA B 734 -8.28 -25.62 6.42
CA ALA B 734 -7.82 -26.25 7.65
C ALA B 734 -9.02 -26.78 8.43
N ALA B 735 -9.91 -25.88 8.84
CA ALA B 735 -11.09 -26.30 9.58
C ALA B 735 -11.76 -27.46 8.87
N TRP B 736 -12.08 -27.29 7.59
CA TRP B 736 -12.87 -28.29 6.90
C TRP B 736 -12.12 -29.61 6.71
N ASN B 737 -10.80 -29.57 6.58
CA ASN B 737 -10.05 -30.82 6.47
C ASN B 737 -9.97 -31.52 7.81
N PHE B 738 -9.92 -30.75 8.89
CA PHE B 738 -9.86 -31.39 10.20
C PHE B 738 -11.19 -32.06 10.42
N VAL B 739 -12.26 -31.30 10.26
CA VAL B 739 -13.57 -31.87 10.38
C VAL B 739 -13.76 -33.09 9.47
N THR B 740 -13.04 -33.14 8.36
CA THR B 740 -13.20 -34.26 7.45
C THR B 740 -12.47 -35.51 7.95
N VAL B 741 -11.23 -35.35 8.38
CA VAL B 741 -10.43 -36.51 8.80
C VAL B 741 -10.82 -36.98 10.19
N SER B 742 -11.25 -36.05 11.03
CA SER B 742 -11.57 -36.34 12.42
C SER B 742 -12.98 -36.89 12.57
N GLN B 743 -13.91 -36.38 11.77
CA GLN B 743 -15.31 -36.71 11.99
C GLN B 743 -15.90 -37.65 10.94
N TYR B 744 -15.24 -37.78 9.80
CA TYR B 744 -15.86 -38.52 8.69
C TYR B 744 -15.04 -39.68 8.13
N LEU B 745 -13.72 -39.51 8.04
CA LEU B 745 -12.85 -40.59 7.63
C LEU B 745 -12.59 -41.48 8.84
N LEU B 746 -12.01 -40.90 9.88
CA LEU B 746 -11.83 -41.60 11.14
C LEU B 746 -13.20 -41.91 11.76
N GLY B 747 -14.15 -40.98 11.65
CA GLY B 747 -15.54 -41.27 11.98
C GLY B 747 -16.01 -40.88 13.37
N VAL B 748 -15.25 -40.04 14.06
CA VAL B 748 -15.57 -39.69 15.44
C VAL B 748 -16.14 -38.29 15.57
N ARG B 749 -17.47 -38.16 15.50
CA ARG B 749 -18.06 -36.83 15.50
C ARG B 749 -19.12 -36.64 16.58
N PRO B 750 -19.04 -35.50 17.28
CA PRO B 750 -20.00 -35.25 18.37
C PRO B 750 -21.40 -35.05 17.81
N GLU B 751 -22.38 -35.52 18.57
CA GLU B 751 -23.78 -35.26 18.30
C GLU B 751 -24.37 -34.70 19.58
N TYR B 752 -25.60 -34.24 19.53
CA TYR B 752 -26.24 -33.67 20.70
C TYR B 752 -26.41 -34.73 21.79
N ASP B 753 -26.92 -35.89 21.39
CA ASP B 753 -27.27 -36.95 22.33
C ASP B 753 -26.22 -38.05 22.44
N GLY B 754 -25.00 -37.77 22.02
CA GLY B 754 -23.95 -38.77 22.10
C GLY B 754 -22.91 -38.62 21.01
N LEU B 755 -21.97 -39.56 21.00
CA LEU B 755 -20.82 -39.50 20.12
C LEU B 755 -20.90 -40.58 19.03
N VAL B 756 -21.04 -40.15 17.79
CA VAL B 756 -21.09 -41.09 16.68
C VAL B 756 -19.74 -41.76 16.45
N VAL B 757 -19.75 -43.05 16.16
CA VAL B 757 -18.50 -43.73 15.80
C VAL B 757 -18.72 -44.48 14.51
N ASP B 758 -18.35 -43.83 13.42
CA ASP B 758 -18.73 -44.23 12.08
C ASP B 758 -17.59 -44.01 11.12
N PRO B 759 -16.61 -44.89 11.13
CA PRO B 759 -15.42 -44.69 10.30
C PRO B 759 -15.71 -44.96 8.83
N GLN B 760 -15.06 -44.22 7.94
CA GLN B 760 -15.22 -44.44 6.52
C GLN B 760 -13.95 -44.01 5.81
N ILE B 761 -12.91 -44.83 5.90
CA ILE B 761 -11.60 -44.40 5.46
C ILE B 761 -11.00 -45.27 4.34
N GLY B 762 -11.59 -46.43 4.08
CA GLY B 762 -11.08 -47.32 3.05
C GLY B 762 -10.01 -48.28 3.55
N PRO B 763 -9.56 -49.18 2.66
CA PRO B 763 -8.59 -50.25 2.96
C PRO B 763 -7.22 -49.78 3.44
N ASP B 764 -6.79 -48.58 3.05
CA ASP B 764 -5.42 -48.13 3.30
C ASP B 764 -5.13 -47.85 4.77
N VAL B 765 -6.16 -47.69 5.60
CA VAL B 765 -5.93 -47.60 7.04
C VAL B 765 -6.67 -48.73 7.74
N PRO B 766 -6.06 -49.92 7.78
CA PRO B 766 -6.68 -51.13 8.31
C PRO B 766 -6.94 -51.06 9.81
N SER B 767 -6.09 -50.38 10.56
CA SER B 767 -6.31 -50.28 12.00
C SER B 767 -5.85 -48.95 12.58
N PHE B 768 -6.57 -48.50 13.60
CA PHE B 768 -6.22 -47.26 14.28
C PHE B 768 -7.02 -47.11 15.56
N THR B 769 -6.46 -46.37 16.50
CA THR B 769 -7.16 -46.02 17.70
C THR B 769 -7.31 -44.51 17.77
N VAL B 770 -8.48 -44.05 18.18
CA VAL B 770 -8.68 -42.62 18.37
C VAL B 770 -8.86 -42.36 19.87
N THR B 771 -8.20 -41.32 20.35
CA THR B 771 -8.37 -40.89 21.73
C THR B 771 -9.09 -39.56 21.68
N ARG B 772 -10.30 -39.52 22.23
CA ARG B 772 -11.10 -38.31 22.19
C ARG B 772 -11.62 -37.94 23.57
N VAL B 773 -11.51 -36.67 23.93
CA VAL B 773 -12.09 -36.20 25.17
C VAL B 773 -13.33 -35.41 24.81
N ALA B 774 -14.49 -35.93 25.21
CA ALA B 774 -15.77 -35.31 24.91
C ALA B 774 -16.63 -35.29 26.17
N ARG B 775 -17.17 -34.11 26.48
CA ARG B 775 -17.98 -33.87 27.68
C ARG B 775 -17.32 -34.41 28.93
N GLY B 776 -16.07 -34.02 29.15
CA GLY B 776 -15.35 -34.38 30.34
C GLY B 776 -14.91 -35.83 30.40
N ALA B 777 -15.26 -36.62 29.39
CA ALA B 777 -14.90 -38.04 29.41
C ALA B 777 -13.93 -38.40 28.29
N THR B 778 -13.24 -39.52 28.46
CA THR B 778 -12.26 -39.97 27.47
C THR B 778 -12.73 -41.26 26.79
N TYR B 779 -12.85 -41.23 25.47
CA TYR B 779 -13.25 -42.41 24.73
C TYR B 779 -12.07 -42.98 23.99
N GLU B 780 -11.82 -44.27 24.17
CA GLU B 780 -10.76 -44.94 23.44
C GLU B 780 -11.44 -45.80 22.40
N ILE B 781 -11.14 -45.54 21.13
CA ILE B 781 -11.85 -46.18 20.04
C ILE B 781 -10.87 -46.99 19.19
N THR B 782 -11.03 -48.31 19.19
CA THR B 782 -10.12 -49.21 18.50
C THR B 782 -10.78 -49.81 17.25
N VAL B 783 -10.38 -49.31 16.09
CA VAL B 783 -11.04 -49.68 14.85
C VAL B 783 -10.29 -50.75 14.06
N THR B 784 -10.99 -51.82 13.70
CA THR B 784 -10.45 -52.79 12.76
C THR B 784 -11.24 -52.63 11.46
N ASN B 785 -10.53 -52.37 10.37
CA ASN B 785 -11.17 -51.85 9.15
C ASN B 785 -10.77 -52.58 7.87
N SER B 786 -11.76 -53.19 7.23
CA SER B 786 -11.57 -53.78 5.90
C SER B 786 -11.61 -52.65 4.88
N GLY B 787 -12.27 -51.57 5.23
CA GLY B 787 -12.34 -50.39 4.39
C GLY B 787 -13.17 -50.62 3.14
N THR B 788 -14.10 -51.58 3.22
CA THR B 788 -14.90 -51.94 2.06
C THR B 788 -16.03 -50.93 1.84
N ASP B 789 -16.23 -50.56 0.58
CA ASP B 789 -17.34 -49.68 0.22
C ASP B 789 -18.63 -50.16 0.86
N GLY B 790 -19.30 -49.29 1.60
CA GLY B 790 -20.62 -49.59 2.10
C GLY B 790 -20.62 -50.40 3.37
N SER B 791 -19.45 -50.51 3.99
CA SER B 791 -19.32 -51.20 5.25
C SER B 791 -19.27 -50.16 6.33
N ARG B 792 -20.17 -50.28 7.29
CA ARG B 792 -20.16 -49.36 8.41
C ARG B 792 -19.92 -50.13 9.69
N GLY B 793 -19.34 -49.44 10.67
CA GLY B 793 -18.79 -50.09 11.83
C GLY B 793 -19.82 -50.56 12.84
N ARG B 794 -19.53 -51.71 13.43
CA ARG B 794 -20.29 -52.23 14.56
C ARG B 794 -19.54 -51.87 15.84
N LEU B 795 -20.22 -51.18 16.74
CA LEU B 795 -19.62 -50.79 18.01
C LEU B 795 -19.78 -51.89 19.06
N VAL B 796 -18.70 -52.17 19.78
CA VAL B 796 -18.77 -52.91 21.03
C VAL B 796 -18.40 -51.91 22.11
N VAL B 797 -19.27 -51.69 23.10
CA VAL B 797 -18.99 -50.66 24.09
C VAL B 797 -18.66 -51.22 25.47
N ASP B 798 -17.41 -51.02 25.88
CA ASP B 798 -16.96 -51.44 27.19
C ASP B 798 -17.16 -52.94 27.34
N GLY B 799 -16.95 -53.67 26.25
CA GLY B 799 -17.00 -55.12 26.31
C GLY B 799 -18.35 -55.67 25.91
N THR B 800 -19.31 -54.80 25.69
CA THR B 800 -20.65 -55.25 25.38
C THR B 800 -21.08 -54.78 24.01
N PRO B 801 -21.41 -55.75 23.16
CA PRO B 801 -21.85 -55.40 21.82
C PRO B 801 -23.16 -54.61 21.84
N VAL B 802 -23.20 -53.52 21.06
CA VAL B 802 -24.34 -52.61 20.98
C VAL B 802 -24.85 -52.47 19.54
N GLU B 803 -25.96 -51.75 19.38
CA GLU B 803 -26.59 -51.57 18.08
C GLU B 803 -26.57 -50.11 17.64
N GLY B 804 -26.34 -49.89 16.34
CA GLY B 804 -26.27 -48.54 15.80
C GLY B 804 -24.88 -47.97 15.98
N ASN B 805 -24.70 -46.71 15.59
CA ASN B 805 -23.38 -46.11 15.59
C ASN B 805 -23.19 -45.04 16.65
N LEU B 806 -24.18 -44.84 17.50
CA LEU B 806 -24.08 -43.80 18.53
C LEU B 806 -23.70 -44.36 19.89
N VAL B 807 -22.69 -43.73 20.51
CA VAL B 807 -22.29 -44.07 21.86
C VAL B 807 -22.80 -43.00 22.82
N PRO B 808 -23.50 -43.43 23.88
CA PRO B 808 -24.04 -42.53 24.91
C PRO B 808 -22.96 -41.77 25.66
N TYR B 809 -23.13 -40.47 25.83
CA TYR B 809 -22.16 -39.66 26.55
C TYR B 809 -22.07 -40.07 28.02
N ALA B 810 -20.93 -40.65 28.36
CA ALA B 810 -20.62 -40.99 29.74
C ALA B 810 -20.28 -39.73 30.54
N PRO B 811 -20.40 -39.82 31.87
CA PRO B 811 -20.11 -38.71 32.79
C PRO B 811 -18.67 -38.23 32.71
N ALA B 812 -18.43 -37.04 33.25
CA ALA B 812 -17.09 -36.46 33.27
C ALA B 812 -16.14 -37.30 34.12
N GLY B 813 -14.91 -37.46 33.63
CA GLY B 813 -13.88 -38.18 34.34
C GLY B 813 -13.89 -39.67 34.05
N SER B 814 -14.77 -40.08 33.15
CA SER B 814 -14.93 -41.50 32.82
C SER B 814 -14.00 -41.92 31.68
N THR B 815 -13.69 -43.21 31.62
CA THR B 815 -13.00 -43.81 30.48
C THR B 815 -13.90 -44.87 29.87
N VAL B 816 -14.25 -44.66 28.61
CA VAL B 816 -15.07 -45.59 27.85
C VAL B 816 -14.22 -46.21 26.77
N ARG B 817 -14.37 -47.52 26.56
CA ARG B 817 -13.65 -48.16 25.47
C ARG B 817 -14.63 -48.64 24.42
N VAL B 818 -14.38 -48.24 23.18
CA VAL B 818 -15.28 -48.53 22.08
C VAL B 818 -14.55 -49.32 21.02
N ASP B 819 -14.98 -50.56 20.80
CA ASP B 819 -14.39 -51.39 19.77
C ASP B 819 -15.23 -51.32 18.50
N VAL B 820 -14.61 -50.99 17.39
CA VAL B 820 -15.36 -50.91 16.14
C VAL B 820 -14.83 -51.93 15.15
N THR B 821 -15.73 -52.51 14.37
CA THR B 821 -15.34 -53.47 13.37
C THR B 821 -15.97 -53.11 12.03
N LEU B 822 -15.12 -52.99 11.01
CA LEU B 822 -15.60 -52.66 9.66
C LEU B 822 -15.06 -53.62 8.68
C1 GLC C . 0.65 20.84 1.38
C2 GLC C . -0.74 20.79 0.74
C3 GLC C . -1.36 22.17 0.72
C4 GLC C . -1.29 22.85 2.08
C5 GLC C . 0.14 22.76 2.64
C6 GLC C . 0.24 23.32 4.04
O1 GLC C . 1.16 19.52 1.47
O2 GLC C . -0.65 20.35 -0.59
O3 GLC C . -2.67 22.02 0.25
O4 GLC C . -1.69 24.20 1.96
O5 GLC C . 0.56 21.43 2.66
O6 GLC C . -0.05 22.30 4.96
C1 GLC D . -0.37 16.01 6.43
C2 GLC D . 0.81 16.93 6.15
C3 GLC D . 0.37 18.08 5.26
C4 GLC D . -0.36 17.59 4.02
C5 GLC D . -1.43 16.57 4.40
C6 GLC D . -2.05 15.91 3.19
O1 GLC D . 0.04 14.91 7.21
O2 GLC D . 1.31 17.44 7.37
O3 GLC D . 1.49 18.83 4.82
O4 GLC D . -0.94 18.70 3.39
O5 GLC D . -0.88 15.55 5.21
O6 GLC D . -3.28 15.32 3.60
C1 GLC E . -12.25 -16.92 0.22
C2 GLC E . -13.36 -16.22 0.99
C3 GLC E . -14.43 -17.24 1.26
C4 GLC E . -14.95 -17.84 -0.02
C5 GLC E . -13.81 -18.32 -0.91
C6 GLC E . -14.30 -18.59 -2.30
O1 GLC E . -11.17 -16.04 0.00
O2 GLC E . -12.97 -15.78 2.27
O3 GLC E . -15.40 -16.51 1.96
O4 GLC E . -15.75 -18.93 0.34
O5 GLC E . -12.80 -17.34 -1.02
O6 GLC E . -14.14 -17.38 -2.99
C1 GLC F . -11.19 -12.26 -4.81
C2 GLC F . -10.68 -13.69 -4.70
C3 GLC F . -11.43 -14.43 -3.59
C4 GLC F . -11.46 -13.62 -2.30
C5 GLC F . -11.84 -12.17 -2.57
C6 GLC F . -11.73 -11.31 -1.32
O1 GLC F . -10.45 -11.57 -5.80
O2 GLC F . -10.85 -14.36 -5.93
O3 GLC F . -10.80 -15.67 -3.37
O4 GLC F . -12.39 -14.19 -1.41
O5 GLC F . -11.00 -11.64 -3.56
O6 GLC F . -12.17 -9.99 -1.62
#